data_6R1P
# 
_entry.id   6R1P 
# 
_audit_conform.dict_name       mmcif_pdbx.dic 
_audit_conform.dict_version    5.383 
_audit_conform.dict_location   http://mmcif.pdb.org/dictionaries/ascii/mmcif_pdbx.dic 
# 
loop_
_database_2.database_id 
_database_2.database_code 
_database_2.pdbx_database_accession 
_database_2.pdbx_DOI 
PDB   6R1P         pdb_00006r1p 10.2210/pdb6r1p/pdb 
WWPDB D_1292101279 ?            ?                   
# 
loop_
_pdbx_audit_revision_history.ordinal 
_pdbx_audit_revision_history.data_content_type 
_pdbx_audit_revision_history.major_revision 
_pdbx_audit_revision_history.minor_revision 
_pdbx_audit_revision_history.revision_date 
1 'Structure model' 1 0 2020-02-19 
2 'Structure model' 1 1 2024-01-24 
# 
_pdbx_audit_revision_details.ordinal             1 
_pdbx_audit_revision_details.revision_ordinal    1 
_pdbx_audit_revision_details.data_content_type   'Structure model' 
_pdbx_audit_revision_details.provider            repository 
_pdbx_audit_revision_details.type                'Initial release' 
_pdbx_audit_revision_details.description         ? 
_pdbx_audit_revision_details.details             ? 
# 
loop_
_pdbx_audit_revision_group.ordinal 
_pdbx_audit_revision_group.revision_ordinal 
_pdbx_audit_revision_group.data_content_type 
_pdbx_audit_revision_group.group 
1 2 'Structure model' 'Data collection'        
2 2 'Structure model' 'Database references'    
3 2 'Structure model' 'Refinement description' 
# 
loop_
_pdbx_audit_revision_category.ordinal 
_pdbx_audit_revision_category.revision_ordinal 
_pdbx_audit_revision_category.data_content_type 
_pdbx_audit_revision_category.category 
1 2 'Structure model' chem_comp_atom                
2 2 'Structure model' chem_comp_bond                
3 2 'Structure model' database_2                    
4 2 'Structure model' pdbx_initial_refinement_model 
# 
loop_
_pdbx_audit_revision_item.ordinal 
_pdbx_audit_revision_item.revision_ordinal 
_pdbx_audit_revision_item.data_content_type 
_pdbx_audit_revision_item.item 
1 2 'Structure model' '_database_2.pdbx_DOI'                
2 2 'Structure model' '_database_2.pdbx_database_accession' 
# 
_pdbx_database_status.status_code                     REL 
_pdbx_database_status.status_code_sf                  REL 
_pdbx_database_status.status_code_mr                  ? 
_pdbx_database_status.entry_id                        6R1P 
_pdbx_database_status.recvd_initial_deposition_date   2019-03-14 
_pdbx_database_status.SG_entry                        N 
_pdbx_database_status.deposit_site                    PDBE 
_pdbx_database_status.process_site                    PDBE 
_pdbx_database_status.status_code_cs                  ? 
_pdbx_database_status.methods_development_category    ? 
_pdbx_database_status.pdb_format_compatible           Y 
_pdbx_database_status.status_code_nmr_data            ? 
# 
loop_
_audit_author.name 
_audit_author.pdbx_ordinal 
_audit_author.identifier_ORCID 
'Pohl, E.'  1 0000-0002-9949-4471 
'Tatum, N.' 2 ?                   
# 
loop_
_citation.abstract 
_citation.abstract_id_CAS 
_citation.book_id_ISBN 
_citation.book_publisher 
_citation.book_publisher_city 
_citation.book_title 
_citation.coordinate_linkage 
_citation.country 
_citation.database_id_Medline 
_citation.details 
_citation.id 
_citation.journal_abbrev 
_citation.journal_id_ASTM 
_citation.journal_id_CSD 
_citation.journal_id_ISSN 
_citation.journal_full 
_citation.journal_issue 
_citation.journal_volume 
_citation.language 
_citation.page_first 
_citation.page_last 
_citation.title 
_citation.year 
_citation.database_id_CSD 
_citation.pdbx_database_id_DOI 
_citation.pdbx_database_id_PubMed 
_citation.unpublished_flag 
? ? ? ? ? ? ? US ? ? primary 'J Phys Chem Lett' ? ? 1948-7185 ? ? 10 ? 2244  2249  
'Relative Binding Energies Predict Crystallographic Binding Modes of Ethionamide Booster Lead Compounds.' 2019 ? 
10.1021/acs.jpclett.9b00741 30965004 ? 
? ? ? ? ? ? ? UK ? ? 1       Org.Biomol.Chem.   ? ? 1477-0539 ? ? 15 ? 10245 10255 
'New active leads for tuberculosis booster drugs by structure-based drug discovery.'                      2017 ? 
10.1039/c7ob00910k          29182187 ? 
# 
loop_
_citation_author.citation_id 
_citation_author.name 
_citation_author.ordinal 
_citation_author.identifier_ORCID 
primary 'Tatum, N.J.'        1  ?                   
primary 'Duarte, F.'         2  0000-0002-6062-8209 
primary 'Kamerlin, S.C.L.'   3  0000-0002-3190-1173 
primary 'Pohl, E.'           4  0000-0002-9949-4471 
1       'Tatum, N.J.'        5  ?                   
1       'Liebeschuetz, J.W.' 6  ?                   
1       'Cole, J.C.'         7  ?                   
1       'Frita, R.'          8  ?                   
1       'Herledan, A.'       9  ?                   
1       'Baulard, A.R.'      10 ?                   
1       'Willand, N.'        11 ?                   
1       'Pohl, E.'           12 ?                   
# 
loop_
_entity.id 
_entity.type 
_entity.src_method 
_entity.pdbx_description 
_entity.formula_weight 
_entity.pdbx_number_of_molecules 
_entity.pdbx_ec 
_entity.pdbx_mutation 
_entity.pdbx_fragment 
_entity.details 
1 polymer     man 'HTH-type transcriptional regulator EthR'                                                             23781.705 
1  ? ? ? ? 
2 non-polymer syn '2-[2-[4-(2,3-dihydro-1,4-benzodioxin-6-yl)-1,2,3-triazol-1-yl]ethyl]-6-methyl-1~{H}-pyrimidin-4-one' 339.349   
1  ? ? ? ? 
3 water       nat water                                                                                                 18.015    
80 ? ? ? ? 
# 
_entity_poly.entity_id                      1 
_entity_poly.type                           'polypeptide(L)' 
_entity_poly.nstd_linkage                   no 
_entity_poly.nstd_monomer                   no 
_entity_poly.pdbx_seq_one_letter_code       
;MTTSAASQASLPRGRRTARPSGDDRELAILATAENLLEDRPLADISVDDLAKGAGISRPTFYFYFPSKEAVLLTLLDRVV
NQADMALQTLAENPADTDRENMWRTGINVFFETFGSHKAVTRAGQAARATSVEVAELWSTFMQKWIAYTAAVIDAERDRG
AAPRTLPAHELATALNLMNERTLFASFAGEQPSVPEARVLDTLVHIWVTSIYGENR
;
_entity_poly.pdbx_seq_one_letter_code_can   
;MTTSAASQASLPRGRRTARPSGDDRELAILATAENLLEDRPLADISVDDLAKGAGISRPTFYFYFPSKEAVLLTLLDRVV
NQADMALQTLAENPADTDRENMWRTGINVFFETFGSHKAVTRAGQAARATSVEVAELWSTFMQKWIAYTAAVIDAERDRG
AAPRTLPAHELATALNLMNERTLFASFAGEQPSVPEARVLDTLVHIWVTSIYGENR
;
_entity_poly.pdbx_strand_id                 A 
_entity_poly.pdbx_target_identifier         ? 
# 
loop_
_pdbx_entity_nonpoly.entity_id 
_pdbx_entity_nonpoly.name 
_pdbx_entity_nonpoly.comp_id 
2 '2-[2-[4-(2,3-dihydro-1,4-benzodioxin-6-yl)-1,2,3-triazol-1-yl]ethyl]-6-methyl-1~{H}-pyrimidin-4-one' JPH 
3 water                                                                                                 HOH 
# 
loop_
_entity_poly_seq.entity_id 
_entity_poly_seq.num 
_entity_poly_seq.mon_id 
_entity_poly_seq.hetero 
1 1   MET n 
1 2   THR n 
1 3   THR n 
1 4   SER n 
1 5   ALA n 
1 6   ALA n 
1 7   SER n 
1 8   GLN n 
1 9   ALA n 
1 10  SER n 
1 11  LEU n 
1 12  PRO n 
1 13  ARG n 
1 14  GLY n 
1 15  ARG n 
1 16  ARG n 
1 17  THR n 
1 18  ALA n 
1 19  ARG n 
1 20  PRO n 
1 21  SER n 
1 22  GLY n 
1 23  ASP n 
1 24  ASP n 
1 25  ARG n 
1 26  GLU n 
1 27  LEU n 
1 28  ALA n 
1 29  ILE n 
1 30  LEU n 
1 31  ALA n 
1 32  THR n 
1 33  ALA n 
1 34  GLU n 
1 35  ASN n 
1 36  LEU n 
1 37  LEU n 
1 38  GLU n 
1 39  ASP n 
1 40  ARG n 
1 41  PRO n 
1 42  LEU n 
1 43  ALA n 
1 44  ASP n 
1 45  ILE n 
1 46  SER n 
1 47  VAL n 
1 48  ASP n 
1 49  ASP n 
1 50  LEU n 
1 51  ALA n 
1 52  LYS n 
1 53  GLY n 
1 54  ALA n 
1 55  GLY n 
1 56  ILE n 
1 57  SER n 
1 58  ARG n 
1 59  PRO n 
1 60  THR n 
1 61  PHE n 
1 62  TYR n 
1 63  PHE n 
1 64  TYR n 
1 65  PHE n 
1 66  PRO n 
1 67  SER n 
1 68  LYS n 
1 69  GLU n 
1 70  ALA n 
1 71  VAL n 
1 72  LEU n 
1 73  LEU n 
1 74  THR n 
1 75  LEU n 
1 76  LEU n 
1 77  ASP n 
1 78  ARG n 
1 79  VAL n 
1 80  VAL n 
1 81  ASN n 
1 82  GLN n 
1 83  ALA n 
1 84  ASP n 
1 85  MET n 
1 86  ALA n 
1 87  LEU n 
1 88  GLN n 
1 89  THR n 
1 90  LEU n 
1 91  ALA n 
1 92  GLU n 
1 93  ASN n 
1 94  PRO n 
1 95  ALA n 
1 96  ASP n 
1 97  THR n 
1 98  ASP n 
1 99  ARG n 
1 100 GLU n 
1 101 ASN n 
1 102 MET n 
1 103 TRP n 
1 104 ARG n 
1 105 THR n 
1 106 GLY n 
1 107 ILE n 
1 108 ASN n 
1 109 VAL n 
1 110 PHE n 
1 111 PHE n 
1 112 GLU n 
1 113 THR n 
1 114 PHE n 
1 115 GLY n 
1 116 SER n 
1 117 HIS n 
1 118 LYS n 
1 119 ALA n 
1 120 VAL n 
1 121 THR n 
1 122 ARG n 
1 123 ALA n 
1 124 GLY n 
1 125 GLN n 
1 126 ALA n 
1 127 ALA n 
1 128 ARG n 
1 129 ALA n 
1 130 THR n 
1 131 SER n 
1 132 VAL n 
1 133 GLU n 
1 134 VAL n 
1 135 ALA n 
1 136 GLU n 
1 137 LEU n 
1 138 TRP n 
1 139 SER n 
1 140 THR n 
1 141 PHE n 
1 142 MET n 
1 143 GLN n 
1 144 LYS n 
1 145 TRP n 
1 146 ILE n 
1 147 ALA n 
1 148 TYR n 
1 149 THR n 
1 150 ALA n 
1 151 ALA n 
1 152 VAL n 
1 153 ILE n 
1 154 ASP n 
1 155 ALA n 
1 156 GLU n 
1 157 ARG n 
1 158 ASP n 
1 159 ARG n 
1 160 GLY n 
1 161 ALA n 
1 162 ALA n 
1 163 PRO n 
1 164 ARG n 
1 165 THR n 
1 166 LEU n 
1 167 PRO n 
1 168 ALA n 
1 169 HIS n 
1 170 GLU n 
1 171 LEU n 
1 172 ALA n 
1 173 THR n 
1 174 ALA n 
1 175 LEU n 
1 176 ASN n 
1 177 LEU n 
1 178 MET n 
1 179 ASN n 
1 180 GLU n 
1 181 ARG n 
1 182 THR n 
1 183 LEU n 
1 184 PHE n 
1 185 ALA n 
1 186 SER n 
1 187 PHE n 
1 188 ALA n 
1 189 GLY n 
1 190 GLU n 
1 191 GLN n 
1 192 PRO n 
1 193 SER n 
1 194 VAL n 
1 195 PRO n 
1 196 GLU n 
1 197 ALA n 
1 198 ARG n 
1 199 VAL n 
1 200 LEU n 
1 201 ASP n 
1 202 THR n 
1 203 LEU n 
1 204 VAL n 
1 205 HIS n 
1 206 ILE n 
1 207 TRP n 
1 208 VAL n 
1 209 THR n 
1 210 SER n 
1 211 ILE n 
1 212 TYR n 
1 213 GLY n 
1 214 GLU n 
1 215 ASN n 
1 216 ARG n 
# 
_entity_src_gen.entity_id                          1 
_entity_src_gen.pdbx_src_id                        1 
_entity_src_gen.pdbx_alt_source_flag               sample 
_entity_src_gen.pdbx_seq_type                      'Biological sequence' 
_entity_src_gen.pdbx_beg_seq_num                   1 
_entity_src_gen.pdbx_end_seq_num                   216 
_entity_src_gen.gene_src_common_name               ? 
_entity_src_gen.gene_src_genus                     ? 
_entity_src_gen.pdbx_gene_src_gene                 'ethR, etaR, Rv3855' 
_entity_src_gen.gene_src_species                   ? 
_entity_src_gen.gene_src_strain                    ? 
_entity_src_gen.gene_src_tissue                    ? 
_entity_src_gen.gene_src_tissue_fraction           ? 
_entity_src_gen.gene_src_details                   ? 
_entity_src_gen.pdbx_gene_src_fragment             ? 
_entity_src_gen.pdbx_gene_src_scientific_name      'Mycobacterium tuberculosis' 
_entity_src_gen.pdbx_gene_src_ncbi_taxonomy_id     1773 
_entity_src_gen.pdbx_gene_src_variant              ? 
_entity_src_gen.pdbx_gene_src_cell_line            ? 
_entity_src_gen.pdbx_gene_src_atcc                 ? 
_entity_src_gen.pdbx_gene_src_organ                ? 
_entity_src_gen.pdbx_gene_src_organelle            ? 
_entity_src_gen.pdbx_gene_src_cell                 ? 
_entity_src_gen.pdbx_gene_src_cellular_location    ? 
_entity_src_gen.host_org_common_name               ? 
_entity_src_gen.pdbx_host_org_scientific_name      'Escherichia coli' 
_entity_src_gen.pdbx_host_org_ncbi_taxonomy_id     562 
_entity_src_gen.host_org_genus                     ? 
_entity_src_gen.pdbx_host_org_gene                 ? 
_entity_src_gen.pdbx_host_org_organ                ? 
_entity_src_gen.host_org_species                   ? 
_entity_src_gen.pdbx_host_org_tissue               ? 
_entity_src_gen.pdbx_host_org_tissue_fraction      ? 
_entity_src_gen.pdbx_host_org_strain               ? 
_entity_src_gen.pdbx_host_org_variant              ? 
_entity_src_gen.pdbx_host_org_cell_line            ? 
_entity_src_gen.pdbx_host_org_atcc                 ? 
_entity_src_gen.pdbx_host_org_culture_collection   ? 
_entity_src_gen.pdbx_host_org_cell                 ? 
_entity_src_gen.pdbx_host_org_organelle            ? 
_entity_src_gen.pdbx_host_org_cellular_location    ? 
_entity_src_gen.pdbx_host_org_vector_type          ? 
_entity_src_gen.pdbx_host_org_vector               ? 
_entity_src_gen.host_org_details                   ? 
_entity_src_gen.expression_system_id               ? 
_entity_src_gen.plasmid_name                       ? 
_entity_src_gen.plasmid_details                    ? 
_entity_src_gen.pdbx_description                   ? 
# 
loop_
_chem_comp.id 
_chem_comp.type 
_chem_comp.mon_nstd_flag 
_chem_comp.name 
_chem_comp.pdbx_synonyms 
_chem_comp.formula 
_chem_comp.formula_weight 
ALA 'L-peptide linking' y ALANINE                                                                                               ? 
'C3 H7 N O2'     89.093  
ARG 'L-peptide linking' y ARGININE                                                                                              ? 
'C6 H15 N4 O2 1' 175.209 
ASN 'L-peptide linking' y ASPARAGINE                                                                                            ? 
'C4 H8 N2 O3'    132.118 
ASP 'L-peptide linking' y 'ASPARTIC ACID'                                                                                       ? 
'C4 H7 N O4'     133.103 
GLN 'L-peptide linking' y GLUTAMINE                                                                                             ? 
'C5 H10 N2 O3'   146.144 
GLU 'L-peptide linking' y 'GLUTAMIC ACID'                                                                                       ? 
'C5 H9 N O4'     147.129 
GLY 'peptide linking'   y GLYCINE                                                                                               ? 
'C2 H5 N O2'     75.067  
HIS 'L-peptide linking' y HISTIDINE                                                                                             ? 
'C6 H10 N3 O2 1' 156.162 
HOH non-polymer         . WATER                                                                                                 ? 
'H2 O'           18.015  
ILE 'L-peptide linking' y ISOLEUCINE                                                                                            ? 
'C6 H13 N O2'    131.173 
JPH non-polymer         . '2-[2-[4-(2,3-dihydro-1,4-benzodioxin-6-yl)-1,2,3-triazol-1-yl]ethyl]-6-methyl-1~{H}-pyrimidin-4-one' ? 
'C17 H17 N5 O3'  339.349 
LEU 'L-peptide linking' y LEUCINE                                                                                               ? 
'C6 H13 N O2'    131.173 
LYS 'L-peptide linking' y LYSINE                                                                                                ? 
'C6 H15 N2 O2 1' 147.195 
MET 'L-peptide linking' y METHIONINE                                                                                            ? 
'C5 H11 N O2 S'  149.211 
PHE 'L-peptide linking' y PHENYLALANINE                                                                                         ? 
'C9 H11 N O2'    165.189 
PRO 'L-peptide linking' y PROLINE                                                                                               ? 
'C5 H9 N O2'     115.130 
SER 'L-peptide linking' y SERINE                                                                                                ? 
'C3 H7 N O3'     105.093 
THR 'L-peptide linking' y THREONINE                                                                                             ? 
'C4 H9 N O3'     119.119 
TRP 'L-peptide linking' y TRYPTOPHAN                                                                                            ? 
'C11 H12 N2 O2'  204.225 
TYR 'L-peptide linking' y TYROSINE                                                                                              ? 
'C9 H11 N O3'    181.189 
VAL 'L-peptide linking' y VALINE                                                                                                ? 
'C5 H11 N O2'    117.146 
# 
loop_
_pdbx_poly_seq_scheme.asym_id 
_pdbx_poly_seq_scheme.entity_id 
_pdbx_poly_seq_scheme.seq_id 
_pdbx_poly_seq_scheme.mon_id 
_pdbx_poly_seq_scheme.ndb_seq_num 
_pdbx_poly_seq_scheme.pdb_seq_num 
_pdbx_poly_seq_scheme.auth_seq_num 
_pdbx_poly_seq_scheme.pdb_mon_id 
_pdbx_poly_seq_scheme.auth_mon_id 
_pdbx_poly_seq_scheme.pdb_strand_id 
_pdbx_poly_seq_scheme.pdb_ins_code 
_pdbx_poly_seq_scheme.hetero 
A 1 1   MET 1   1   ?   ?   ?   A . n 
A 1 2   THR 2   2   ?   ?   ?   A . n 
A 1 3   THR 3   3   ?   ?   ?   A . n 
A 1 4   SER 4   4   ?   ?   ?   A . n 
A 1 5   ALA 5   5   ?   ?   ?   A . n 
A 1 6   ALA 6   6   ?   ?   ?   A . n 
A 1 7   SER 7   7   ?   ?   ?   A . n 
A 1 8   GLN 8   8   ?   ?   ?   A . n 
A 1 9   ALA 9   9   ?   ?   ?   A . n 
A 1 10  SER 10  10  ?   ?   ?   A . n 
A 1 11  LEU 11  11  ?   ?   ?   A . n 
A 1 12  PRO 12  12  ?   ?   ?   A . n 
A 1 13  ARG 13  13  ?   ?   ?   A . n 
A 1 14  GLY 14  14  ?   ?   ?   A . n 
A 1 15  ARG 15  15  ?   ?   ?   A . n 
A 1 16  ARG 16  16  ?   ?   ?   A . n 
A 1 17  THR 17  17  ?   ?   ?   A . n 
A 1 18  ALA 18  18  ?   ?   ?   A . n 
A 1 19  ARG 19  19  ?   ?   ?   A . n 
A 1 20  PRO 20  20  ?   ?   ?   A . n 
A 1 21  SER 21  21  ?   ?   ?   A . n 
A 1 22  GLY 22  22  ?   ?   ?   A . n 
A 1 23  ASP 23  23  23  ASP ASP A . n 
A 1 24  ASP 24  24  24  ASP ASP A . n 
A 1 25  ARG 25  25  25  ARG ARG A . n 
A 1 26  GLU 26  26  26  GLU GLU A . n 
A 1 27  LEU 27  27  27  LEU LEU A . n 
A 1 28  ALA 28  28  28  ALA ALA A . n 
A 1 29  ILE 29  29  29  ILE ILE A . n 
A 1 30  LEU 30  30  30  LEU LEU A . n 
A 1 31  ALA 31  31  31  ALA ALA A . n 
A 1 32  THR 32  32  32  THR THR A . n 
A 1 33  ALA 33  33  33  ALA ALA A . n 
A 1 34  GLU 34  34  34  GLU GLU A . n 
A 1 35  ASN 35  35  35  ASN ASN A . n 
A 1 36  LEU 36  36  36  LEU LEU A . n 
A 1 37  LEU 37  37  37  LEU LEU A . n 
A 1 38  GLU 38  38  38  GLU GLU A . n 
A 1 39  ASP 39  39  39  ASP ASP A . n 
A 1 40  ARG 40  40  40  ARG ARG A . n 
A 1 41  PRO 41  41  41  PRO PRO A . n 
A 1 42  LEU 42  42  42  LEU LEU A . n 
A 1 43  ALA 43  43  43  ALA ALA A . n 
A 1 44  ASP 44  44  44  ASP ASP A . n 
A 1 45  ILE 45  45  45  ILE ILE A . n 
A 1 46  SER 46  46  46  SER SER A . n 
A 1 47  VAL 47  47  47  VAL VAL A . n 
A 1 48  ASP 48  48  48  ASP ASP A . n 
A 1 49  ASP 49  49  49  ASP ASP A . n 
A 1 50  LEU 50  50  50  LEU LEU A . n 
A 1 51  ALA 51  51  51  ALA ALA A . n 
A 1 52  LYS 52  52  52  LYS ALA A . n 
A 1 53  GLY 53  53  53  GLY GLY A . n 
A 1 54  ALA 54  54  54  ALA ALA A . n 
A 1 55  GLY 55  55  55  GLY GLY A . n 
A 1 56  ILE 56  56  56  ILE ILE A . n 
A 1 57  SER 57  57  57  SER SER A . n 
A 1 58  ARG 58  58  58  ARG ARG A . n 
A 1 59  PRO 59  59  59  PRO PRO A . n 
A 1 60  THR 60  60  60  THR THR A . n 
A 1 61  PHE 61  61  61  PHE PHE A . n 
A 1 62  TYR 62  62  62  TYR TYR A . n 
A 1 63  PHE 63  63  63  PHE PHE A . n 
A 1 64  TYR 64  64  64  TYR TYR A . n 
A 1 65  PHE 65  65  65  PHE PHE A . n 
A 1 66  PRO 66  66  66  PRO PRO A . n 
A 1 67  SER 67  67  67  SER SER A . n 
A 1 68  LYS 68  68  68  LYS LYS A . n 
A 1 69  GLU 69  69  69  GLU GLU A . n 
A 1 70  ALA 70  70  70  ALA ALA A . n 
A 1 71  VAL 71  71  71  VAL VAL A . n 
A 1 72  LEU 72  72  72  LEU LEU A . n 
A 1 73  LEU 73  73  73  LEU LEU A . n 
A 1 74  THR 74  74  74  THR THR A . n 
A 1 75  LEU 75  75  75  LEU LEU A . n 
A 1 76  LEU 76  76  76  LEU LEU A . n 
A 1 77  ASP 77  77  77  ASP ASP A . n 
A 1 78  ARG 78  78  78  ARG ARG A . n 
A 1 79  VAL 79  79  79  VAL VAL A . n 
A 1 80  VAL 80  80  80  VAL VAL A . n 
A 1 81  ASN 81  81  81  ASN ASN A . n 
A 1 82  GLN 82  82  82  GLN GLN A . n 
A 1 83  ALA 83  83  83  ALA ALA A . n 
A 1 84  ASP 84  84  84  ASP ASP A . n 
A 1 85  MET 85  85  85  MET MET A . n 
A 1 86  ALA 86  86  86  ALA ALA A . n 
A 1 87  LEU 87  87  87  LEU LEU A . n 
A 1 88  GLN 88  88  88  GLN GLN A . n 
A 1 89  THR 89  89  89  THR THR A . n 
A 1 90  LEU 90  90  90  LEU LEU A . n 
A 1 91  ALA 91  91  91  ALA ALA A . n 
A 1 92  GLU 92  92  92  GLU GLU A . n 
A 1 93  ASN 93  93  93  ASN ASN A . n 
A 1 94  PRO 94  94  94  PRO PRO A . n 
A 1 95  ALA 95  95  95  ALA ALA A . n 
A 1 96  ASP 96  96  96  ASP ASP A . n 
A 1 97  THR 97  97  97  THR THR A . n 
A 1 98  ASP 98  98  98  ASP ASP A . n 
A 1 99  ARG 99  99  99  ARG ARG A . n 
A 1 100 GLU 100 100 100 GLU GLU A . n 
A 1 101 ASN 101 101 101 ASN ASN A . n 
A 1 102 MET 102 102 102 MET MET A . n 
A 1 103 TRP 103 103 103 TRP TRP A . n 
A 1 104 ARG 104 104 104 ARG ARG A . n 
A 1 105 THR 105 105 105 THR THR A . n 
A 1 106 GLY 106 106 106 GLY GLY A . n 
A 1 107 ILE 107 107 107 ILE ILE A . n 
A 1 108 ASN 108 108 108 ASN ASN A . n 
A 1 109 VAL 109 109 109 VAL VAL A . n 
A 1 110 PHE 110 110 110 PHE PHE A . n 
A 1 111 PHE 111 111 111 PHE PHE A . n 
A 1 112 GLU 112 112 112 GLU GLU A . n 
A 1 113 THR 113 113 113 THR THR A . n 
A 1 114 PHE 114 114 114 PHE PHE A . n 
A 1 115 GLY 115 115 115 GLY GLY A . n 
A 1 116 SER 116 116 116 SER SER A . n 
A 1 117 HIS 117 117 117 HIS HIS A . n 
A 1 118 LYS 118 118 118 LYS LYS A . n 
A 1 119 ALA 119 119 119 ALA ALA A . n 
A 1 120 VAL 120 120 120 VAL VAL A . n 
A 1 121 THR 121 121 121 THR THR A . n 
A 1 122 ARG 122 122 122 ARG ARG A . n 
A 1 123 ALA 123 123 123 ALA ALA A . n 
A 1 124 GLY 124 124 124 GLY GLY A . n 
A 1 125 GLN 125 125 125 GLN GLN A . n 
A 1 126 ALA 126 126 126 ALA ALA A . n 
A 1 127 ALA 127 127 127 ALA ALA A . n 
A 1 128 ARG 128 128 128 ARG ARG A . n 
A 1 129 ALA 129 129 129 ALA ALA A . n 
A 1 130 THR 130 130 130 THR THR A . n 
A 1 131 SER 131 131 131 SER SER A . n 
A 1 132 VAL 132 132 132 VAL VAL A . n 
A 1 133 GLU 133 133 133 GLU GLU A . n 
A 1 134 VAL 134 134 134 VAL VAL A . n 
A 1 135 ALA 135 135 135 ALA ALA A . n 
A 1 136 GLU 136 136 136 GLU GLU A . n 
A 1 137 LEU 137 137 137 LEU LEU A . n 
A 1 138 TRP 138 138 138 TRP TRP A . n 
A 1 139 SER 139 139 139 SER SER A . n 
A 1 140 THR 140 140 140 THR THR A . n 
A 1 141 PHE 141 141 141 PHE PHE A . n 
A 1 142 MET 142 142 142 MET MET A . n 
A 1 143 GLN 143 143 143 GLN GLN A . n 
A 1 144 LYS 144 144 144 LYS LYS A . n 
A 1 145 TRP 145 145 145 TRP TRP A . n 
A 1 146 ILE 146 146 146 ILE ILE A . n 
A 1 147 ALA 147 147 147 ALA ALA A . n 
A 1 148 TYR 148 148 148 TYR TYR A . n 
A 1 149 THR 149 149 149 THR THR A . n 
A 1 150 ALA 150 150 150 ALA ALA A . n 
A 1 151 ALA 151 151 151 ALA ALA A . n 
A 1 152 VAL 152 152 152 VAL VAL A . n 
A 1 153 ILE 153 153 153 ILE ILE A . n 
A 1 154 ASP 154 154 154 ASP ASP A . n 
A 1 155 ALA 155 155 155 ALA ALA A . n 
A 1 156 GLU 156 156 156 GLU GLU A . n 
A 1 157 ARG 157 157 157 ARG ARG A . n 
A 1 158 ASP 158 158 158 ASP ASP A . n 
A 1 159 ARG 159 159 159 ARG ARG A . n 
A 1 160 GLY 160 160 160 GLY GLY A . n 
A 1 161 ALA 161 161 161 ALA ALA A . n 
A 1 162 ALA 162 162 162 ALA ALA A . n 
A 1 163 PRO 163 163 163 PRO PRO A . n 
A 1 164 ARG 164 164 164 ARG ARG A . n 
A 1 165 THR 165 165 165 THR THR A . n 
A 1 166 LEU 166 166 166 LEU LEU A . n 
A 1 167 PRO 167 167 167 PRO PRO A . n 
A 1 168 ALA 168 168 168 ALA ALA A . n 
A 1 169 HIS 169 169 169 HIS HIS A . n 
A 1 170 GLU 170 170 170 GLU GLU A . n 
A 1 171 LEU 171 171 171 LEU LEU A . n 
A 1 172 ALA 172 172 172 ALA ALA A . n 
A 1 173 THR 173 173 173 THR THR A . n 
A 1 174 ALA 174 174 174 ALA ALA A . n 
A 1 175 LEU 175 175 175 LEU LEU A . n 
A 1 176 ASN 176 176 176 ASN ASN A . n 
A 1 177 LEU 177 177 177 LEU LEU A . n 
A 1 178 MET 178 178 178 MET MET A . n 
A 1 179 ASN 179 179 179 ASN ASN A . n 
A 1 180 GLU 180 180 180 GLU GLU A . n 
A 1 181 ARG 181 181 181 ARG ARG A . n 
A 1 182 THR 182 182 182 THR THR A . n 
A 1 183 LEU 183 183 183 LEU LEU A . n 
A 1 184 PHE 184 184 184 PHE PHE A . n 
A 1 185 ALA 185 185 185 ALA ALA A . n 
A 1 186 SER 186 186 186 SER SER A . n 
A 1 187 PHE 187 187 187 PHE PHE A . n 
A 1 188 ALA 188 188 188 ALA ALA A . n 
A 1 189 GLY 189 189 189 GLY GLY A . n 
A 1 190 GLU 190 190 190 GLU GLU A . n 
A 1 191 GLN 191 191 191 GLN GLN A . n 
A 1 192 PRO 192 192 192 PRO PRO A . n 
A 1 193 SER 193 193 193 SER SER A . n 
A 1 194 VAL 194 194 194 VAL VAL A . n 
A 1 195 PRO 195 195 195 PRO PRO A . n 
A 1 196 GLU 196 196 196 GLU GLU A . n 
A 1 197 ALA 197 197 197 ALA ALA A . n 
A 1 198 ARG 198 198 198 ARG ARG A . n 
A 1 199 VAL 199 199 199 VAL VAL A . n 
A 1 200 LEU 200 200 200 LEU LEU A . n 
A 1 201 ASP 201 201 201 ASP ASP A . n 
A 1 202 THR 202 202 202 THR THR A . n 
A 1 203 LEU 203 203 203 LEU LEU A . n 
A 1 204 VAL 204 204 204 VAL VAL A . n 
A 1 205 HIS 205 205 205 HIS HIS A . n 
A 1 206 ILE 206 206 206 ILE ILE A . n 
A 1 207 TRP 207 207 207 TRP TRP A . n 
A 1 208 VAL 208 208 208 VAL VAL A . n 
A 1 209 THR 209 209 209 THR THR A . n 
A 1 210 SER 210 210 210 SER SER A . n 
A 1 211 ILE 211 211 211 ILE ILE A . n 
A 1 212 TYR 212 212 212 TYR TYR A . n 
A 1 213 GLY 213 213 213 GLY GLY A . n 
A 1 214 GLU 214 214 214 GLU GLU A . n 
A 1 215 ASN 215 215 215 ASN ASN A . n 
A 1 216 ARG 216 216 ?   ?   ?   A . n 
# 
loop_
_pdbx_nonpoly_scheme.asym_id 
_pdbx_nonpoly_scheme.entity_id 
_pdbx_nonpoly_scheme.mon_id 
_pdbx_nonpoly_scheme.ndb_seq_num 
_pdbx_nonpoly_scheme.pdb_seq_num 
_pdbx_nonpoly_scheme.auth_seq_num 
_pdbx_nonpoly_scheme.pdb_mon_id 
_pdbx_nonpoly_scheme.auth_mon_id 
_pdbx_nonpoly_scheme.pdb_strand_id 
_pdbx_nonpoly_scheme.pdb_ins_code 
B 2 JPH 1  301 1  JPH LIG A . 
C 3 HOH 1  401 33 HOH HOH A . 
C 3 HOH 2  402 74 HOH HOH A . 
C 3 HOH 3  403 3  HOH HOH A . 
C 3 HOH 4  404 37 HOH HOH A . 
C 3 HOH 5  405 32 HOH HOH A . 
C 3 HOH 6  406 70 HOH HOH A . 
C 3 HOH 7  407 23 HOH HOH A . 
C 3 HOH 8  408 7  HOH HOH A . 
C 3 HOH 9  409 49 HOH HOH A . 
C 3 HOH 10 410 78 HOH HOH A . 
C 3 HOH 11 411 59 HOH HOH A . 
C 3 HOH 12 412 5  HOH HOH A . 
C 3 HOH 13 413 66 HOH HOH A . 
C 3 HOH 14 414 29 HOH HOH A . 
C 3 HOH 15 415 51 HOH HOH A . 
C 3 HOH 16 416 17 HOH HOH A . 
C 3 HOH 17 417 14 HOH HOH A . 
C 3 HOH 18 418 73 HOH HOH A . 
C 3 HOH 19 419 24 HOH HOH A . 
C 3 HOH 20 420 35 HOH HOH A . 
C 3 HOH 21 421 34 HOH HOH A . 
C 3 HOH 22 422 50 HOH HOH A . 
C 3 HOH 23 423 10 HOH HOH A . 
C 3 HOH 24 424 4  HOH HOH A . 
C 3 HOH 25 425 42 HOH HOH A . 
C 3 HOH 26 426 46 HOH HOH A . 
C 3 HOH 27 427 45 HOH HOH A . 
C 3 HOH 28 428 63 HOH HOH A . 
C 3 HOH 29 429 56 HOH HOH A . 
C 3 HOH 30 430 39 HOH HOH A . 
C 3 HOH 31 431 69 HOH HOH A . 
C 3 HOH 32 432 1  HOH HOH A . 
C 3 HOH 33 433 2  HOH HOH A . 
C 3 HOH 34 434 77 HOH HOH A . 
C 3 HOH 35 435 76 HOH HOH A . 
C 3 HOH 36 436 75 HOH HOH A . 
C 3 HOH 37 437 12 HOH HOH A . 
C 3 HOH 38 438 53 HOH HOH A . 
C 3 HOH 39 439 11 HOH HOH A . 
C 3 HOH 40 440 43 HOH HOH A . 
C 3 HOH 41 441 6  HOH HOH A . 
C 3 HOH 42 442 9  HOH HOH A . 
C 3 HOH 43 443 57 HOH HOH A . 
C 3 HOH 44 444 55 HOH HOH A . 
C 3 HOH 45 445 58 HOH HOH A . 
C 3 HOH 46 446 31 HOH HOH A . 
C 3 HOH 47 447 8  HOH HOH A . 
C 3 HOH 48 448 52 HOH HOH A . 
C 3 HOH 49 449 13 HOH HOH A . 
C 3 HOH 50 450 20 HOH HOH A . 
C 3 HOH 51 451 64 HOH HOH A . 
C 3 HOH 52 452 19 HOH HOH A . 
C 3 HOH 53 453 71 HOH HOH A . 
C 3 HOH 54 454 25 HOH HOH A . 
C 3 HOH 55 455 38 HOH HOH A . 
C 3 HOH 56 456 21 HOH HOH A . 
C 3 HOH 57 457 62 HOH HOH A . 
C 3 HOH 58 458 80 HOH HOH A . 
C 3 HOH 59 459 16 HOH HOH A . 
C 3 HOH 60 460 47 HOH HOH A . 
C 3 HOH 61 461 22 HOH HOH A . 
C 3 HOH 62 462 28 HOH HOH A . 
C 3 HOH 63 463 79 HOH HOH A . 
C 3 HOH 64 464 60 HOH HOH A . 
C 3 HOH 65 465 44 HOH HOH A . 
C 3 HOH 66 466 48 HOH HOH A . 
C 3 HOH 67 467 15 HOH HOH A . 
C 3 HOH 68 468 26 HOH HOH A . 
C 3 HOH 69 469 65 HOH HOH A . 
C 3 HOH 70 470 72 HOH HOH A . 
C 3 HOH 71 471 41 HOH HOH A . 
C 3 HOH 72 472 54 HOH HOH A . 
C 3 HOH 73 473 36 HOH HOH A . 
C 3 HOH 74 474 30 HOH HOH A . 
C 3 HOH 75 475 61 HOH HOH A . 
C 3 HOH 76 476 40 HOH HOH A . 
C 3 HOH 77 477 18 HOH HOH A . 
C 3 HOH 78 478 67 HOH HOH A . 
C 3 HOH 79 479 68 HOH HOH A . 
C 3 HOH 80 480 27 HOH HOH A . 
# 
loop_
_pdbx_unobs_or_zero_occ_atoms.id 
_pdbx_unobs_or_zero_occ_atoms.PDB_model_num 
_pdbx_unobs_or_zero_occ_atoms.polymer_flag 
_pdbx_unobs_or_zero_occ_atoms.occupancy_flag 
_pdbx_unobs_or_zero_occ_atoms.auth_asym_id 
_pdbx_unobs_or_zero_occ_atoms.auth_comp_id 
_pdbx_unobs_or_zero_occ_atoms.auth_seq_id 
_pdbx_unobs_or_zero_occ_atoms.PDB_ins_code 
_pdbx_unobs_or_zero_occ_atoms.auth_atom_id 
_pdbx_unobs_or_zero_occ_atoms.label_alt_id 
_pdbx_unobs_or_zero_occ_atoms.label_asym_id 
_pdbx_unobs_or_zero_occ_atoms.label_comp_id 
_pdbx_unobs_or_zero_occ_atoms.label_seq_id 
_pdbx_unobs_or_zero_occ_atoms.label_atom_id 
1  1 Y 1 A ASP 23 ? CG  ? A ASP 23 CG  
2  1 Y 1 A ASP 23 ? OD1 ? A ASP 23 OD1 
3  1 Y 1 A ASP 23 ? OD2 ? A ASP 23 OD2 
4  1 Y 1 A ASP 24 ? CG  ? A ASP 24 CG  
5  1 Y 1 A ASP 24 ? OD1 ? A ASP 24 OD1 
6  1 Y 1 A ASP 24 ? OD2 ? A ASP 24 OD2 
7  1 Y 1 A LYS 52 ? CG  ? A LYS 52 CG  
8  1 Y 1 A LYS 52 ? CD  ? A LYS 52 CD  
9  1 Y 1 A LYS 52 ? CE  ? A LYS 52 CE  
10 1 Y 1 A LYS 52 ? NZ  ? A LYS 52 NZ  
# 
loop_
_software.citation_id 
_software.classification 
_software.compiler_name 
_software.compiler_version 
_software.contact_author 
_software.contact_author_email 
_software.date 
_software.description 
_software.dependencies 
_software.hardware 
_software.language 
_software.location 
_software.mods 
_software.name 
_software.os 
_software.os_version 
_software.type 
_software.version 
_software.pdbx_ordinal 
? refinement       ? ? ? ? ? ? ? ? ? ? ? REFMAC ? ? ? 5.8.0238 1 
? 'data reduction' ? ? ? ? ? ? ? ? ? ? ? XDS    ? ? ? .        2 
? 'data scaling'   ? ? ? ? ? ? ? ? ? ? ? XSCALE ? ? ? .        3 
? phasing          ? ? ? ? ? ? ? ? ? ? ? PHASER ? ? ? .        4 
# 
_cell.angle_alpha                  90.00 
_cell.angle_alpha_esd              ? 
_cell.angle_beta                   90.00 
_cell.angle_beta_esd               ? 
_cell.angle_gamma                  90.00 
_cell.angle_gamma_esd              ? 
_cell.entry_id                     6R1P 
_cell.details                      ? 
_cell.formula_units_Z              ? 
_cell.length_a                     121.764 
_cell.length_a_esd                 ? 
_cell.length_b                     121.764 
_cell.length_b_esd                 ? 
_cell.length_c                     33.625 
_cell.length_c_esd                 ? 
_cell.volume                       ? 
_cell.volume_esd                   ? 
_cell.Z_PDB                        8 
_cell.reciprocal_angle_alpha       ? 
_cell.reciprocal_angle_beta        ? 
_cell.reciprocal_angle_gamma       ? 
_cell.reciprocal_angle_alpha_esd   ? 
_cell.reciprocal_angle_beta_esd    ? 
_cell.reciprocal_angle_gamma_esd   ? 
_cell.reciprocal_length_a          ? 
_cell.reciprocal_length_b          ? 
_cell.reciprocal_length_c          ? 
_cell.reciprocal_length_a_esd      ? 
_cell.reciprocal_length_b_esd      ? 
_cell.reciprocal_length_c_esd      ? 
_cell.pdbx_unique_axis             ? 
# 
_symmetry.entry_id                         6R1P 
_symmetry.cell_setting                     ? 
_symmetry.Int_Tables_number                92 
_symmetry.space_group_name_Hall            ? 
_symmetry.space_group_name_H-M             'P 41 21 2' 
_symmetry.pdbx_full_space_group_name_H-M   ? 
# 
_exptl.absorpt_coefficient_mu     ? 
_exptl.absorpt_correction_T_max   ? 
_exptl.absorpt_correction_T_min   ? 
_exptl.absorpt_correction_type    ? 
_exptl.absorpt_process_details    ? 
_exptl.entry_id                   6R1P 
_exptl.crystals_number            1 
_exptl.details                    ? 
_exptl.method                     'X-RAY DIFFRACTION' 
_exptl.method_details             ? 
# 
_exptl_crystal.colour                      ? 
_exptl_crystal.density_diffrn              ? 
_exptl_crystal.density_Matthews            2.62 
_exptl_crystal.density_method              ? 
_exptl_crystal.density_percent_sol         53.06 
_exptl_crystal.description                 ? 
_exptl_crystal.F_000                       ? 
_exptl_crystal.id                          1 
_exptl_crystal.preparation                 ? 
_exptl_crystal.size_max                    ? 
_exptl_crystal.size_mid                    ? 
_exptl_crystal.size_min                    ? 
_exptl_crystal.size_rad                    ? 
_exptl_crystal.colour_lustre               ? 
_exptl_crystal.colour_modifier             ? 
_exptl_crystal.colour_primary              ? 
_exptl_crystal.density_meas                ? 
_exptl_crystal.density_meas_esd            ? 
_exptl_crystal.density_meas_gt             ? 
_exptl_crystal.density_meas_lt             ? 
_exptl_crystal.density_meas_temp           ? 
_exptl_crystal.density_meas_temp_esd       ? 
_exptl_crystal.density_meas_temp_gt        ? 
_exptl_crystal.density_meas_temp_lt        ? 
_exptl_crystal.pdbx_crystal_image_url      ? 
_exptl_crystal.pdbx_crystal_image_format   ? 
_exptl_crystal.pdbx_mosaicity              ? 
_exptl_crystal.pdbx_mosaicity_esd          ? 
# 
_exptl_crystal_grow.apparatus       ? 
_exptl_crystal_grow.atmosphere      ? 
_exptl_crystal_grow.crystal_id      1 
_exptl_crystal_grow.details         ? 
_exptl_crystal_grow.method          'VAPOR DIFFUSION, HANGING DROP' 
_exptl_crystal_grow.method_ref      ? 
_exptl_crystal_grow.pH              ? 
_exptl_crystal_grow.pressure        ? 
_exptl_crystal_grow.pressure_esd    ? 
_exptl_crystal_grow.seeding         ? 
_exptl_crystal_grow.seeding_ref     ? 
_exptl_crystal_grow.temp            298 
_exptl_crystal_grow.temp_details    ? 
_exptl_crystal_grow.temp_esd        ? 
_exptl_crystal_grow.time            ? 
_exptl_crystal_grow.pdbx_details    '10 mM MES, 1.4-1.6M Ammonium sulphate' 
_exptl_crystal_grow.pdbx_pH_range   6-6.5 
# 
_diffrn.ambient_environment              ? 
_diffrn.ambient_temp                     100 
_diffrn.ambient_temp_details             ? 
_diffrn.ambient_temp_esd                 ? 
_diffrn.crystal_id                       1 
_diffrn.crystal_support                  ? 
_diffrn.crystal_treatment                ? 
_diffrn.details                          ? 
_diffrn.id                               1 
_diffrn.ambient_pressure                 ? 
_diffrn.ambient_pressure_esd             ? 
_diffrn.ambient_pressure_gt              ? 
_diffrn.ambient_pressure_lt              ? 
_diffrn.ambient_temp_gt                  ? 
_diffrn.ambient_temp_lt                  ? 
_diffrn.pdbx_serial_crystal_experiment   N 
# 
_diffrn_detector.details                      ? 
_diffrn_detector.detector                     PIXEL 
_diffrn_detector.diffrn_id                    1 
_diffrn_detector.type                         'DECTRIS PILATUS3 S 6M' 
_diffrn_detector.area_resol_mean              ? 
_diffrn_detector.dtime                        ? 
_diffrn_detector.pdbx_frames_total            ? 
_diffrn_detector.pdbx_collection_time_total   ? 
_diffrn_detector.pdbx_collection_date         2017-03-03 
_diffrn_detector.pdbx_frequency               ? 
# 
_diffrn_radiation.collimation                      ? 
_diffrn_radiation.diffrn_id                        1 
_diffrn_radiation.filter_edge                      ? 
_diffrn_radiation.inhomogeneity                    ? 
_diffrn_radiation.monochromator                    ? 
_diffrn_radiation.polarisn_norm                    ? 
_diffrn_radiation.polarisn_ratio                   ? 
_diffrn_radiation.probe                            ? 
_diffrn_radiation.type                             ? 
_diffrn_radiation.xray_symbol                      ? 
_diffrn_radiation.wavelength_id                    1 
_diffrn_radiation.pdbx_monochromatic_or_laue_m_l   M 
_diffrn_radiation.pdbx_wavelength_list             ? 
_diffrn_radiation.pdbx_wavelength                  ? 
_diffrn_radiation.pdbx_diffrn_protocol             'SINGLE WAVELENGTH' 
_diffrn_radiation.pdbx_analyzer                    ? 
_diffrn_radiation.pdbx_scattering_type             x-ray 
# 
_diffrn_radiation_wavelength.id           1 
_diffrn_radiation_wavelength.wavelength   0.96 
_diffrn_radiation_wavelength.wt           1.0 
# 
_diffrn_source.current                     ? 
_diffrn_source.details                     ? 
_diffrn_source.diffrn_id                   1 
_diffrn_source.power                       ? 
_diffrn_source.size                        ? 
_diffrn_source.source                      SYNCHROTRON 
_diffrn_source.target                      ? 
_diffrn_source.type                        'DIAMOND BEAMLINE I03' 
_diffrn_source.voltage                     ? 
_diffrn_source.take-off_angle              ? 
_diffrn_source.pdbx_wavelength_list        0.96 
_diffrn_source.pdbx_wavelength             ? 
_diffrn_source.pdbx_synchrotron_beamline   I03 
_diffrn_source.pdbx_synchrotron_site       Diamond 
# 
_reflns.B_iso_Wilson_estimate            ? 
_reflns.entry_id                         6R1P 
_reflns.data_reduction_details           ? 
_reflns.data_reduction_method            ? 
_reflns.d_resolution_high                1.8 
_reflns.d_resolution_low                 86 
_reflns.details                          ? 
_reflns.limit_h_max                      ? 
_reflns.limit_h_min                      ? 
_reflns.limit_k_max                      ? 
_reflns.limit_k_min                      ? 
_reflns.limit_l_max                      ? 
_reflns.limit_l_min                      ? 
_reflns.number_all                       ? 
_reflns.number_obs                       44875 
_reflns.observed_criterion               ? 
_reflns.observed_criterion_F_max         ? 
_reflns.observed_criterion_F_min         ? 
_reflns.observed_criterion_I_max         ? 
_reflns.observed_criterion_I_min         ? 
_reflns.observed_criterion_sigma_F       ? 
_reflns.observed_criterion_sigma_I       ? 
_reflns.percent_possible_obs             99.6 
_reflns.R_free_details                   ? 
_reflns.Rmerge_F_all                     ? 
_reflns.Rmerge_F_obs                     ? 
_reflns.Friedel_coverage                 ? 
_reflns.number_gt                        ? 
_reflns.threshold_expression             ? 
_reflns.pdbx_redundancy                  6.7 
_reflns.pdbx_Rmerge_I_obs                ? 
_reflns.pdbx_Rmerge_I_all                ? 
_reflns.pdbx_Rsym_value                  0.055 
_reflns.pdbx_netI_over_av_sigmaI         ? 
_reflns.pdbx_netI_over_sigmaI            21.3 
_reflns.pdbx_res_netI_over_av_sigmaI_2   ? 
_reflns.pdbx_res_netI_over_sigmaI_2      ? 
_reflns.pdbx_chi_squared                 ? 
_reflns.pdbx_scaling_rejects             ? 
_reflns.pdbx_d_res_high_opt              ? 
_reflns.pdbx_d_res_low_opt               ? 
_reflns.pdbx_d_res_opt_method            ? 
_reflns.phase_calculation_details        ? 
_reflns.pdbx_Rrim_I_all                  ? 
_reflns.pdbx_Rpim_I_all                  ? 
_reflns.pdbx_d_opt                       ? 
_reflns.pdbx_number_measured_all         ? 
_reflns.pdbx_diffrn_id                   1 
_reflns.pdbx_ordinal                     1 
_reflns.pdbx_CC_half                     ? 
_reflns.pdbx_R_split                     ? 
# 
_reflns_shell.d_res_high                  1.8 
_reflns_shell.d_res_low                   1.9 
_reflns_shell.meanI_over_sigI_all         ? 
_reflns_shell.meanI_over_sigI_obs         ? 
_reflns_shell.number_measured_all         ? 
_reflns_shell.number_measured_obs         ? 
_reflns_shell.number_possible             ? 
_reflns_shell.number_unique_all           ? 
_reflns_shell.number_unique_obs           6620 
_reflns_shell.percent_possible_all        98.1 
_reflns_shell.percent_possible_obs        ? 
_reflns_shell.Rmerge_F_all                ? 
_reflns_shell.Rmerge_F_obs                ? 
_reflns_shell.Rmerge_I_all                ? 
_reflns_shell.Rmerge_I_obs                ? 
_reflns_shell.meanI_over_sigI_gt          ? 
_reflns_shell.meanI_over_uI_all           ? 
_reflns_shell.meanI_over_uI_gt            ? 
_reflns_shell.number_measured_gt          ? 
_reflns_shell.number_unique_gt            ? 
_reflns_shell.percent_possible_gt         ? 
_reflns_shell.Rmerge_F_gt                 ? 
_reflns_shell.Rmerge_I_gt                 ? 
_reflns_shell.pdbx_redundancy             ? 
_reflns_shell.pdbx_Rsym_value             0.49 
_reflns_shell.pdbx_chi_squared            ? 
_reflns_shell.pdbx_netI_over_sigmaI_all   ? 
_reflns_shell.pdbx_netI_over_sigmaI_obs   ? 
_reflns_shell.pdbx_Rrim_I_all             ? 
_reflns_shell.pdbx_Rpim_I_all             ? 
_reflns_shell.pdbx_rejects                ? 
_reflns_shell.pdbx_ordinal                1 
_reflns_shell.pdbx_diffrn_id              1 
_reflns_shell.pdbx_CC_half                ? 
_reflns_shell.pdbx_R_split                ? 
# 
_refine.aniso_B[1][1]                            0.69 
_refine.aniso_B[1][2]                            0.00 
_refine.aniso_B[1][3]                            0.00 
_refine.aniso_B[2][2]                            0.69 
_refine.aniso_B[2][3]                            0.00 
_refine.aniso_B[3][3]                            -1.38 
_refine.B_iso_max                                ? 
_refine.B_iso_mean                               32.425 
_refine.B_iso_min                                ? 
_refine.correlation_coeff_Fo_to_Fc               0.961 
_refine.correlation_coeff_Fo_to_Fc_free          0.952 
_refine.details                                  'HYDROGENS HAVE BEEN ADDED IN THE RIDING POSITIONS' 
_refine.diff_density_max                         ? 
_refine.diff_density_max_esd                     ? 
_refine.diff_density_min                         ? 
_refine.diff_density_min_esd                     ? 
_refine.diff_density_rms                         ? 
_refine.diff_density_rms_esd                     ? 
_refine.entry_id                                 6R1P 
_refine.pdbx_refine_id                           'X-RAY DIFFRACTION' 
_refine.ls_abs_structure_details                 ? 
_refine.ls_abs_structure_Flack                   ? 
_refine.ls_abs_structure_Flack_esd               ? 
_refine.ls_abs_structure_Rogers                  ? 
_refine.ls_abs_structure_Rogers_esd              ? 
_refine.ls_d_res_high                            1.80 
_refine.ls_d_res_low                             29.55 
_refine.ls_extinction_coef                       ? 
_refine.ls_extinction_coef_esd                   ? 
_refine.ls_extinction_expression                 ? 
_refine.ls_extinction_method                     ? 
_refine.ls_goodness_of_fit_all                   ? 
_refine.ls_goodness_of_fit_all_esd               ? 
_refine.ls_goodness_of_fit_obs                   ? 
_refine.ls_goodness_of_fit_obs_esd               ? 
_refine.ls_hydrogen_treatment                    ? 
_refine.ls_matrix_type                           ? 
_refine.ls_number_constraints                    ? 
_refine.ls_number_parameters                     ? 
_refine.ls_number_reflns_all                     ? 
_refine.ls_number_reflns_obs                     22997 
_refine.ls_number_reflns_R_free                  1185 
_refine.ls_number_reflns_R_work                  ? 
_refine.ls_number_restraints                     ? 
_refine.ls_percent_reflns_obs                    99.60 
_refine.ls_percent_reflns_R_free                 4.9 
_refine.ls_R_factor_all                          ? 
_refine.ls_R_factor_obs                          0.17826 
_refine.ls_R_factor_R_free                       0.20480 
_refine.ls_R_factor_R_free_error                 ? 
_refine.ls_R_factor_R_free_error_details         ? 
_refine.ls_R_factor_R_work                       0.17693 
_refine.ls_R_Fsqd_factor_obs                     ? 
_refine.ls_R_I_factor_obs                        ? 
_refine.ls_redundancy_reflns_all                 ? 
_refine.ls_redundancy_reflns_obs                 ? 
_refine.ls_restrained_S_all                      ? 
_refine.ls_restrained_S_obs                      ? 
_refine.ls_shift_over_esd_max                    ? 
_refine.ls_shift_over_esd_mean                   ? 
_refine.ls_structure_factor_coef                 ? 
_refine.ls_weighting_details                     ? 
_refine.ls_weighting_scheme                      ? 
_refine.ls_wR_factor_all                         ? 
_refine.ls_wR_factor_obs                         ? 
_refine.ls_wR_factor_R_free                      ? 
_refine.ls_wR_factor_R_work                      ? 
_refine.occupancy_max                            ? 
_refine.occupancy_min                            ? 
_refine.solvent_model_details                    ? 
_refine.solvent_model_param_bsol                 ? 
_refine.solvent_model_param_ksol                 ? 
_refine.ls_R_factor_gt                           ? 
_refine.ls_goodness_of_fit_gt                    ? 
_refine.ls_goodness_of_fit_ref                   ? 
_refine.ls_shift_over_su_max                     ? 
_refine.ls_shift_over_su_max_lt                  ? 
_refine.ls_shift_over_su_mean                    ? 
_refine.ls_shift_over_su_mean_lt                 ? 
_refine.pdbx_ls_sigma_I                          ? 
_refine.pdbx_ls_sigma_F                          ? 
_refine.pdbx_ls_sigma_Fsqd                       ? 
_refine.pdbx_data_cutoff_high_absF               ? 
_refine.pdbx_data_cutoff_high_rms_absF           ? 
_refine.pdbx_data_cutoff_low_absF                ? 
_refine.pdbx_isotropic_thermal_model             ? 
_refine.pdbx_ls_cross_valid_method               THROUGHOUT 
_refine.pdbx_method_to_determine_struct          'MOLECULAR REPLACEMENT' 
_refine.pdbx_starting_model                      5NIM 
_refine.pdbx_stereochemistry_target_values       ? 
_refine.pdbx_R_Free_selection_details            RANDOM 
_refine.pdbx_stereochem_target_val_spec_case     ? 
_refine.pdbx_overall_ESU_R                       0.103 
_refine.pdbx_overall_ESU_R_Free                  0.101 
_refine.pdbx_solvent_vdw_probe_radii             1.20 
_refine.pdbx_solvent_ion_probe_radii             0.80 
_refine.pdbx_solvent_shrinkage_radii             0.80 
_refine.pdbx_real_space_R                        ? 
_refine.pdbx_density_correlation                 ? 
_refine.pdbx_pd_number_of_powder_patterns        ? 
_refine.pdbx_pd_number_of_points                 ? 
_refine.pdbx_pd_meas_number_of_points            ? 
_refine.pdbx_pd_proc_ls_prof_R_factor            ? 
_refine.pdbx_pd_proc_ls_prof_wR_factor           ? 
_refine.pdbx_pd_Marquardt_correlation_coeff      ? 
_refine.pdbx_pd_Fsqrd_R_factor                   ? 
_refine.pdbx_pd_ls_matrix_band_width             ? 
_refine.pdbx_overall_phase_error                 ? 
_refine.pdbx_overall_SU_R_free_Cruickshank_DPI   ? 
_refine.pdbx_overall_SU_R_free_Blow_DPI          ? 
_refine.pdbx_overall_SU_R_Blow_DPI               ? 
_refine.pdbx_TLS_residual_ADP_flag               ? 
_refine.pdbx_diffrn_id                           1 
_refine.overall_SU_B                             2.178 
_refine.overall_SU_ML                            0.068 
_refine.overall_SU_R_Cruickshank_DPI             ? 
_refine.overall_SU_R_free                        ? 
_refine.overall_FOM_free_R_set                   ? 
_refine.overall_FOM_work_R_set                   ? 
_refine.pdbx_average_fsc_overall                 ? 
_refine.pdbx_average_fsc_work                    ? 
_refine.pdbx_average_fsc_free                    ? 
# 
_refine_hist.pdbx_refine_id                   'X-RAY DIFFRACTION' 
_refine_hist.cycle_id                         1 
_refine_hist.details                          ? 
_refine_hist.d_res_high                       1.80 
_refine_hist.d_res_low                        29.55 
_refine_hist.number_atoms_solvent             80 
_refine_hist.number_atoms_total               1601 
_refine_hist.number_reflns_all                ? 
_refine_hist.number_reflns_obs                ? 
_refine_hist.number_reflns_R_free             ? 
_refine_hist.number_reflns_R_work             ? 
_refine_hist.R_factor_all                     ? 
_refine_hist.R_factor_obs                     ? 
_refine_hist.R_factor_R_free                  ? 
_refine_hist.R_factor_R_work                  ? 
_refine_hist.pdbx_number_residues_total       ? 
_refine_hist.pdbx_B_iso_mean_ligand           ? 
_refine_hist.pdbx_B_iso_mean_solvent          ? 
_refine_hist.pdbx_number_atoms_protein        1496 
_refine_hist.pdbx_number_atoms_nucleic_acid   0 
_refine_hist.pdbx_number_atoms_ligand         25 
_refine_hist.pdbx_number_atoms_lipid          ? 
_refine_hist.pdbx_number_atoms_carb           ? 
_refine_hist.pdbx_pseudo_atom_details         ? 
# 
loop_
_refine_ls_restr.pdbx_refine_id 
_refine_ls_restr.criterion 
_refine_ls_restr.dev_ideal 
_refine_ls_restr.dev_ideal_target 
_refine_ls_restr.number 
_refine_ls_restr.rejects 
_refine_ls_restr.type 
_refine_ls_restr.weight 
_refine_ls_restr.pdbx_restraint_function 
'X-RAY DIFFRACTION' ? 0.012  0.013  1632 ? r_bond_refined_d             ? ? 
'X-RAY DIFFRACTION' ? 0.003  0.017  1487 ? r_bond_other_d               ? ? 
'X-RAY DIFFRACTION' ? 1.819  1.693  2237 ? r_angle_refined_deg          ? ? 
'X-RAY DIFFRACTION' ? 1.655  1.604  3424 ? r_angle_other_deg            ? ? 
'X-RAY DIFFRACTION' ? 5.002  5.000  203  ? r_dihedral_angle_1_deg       ? ? 
'X-RAY DIFFRACTION' ? 36.173 21.444 90   ? r_dihedral_angle_2_deg       ? ? 
'X-RAY DIFFRACTION' ? 15.103 15.000 249  ? r_dihedral_angle_3_deg       ? ? 
'X-RAY DIFFRACTION' ? 13.921 15.000 14   ? r_dihedral_angle_4_deg       ? ? 
'X-RAY DIFFRACTION' ? 0.095  0.200  216  ? r_chiral_restr               ? ? 
'X-RAY DIFFRACTION' ? 0.011  0.020  1863 ? r_gen_planes_refined         ? ? 
'X-RAY DIFFRACTION' ? 0.001  0.020  373  ? r_gen_planes_other           ? ? 
'X-RAY DIFFRACTION' ? ?      ?      ?    ? r_nbd_refined                ? ? 
'X-RAY DIFFRACTION' ? ?      ?      ?    ? r_nbd_other                  ? ? 
'X-RAY DIFFRACTION' ? ?      ?      ?    ? r_nbtor_refined              ? ? 
'X-RAY DIFFRACTION' ? ?      ?      ?    ? r_nbtor_other                ? ? 
'X-RAY DIFFRACTION' ? ?      ?      ?    ? r_xyhbond_nbd_refined        ? ? 
'X-RAY DIFFRACTION' ? ?      ?      ?    ? r_xyhbond_nbd_other          ? ? 
'X-RAY DIFFRACTION' ? ?      ?      ?    ? r_metal_ion_refined          ? ? 
'X-RAY DIFFRACTION' ? ?      ?      ?    ? r_metal_ion_other            ? ? 
'X-RAY DIFFRACTION' ? ?      ?      ?    ? r_symmetry_vdw_refined       ? ? 
'X-RAY DIFFRACTION' ? ?      ?      ?    ? r_symmetry_vdw_other         ? ? 
'X-RAY DIFFRACTION' ? ?      ?      ?    ? r_symmetry_hbond_refined     ? ? 
'X-RAY DIFFRACTION' ? ?      ?      ?    ? r_symmetry_hbond_other       ? ? 
'X-RAY DIFFRACTION' ? ?      ?      ?    ? r_symmetry_metal_ion_refined ? ? 
'X-RAY DIFFRACTION' ? ?      ?      ?    ? r_symmetry_metal_ion_other   ? ? 
'X-RAY DIFFRACTION' ? 3.195  3.078  786  ? r_mcbond_it                  ? ? 
'X-RAY DIFFRACTION' ? 3.182  3.074  785  ? r_mcbond_other               ? ? 
'X-RAY DIFFRACTION' ? 4.239  4.597  985  ? r_mcangle_it                 ? ? 
'X-RAY DIFFRACTION' ? 4.240  4.602  986  ? r_mcangle_other              ? ? 
'X-RAY DIFFRACTION' ? 4.531  3.855  846  ? r_scbond_it                  ? ? 
'X-RAY DIFFRACTION' ? 4.528  3.858  847  ? r_scbond_other               ? ? 
'X-RAY DIFFRACTION' ? ?      ?      ?    ? r_scangle_it                 ? ? 
'X-RAY DIFFRACTION' ? 6.836  5.566  1246 ? r_scangle_other              ? ? 
'X-RAY DIFFRACTION' ? 9.082  37.496 1910 ? r_long_range_B_refined       ? ? 
'X-RAY DIFFRACTION' ? 9.084  37.498 1911 ? r_long_range_B_other         ? ? 
'X-RAY DIFFRACTION' ? ?      ?      ?    ? r_rigid_bond_restr           ? ? 
'X-RAY DIFFRACTION' ? ?      ?      ?    ? r_sphericity_free            ? ? 
'X-RAY DIFFRACTION' ? ?      ?      ?    ? r_sphericity_bonded          ? ? 
# 
_refine_ls_shell.pdbx_refine_id                   'X-RAY DIFFRACTION' 
_refine_ls_shell.d_res_high                       1.796 
_refine_ls_shell.d_res_low                        1.843 
_refine_ls_shell.number_reflns_all                ? 
_refine_ls_shell.number_reflns_obs                ? 
_refine_ls_shell.number_reflns_R_free             85 
_refine_ls_shell.number_reflns_R_work             1598 
_refine_ls_shell.percent_reflns_obs               95.14 
_refine_ls_shell.percent_reflns_R_free            ? 
_refine_ls_shell.R_factor_all                     ? 
_refine_ls_shell.R_factor_obs                     ? 
_refine_ls_shell.R_factor_R_free                  0.291 
_refine_ls_shell.R_factor_R_free_error            ? 
_refine_ls_shell.R_factor_R_work                  0.230 
_refine_ls_shell.redundancy_reflns_all            ? 
_refine_ls_shell.redundancy_reflns_obs            ? 
_refine_ls_shell.wR_factor_all                    ? 
_refine_ls_shell.wR_factor_obs                    ? 
_refine_ls_shell.wR_factor_R_free                 ? 
_refine_ls_shell.wR_factor_R_work                 ? 
_refine_ls_shell.pdbx_total_number_of_bins_used   20 
_refine_ls_shell.pdbx_phase_error                 ? 
_refine_ls_shell.pdbx_fsc_work                    ? 
_refine_ls_shell.pdbx_fsc_free                    ? 
# 
_struct.entry_id                     6R1P 
_struct.title                        'EthR ligand complex' 
_struct.pdbx_model_details           ? 
_struct.pdbx_formula_weight          ? 
_struct.pdbx_formula_weight_method   ? 
_struct.pdbx_model_type_details      ? 
_struct.pdbx_CASP_flag               N 
# 
_struct_keywords.entry_id        6R1P 
_struct_keywords.text            'Transcriptional regulator Tuberculosis TetR Inhibitor, DNA BINDING PROTEIN' 
_struct_keywords.pdbx_keywords   'DNA BINDING PROTEIN' 
# 
loop_
_struct_asym.id 
_struct_asym.pdbx_blank_PDB_chainid_flag 
_struct_asym.pdbx_modified 
_struct_asym.entity_id 
_struct_asym.details 
A N N 1 ? 
B N N 2 ? 
C N N 3 ? 
# 
_struct_ref.id                         1 
_struct_ref.db_name                    UNP 
_struct_ref.db_code                    ETHR_MYCTU 
_struct_ref.pdbx_db_accession          P9WMC1 
_struct_ref.pdbx_db_isoform            ? 
_struct_ref.entity_id                  1 
_struct_ref.pdbx_seq_one_letter_code   
;MTTSAASQASLPRGRRTARPSGDDRELAILATAENLLEDRPLADISVDDLAKGAGISRPTFYFYFPSKEAVLLTLLDRVV
NQADMALQTLAENPADTDRENMWRTGINVFFETFGSHKAVTRAGQAARATSVEVAELWSTFMQKWIAYTAAVIDAERDRG
AAPRTLPAHELATALNLMNERTLFASFAGEQPSVPEARVLDTLVHIWVTSIYGENR
;
_struct_ref.pdbx_align_begin           1 
# 
_struct_ref_seq.align_id                      1 
_struct_ref_seq.ref_id                        1 
_struct_ref_seq.pdbx_PDB_id_code              6R1P 
_struct_ref_seq.pdbx_strand_id                A 
_struct_ref_seq.seq_align_beg                 1 
_struct_ref_seq.pdbx_seq_align_beg_ins_code   ? 
_struct_ref_seq.seq_align_end                 216 
_struct_ref_seq.pdbx_seq_align_end_ins_code   ? 
_struct_ref_seq.pdbx_db_accession             P9WMC1 
_struct_ref_seq.db_align_beg                  1 
_struct_ref_seq.pdbx_db_align_beg_ins_code    ? 
_struct_ref_seq.db_align_end                  216 
_struct_ref_seq.pdbx_db_align_end_ins_code    ? 
_struct_ref_seq.pdbx_auth_seq_align_beg       1 
_struct_ref_seq.pdbx_auth_seq_align_end       216 
# 
_pdbx_struct_assembly.id                   1 
_pdbx_struct_assembly.details              author_and_software_defined_assembly 
_pdbx_struct_assembly.method_details       PISA 
_pdbx_struct_assembly.oligomeric_details   dimeric 
_pdbx_struct_assembly.oligomeric_count     2 
# 
loop_
_pdbx_struct_assembly_prop.biol_id 
_pdbx_struct_assembly_prop.type 
_pdbx_struct_assembly_prop.value 
_pdbx_struct_assembly_prop.details 
1 'ABSA (A^2)' 2780  ? 
1 MORE         -19   ? 
1 'SSA (A^2)'  17110 ? 
# 
_pdbx_struct_assembly_gen.assembly_id       1 
_pdbx_struct_assembly_gen.oper_expression   1,2 
_pdbx_struct_assembly_gen.asym_id_list      A,B,C 
# 
_pdbx_struct_assembly_auth_evidence.id                     1 
_pdbx_struct_assembly_auth_evidence.assembly_id            1 
_pdbx_struct_assembly_auth_evidence.experimental_support   'gel filtration' 
_pdbx_struct_assembly_auth_evidence.details                ? 
# 
loop_
_pdbx_struct_oper_list.id 
_pdbx_struct_oper_list.type 
_pdbx_struct_oper_list.name 
_pdbx_struct_oper_list.symmetry_operation 
_pdbx_struct_oper_list.matrix[1][1] 
_pdbx_struct_oper_list.matrix[1][2] 
_pdbx_struct_oper_list.matrix[1][3] 
_pdbx_struct_oper_list.vector[1] 
_pdbx_struct_oper_list.matrix[2][1] 
_pdbx_struct_oper_list.matrix[2][2] 
_pdbx_struct_oper_list.matrix[2][3] 
_pdbx_struct_oper_list.vector[2] 
_pdbx_struct_oper_list.matrix[3][1] 
_pdbx_struct_oper_list.matrix[3][2] 
_pdbx_struct_oper_list.matrix[3][3] 
_pdbx_struct_oper_list.vector[3] 
1 'identity operation'         1_555 x,y,z  1.0000000000  0.0000000000 0.0000000000  0.0000000000  0.0000000000 1.0000000000 0.0000000000  0.0000000000  0.0000000000  0.0000000000  1.0000000000  0.0000000000 
2 'crystal symmetry operation' 7_555 y,x,-z -0.9713322705 0.2326148894 -0.0490299242 24.8493937388 0.2326148894 0.8874772352 -0.3978372410 -2.1977801458 -0.0490299242 -0.3978372410 -0.9161449646 4.1023785967 
# 
loop_
_struct_conf.conf_type_id 
_struct_conf.id 
_struct_conf.pdbx_PDB_helix_id 
_struct_conf.beg_label_comp_id 
_struct_conf.beg_label_asym_id 
_struct_conf.beg_label_seq_id 
_struct_conf.pdbx_beg_PDB_ins_code 
_struct_conf.end_label_comp_id 
_struct_conf.end_label_asym_id 
_struct_conf.end_label_seq_id 
_struct_conf.pdbx_end_PDB_ins_code 
_struct_conf.beg_auth_comp_id 
_struct_conf.beg_auth_asym_id 
_struct_conf.beg_auth_seq_id 
_struct_conf.end_auth_comp_id 
_struct_conf.end_auth_asym_id 
_struct_conf.end_auth_seq_id 
_struct_conf.pdbx_PDB_helix_class 
_struct_conf.details 
_struct_conf.pdbx_PDB_helix_length 
HELX_P HELX_P1  AA1 ASP A 23  ? GLU A 38  ? ASP A 23  GLU A 38  1 ? 16 
HELX_P HELX_P2  AA2 PRO A 41  ? ILE A 45  ? PRO A 41  ILE A 45  5 ? 5  
HELX_P HELX_P3  AA3 SER A 46  ? GLY A 55  ? SER A 46  GLY A 55  1 ? 10 
HELX_P HELX_P4  AA4 SER A 57  ? PHE A 65  ? SER A 57  PHE A 65  1 ? 9  
HELX_P HELX_P5  AA5 SER A 67  ? GLU A 92  ? SER A 67  GLU A 92  1 ? 26 
HELX_P HELX_P6  AA6 ASP A 98  ? SER A 116 ? ASP A 98  SER A 116 1 ? 19 
HELX_P HELX_P7  AA7 HIS A 117 ? ARG A 128 ? HIS A 117 ARG A 128 1 ? 12 
HELX_P HELX_P8  AA8 SER A 131 ? ARG A 159 ? SER A 131 ARG A 159 1 ? 29 
HELX_P HELX_P9  AA9 PRO A 167 ? ALA A 188 ? PRO A 167 ALA A 188 1 ? 22 
HELX_P HELX_P10 AB1 PRO A 195 ? GLY A 213 ? PRO A 195 GLY A 213 1 ? 19 
# 
_struct_conf_type.id          HELX_P 
_struct_conf_type.criteria    ? 
_struct_conf_type.reference   ? 
# 
_struct_mon_prot_cis.pdbx_id                1 
_struct_mon_prot_cis.label_comp_id          GLN 
_struct_mon_prot_cis.label_seq_id           191 
_struct_mon_prot_cis.label_asym_id          A 
_struct_mon_prot_cis.label_alt_id           . 
_struct_mon_prot_cis.pdbx_PDB_ins_code      ? 
_struct_mon_prot_cis.auth_comp_id           GLN 
_struct_mon_prot_cis.auth_seq_id            191 
_struct_mon_prot_cis.auth_asym_id           A 
_struct_mon_prot_cis.pdbx_label_comp_id_2   PRO 
_struct_mon_prot_cis.pdbx_label_seq_id_2    192 
_struct_mon_prot_cis.pdbx_label_asym_id_2   A 
_struct_mon_prot_cis.pdbx_PDB_ins_code_2    ? 
_struct_mon_prot_cis.pdbx_auth_comp_id_2    PRO 
_struct_mon_prot_cis.pdbx_auth_seq_id_2     192 
_struct_mon_prot_cis.pdbx_auth_asym_id_2    A 
_struct_mon_prot_cis.pdbx_PDB_model_num     1 
_struct_mon_prot_cis.pdbx_omega_angle       4.07 
# 
_struct_site.id                   AC1 
_struct_site.pdbx_evidence_code   Software 
_struct_site.pdbx_auth_asym_id    A 
_struct_site.pdbx_auth_comp_id    JPH 
_struct_site.pdbx_auth_seq_id     301 
_struct_site.pdbx_auth_ins_code   ? 
_struct_site.pdbx_num_residues    13 
_struct_site.details              'binding site for residue JPH A 301' 
# 
loop_
_struct_site_gen.id 
_struct_site_gen.site_id 
_struct_site_gen.pdbx_num_res 
_struct_site_gen.label_comp_id 
_struct_site_gen.label_asym_id 
_struct_site_gen.label_seq_id 
_struct_site_gen.pdbx_auth_ins_code 
_struct_site_gen.auth_comp_id 
_struct_site_gen.auth_asym_id 
_struct_site_gen.auth_seq_id 
_struct_site_gen.label_atom_id 
_struct_site_gen.label_alt_id 
_struct_site_gen.symmetry 
_struct_site_gen.details 
1  AC1 13 LEU A 87  ? LEU A 87  . ? 1_555 ? 
2  AC1 13 LEU A 90  ? LEU A 90  . ? 1_555 ? 
3  AC1 13 ALA A 91  ? ALA A 91  . ? 1_555 ? 
4  AC1 13 ASN A 93  ? ASN A 93  . ? 1_555 ? 
5  AC1 13 ALA A 95  ? ALA A 95  . ? 1_555 ? 
6  AC1 13 MET A 102 ? MET A 102 . ? 1_555 ? 
7  AC1 13 TRP A 103 ? TRP A 103 . ? 1_555 ? 
8  AC1 13 GLY A 106 ? GLY A 106 . ? 1_555 ? 
9  AC1 13 PHE A 110 ? PHE A 110 . ? 1_555 ? 
10 AC1 13 TYR A 148 ? TYR A 148 . ? 1_555 ? 
11 AC1 13 THR A 149 ? THR A 149 . ? 1_555 ? 
12 AC1 13 ARG A 159 ? ARG A 159 . ? 1_555 ? 
13 AC1 13 TRP A 207 ? TRP A 207 . ? 1_555 ? 
# 
_pdbx_validate_torsion.id              1 
_pdbx_validate_torsion.PDB_model_num   1 
_pdbx_validate_torsion.auth_comp_id    THR 
_pdbx_validate_torsion.auth_asym_id    A 
_pdbx_validate_torsion.auth_seq_id     165 
_pdbx_validate_torsion.PDB_ins_code    ? 
_pdbx_validate_torsion.label_alt_id    ? 
_pdbx_validate_torsion.phi             -108.19 
_pdbx_validate_torsion.psi             -112.28 
# 
loop_
_pdbx_unobs_or_zero_occ_residues.id 
_pdbx_unobs_or_zero_occ_residues.PDB_model_num 
_pdbx_unobs_or_zero_occ_residues.polymer_flag 
_pdbx_unobs_or_zero_occ_residues.occupancy_flag 
_pdbx_unobs_or_zero_occ_residues.auth_asym_id 
_pdbx_unobs_or_zero_occ_residues.auth_comp_id 
_pdbx_unobs_or_zero_occ_residues.auth_seq_id 
_pdbx_unobs_or_zero_occ_residues.PDB_ins_code 
_pdbx_unobs_or_zero_occ_residues.label_asym_id 
_pdbx_unobs_or_zero_occ_residues.label_comp_id 
_pdbx_unobs_or_zero_occ_residues.label_seq_id 
1  1 Y 1 A MET 1   ? A MET 1   
2  1 Y 1 A THR 2   ? A THR 2   
3  1 Y 1 A THR 3   ? A THR 3   
4  1 Y 1 A SER 4   ? A SER 4   
5  1 Y 1 A ALA 5   ? A ALA 5   
6  1 Y 1 A ALA 6   ? A ALA 6   
7  1 Y 1 A SER 7   ? A SER 7   
8  1 Y 1 A GLN 8   ? A GLN 8   
9  1 Y 1 A ALA 9   ? A ALA 9   
10 1 Y 1 A SER 10  ? A SER 10  
11 1 Y 1 A LEU 11  ? A LEU 11  
12 1 Y 1 A PRO 12  ? A PRO 12  
13 1 Y 1 A ARG 13  ? A ARG 13  
14 1 Y 1 A GLY 14  ? A GLY 14  
15 1 Y 1 A ARG 15  ? A ARG 15  
16 1 Y 1 A ARG 16  ? A ARG 16  
17 1 Y 1 A THR 17  ? A THR 17  
18 1 Y 1 A ALA 18  ? A ALA 18  
19 1 Y 1 A ARG 19  ? A ARG 19  
20 1 Y 1 A PRO 20  ? A PRO 20  
21 1 Y 1 A SER 21  ? A SER 21  
22 1 Y 1 A GLY 22  ? A GLY 22  
23 1 Y 1 A ARG 216 ? A ARG 216 
# 
loop_
_chem_comp_atom.comp_id 
_chem_comp_atom.atom_id 
_chem_comp_atom.type_symbol 
_chem_comp_atom.pdbx_aromatic_flag 
_chem_comp_atom.pdbx_stereo_config 
_chem_comp_atom.pdbx_ordinal 
ALA N    N N N 1   
ALA CA   C N S 2   
ALA C    C N N 3   
ALA O    O N N 4   
ALA CB   C N N 5   
ALA OXT  O N N 6   
ALA H    H N N 7   
ALA H2   H N N 8   
ALA HA   H N N 9   
ALA HB1  H N N 10  
ALA HB2  H N N 11  
ALA HB3  H N N 12  
ALA HXT  H N N 13  
ARG N    N N N 14  
ARG CA   C N S 15  
ARG C    C N N 16  
ARG O    O N N 17  
ARG CB   C N N 18  
ARG CG   C N N 19  
ARG CD   C N N 20  
ARG NE   N N N 21  
ARG CZ   C N N 22  
ARG NH1  N N N 23  
ARG NH2  N N N 24  
ARG OXT  O N N 25  
ARG H    H N N 26  
ARG H2   H N N 27  
ARG HA   H N N 28  
ARG HB2  H N N 29  
ARG HB3  H N N 30  
ARG HG2  H N N 31  
ARG HG3  H N N 32  
ARG HD2  H N N 33  
ARG HD3  H N N 34  
ARG HE   H N N 35  
ARG HH11 H N N 36  
ARG HH12 H N N 37  
ARG HH21 H N N 38  
ARG HH22 H N N 39  
ARG HXT  H N N 40  
ASN N    N N N 41  
ASN CA   C N S 42  
ASN C    C N N 43  
ASN O    O N N 44  
ASN CB   C N N 45  
ASN CG   C N N 46  
ASN OD1  O N N 47  
ASN ND2  N N N 48  
ASN OXT  O N N 49  
ASN H    H N N 50  
ASN H2   H N N 51  
ASN HA   H N N 52  
ASN HB2  H N N 53  
ASN HB3  H N N 54  
ASN HD21 H N N 55  
ASN HD22 H N N 56  
ASN HXT  H N N 57  
ASP N    N N N 58  
ASP CA   C N S 59  
ASP C    C N N 60  
ASP O    O N N 61  
ASP CB   C N N 62  
ASP CG   C N N 63  
ASP OD1  O N N 64  
ASP OD2  O N N 65  
ASP OXT  O N N 66  
ASP H    H N N 67  
ASP H2   H N N 68  
ASP HA   H N N 69  
ASP HB2  H N N 70  
ASP HB3  H N N 71  
ASP HD2  H N N 72  
ASP HXT  H N N 73  
GLN N    N N N 74  
GLN CA   C N S 75  
GLN C    C N N 76  
GLN O    O N N 77  
GLN CB   C N N 78  
GLN CG   C N N 79  
GLN CD   C N N 80  
GLN OE1  O N N 81  
GLN NE2  N N N 82  
GLN OXT  O N N 83  
GLN H    H N N 84  
GLN H2   H N N 85  
GLN HA   H N N 86  
GLN HB2  H N N 87  
GLN HB3  H N N 88  
GLN HG2  H N N 89  
GLN HG3  H N N 90  
GLN HE21 H N N 91  
GLN HE22 H N N 92  
GLN HXT  H N N 93  
GLU N    N N N 94  
GLU CA   C N S 95  
GLU C    C N N 96  
GLU O    O N N 97  
GLU CB   C N N 98  
GLU CG   C N N 99  
GLU CD   C N N 100 
GLU OE1  O N N 101 
GLU OE2  O N N 102 
GLU OXT  O N N 103 
GLU H    H N N 104 
GLU H2   H N N 105 
GLU HA   H N N 106 
GLU HB2  H N N 107 
GLU HB3  H N N 108 
GLU HG2  H N N 109 
GLU HG3  H N N 110 
GLU HE2  H N N 111 
GLU HXT  H N N 112 
GLY N    N N N 113 
GLY CA   C N N 114 
GLY C    C N N 115 
GLY O    O N N 116 
GLY OXT  O N N 117 
GLY H    H N N 118 
GLY H2   H N N 119 
GLY HA2  H N N 120 
GLY HA3  H N N 121 
GLY HXT  H N N 122 
HIS N    N N N 123 
HIS CA   C N S 124 
HIS C    C N N 125 
HIS O    O N N 126 
HIS CB   C N N 127 
HIS CG   C Y N 128 
HIS ND1  N Y N 129 
HIS CD2  C Y N 130 
HIS CE1  C Y N 131 
HIS NE2  N Y N 132 
HIS OXT  O N N 133 
HIS H    H N N 134 
HIS H2   H N N 135 
HIS HA   H N N 136 
HIS HB2  H N N 137 
HIS HB3  H N N 138 
HIS HD1  H N N 139 
HIS HD2  H N N 140 
HIS HE1  H N N 141 
HIS HE2  H N N 142 
HIS HXT  H N N 143 
HOH O    O N N 144 
HOH H1   H N N 145 
HOH H2   H N N 146 
ILE N    N N N 147 
ILE CA   C N S 148 
ILE C    C N N 149 
ILE O    O N N 150 
ILE CB   C N S 151 
ILE CG1  C N N 152 
ILE CG2  C N N 153 
ILE CD1  C N N 154 
ILE OXT  O N N 155 
ILE H    H N N 156 
ILE H2   H N N 157 
ILE HA   H N N 158 
ILE HB   H N N 159 
ILE HG12 H N N 160 
ILE HG13 H N N 161 
ILE HG21 H N N 162 
ILE HG22 H N N 163 
ILE HG23 H N N 164 
ILE HD11 H N N 165 
ILE HD12 H N N 166 
ILE HD13 H N N 167 
ILE HXT  H N N 168 
JPH N1   N N N 169 
JPH N3   N N N 170 
JPH C4   C N N 171 
JPH C5   C N N 172 
JPH C6   C N N 173 
JPH CAU  C Y N 174 
JPH CAT  C Y N 175 
JPH OAV  O N N 176 
JPH CAW  C N N 177 
JPH CAX  C N N 178 
JPH OAY  O N N 179 
JPH CAS  C Y N 180 
JPH CAR  C Y N 181 
JPH CAQ  C Y N 182 
JPH CAP  C Y N 183 
JPH CAM  C Y N 184 
JPH CAL  C Y N 185 
JPH NAN  N Y N 186 
JPH NAO  N Y N 187 
JPH NAK  N Y N 188 
JPH CAJ  C N N 189 
JPH CAI  C N N 190 
JPH C2   C N N 191 
JPH CAA  C N N 192 
JPH O6   O N N 193 
JPH H1   H N N 194 
JPH H3   H N N 195 
JPH H4   H N N 196 
JPH H5   H N N 197 
JPH H6   H N N 198 
JPH H7   H N N 199 
JPH H8   H N N 200 
JPH H9   H N N 201 
JPH H10  H N N 202 
JPH H11  H N N 203 
JPH H12  H N N 204 
JPH H13  H N N 205 
JPH H14  H N N 206 
JPH H15  H N N 207 
JPH H16  H N N 208 
JPH H17  H N N 209 
JPH H18  H N N 210 
LEU N    N N N 211 
LEU CA   C N S 212 
LEU C    C N N 213 
LEU O    O N N 214 
LEU CB   C N N 215 
LEU CG   C N N 216 
LEU CD1  C N N 217 
LEU CD2  C N N 218 
LEU OXT  O N N 219 
LEU H    H N N 220 
LEU H2   H N N 221 
LEU HA   H N N 222 
LEU HB2  H N N 223 
LEU HB3  H N N 224 
LEU HG   H N N 225 
LEU HD11 H N N 226 
LEU HD12 H N N 227 
LEU HD13 H N N 228 
LEU HD21 H N N 229 
LEU HD22 H N N 230 
LEU HD23 H N N 231 
LEU HXT  H N N 232 
LYS N    N N N 233 
LYS CA   C N S 234 
LYS C    C N N 235 
LYS O    O N N 236 
LYS CB   C N N 237 
LYS CG   C N N 238 
LYS CD   C N N 239 
LYS CE   C N N 240 
LYS NZ   N N N 241 
LYS OXT  O N N 242 
LYS H    H N N 243 
LYS H2   H N N 244 
LYS HA   H N N 245 
LYS HB2  H N N 246 
LYS HB3  H N N 247 
LYS HG2  H N N 248 
LYS HG3  H N N 249 
LYS HD2  H N N 250 
LYS HD3  H N N 251 
LYS HE2  H N N 252 
LYS HE3  H N N 253 
LYS HZ1  H N N 254 
LYS HZ2  H N N 255 
LYS HZ3  H N N 256 
LYS HXT  H N N 257 
MET N    N N N 258 
MET CA   C N S 259 
MET C    C N N 260 
MET O    O N N 261 
MET CB   C N N 262 
MET CG   C N N 263 
MET SD   S N N 264 
MET CE   C N N 265 
MET OXT  O N N 266 
MET H    H N N 267 
MET H2   H N N 268 
MET HA   H N N 269 
MET HB2  H N N 270 
MET HB3  H N N 271 
MET HG2  H N N 272 
MET HG3  H N N 273 
MET HE1  H N N 274 
MET HE2  H N N 275 
MET HE3  H N N 276 
MET HXT  H N N 277 
PHE N    N N N 278 
PHE CA   C N S 279 
PHE C    C N N 280 
PHE O    O N N 281 
PHE CB   C N N 282 
PHE CG   C Y N 283 
PHE CD1  C Y N 284 
PHE CD2  C Y N 285 
PHE CE1  C Y N 286 
PHE CE2  C Y N 287 
PHE CZ   C Y N 288 
PHE OXT  O N N 289 
PHE H    H N N 290 
PHE H2   H N N 291 
PHE HA   H N N 292 
PHE HB2  H N N 293 
PHE HB3  H N N 294 
PHE HD1  H N N 295 
PHE HD2  H N N 296 
PHE HE1  H N N 297 
PHE HE2  H N N 298 
PHE HZ   H N N 299 
PHE HXT  H N N 300 
PRO N    N N N 301 
PRO CA   C N S 302 
PRO C    C N N 303 
PRO O    O N N 304 
PRO CB   C N N 305 
PRO CG   C N N 306 
PRO CD   C N N 307 
PRO OXT  O N N 308 
PRO H    H N N 309 
PRO HA   H N N 310 
PRO HB2  H N N 311 
PRO HB3  H N N 312 
PRO HG2  H N N 313 
PRO HG3  H N N 314 
PRO HD2  H N N 315 
PRO HD3  H N N 316 
PRO HXT  H N N 317 
SER N    N N N 318 
SER CA   C N S 319 
SER C    C N N 320 
SER O    O N N 321 
SER CB   C N N 322 
SER OG   O N N 323 
SER OXT  O N N 324 
SER H    H N N 325 
SER H2   H N N 326 
SER HA   H N N 327 
SER HB2  H N N 328 
SER HB3  H N N 329 
SER HG   H N N 330 
SER HXT  H N N 331 
THR N    N N N 332 
THR CA   C N S 333 
THR C    C N N 334 
THR O    O N N 335 
THR CB   C N R 336 
THR OG1  O N N 337 
THR CG2  C N N 338 
THR OXT  O N N 339 
THR H    H N N 340 
THR H2   H N N 341 
THR HA   H N N 342 
THR HB   H N N 343 
THR HG1  H N N 344 
THR HG21 H N N 345 
THR HG22 H N N 346 
THR HG23 H N N 347 
THR HXT  H N N 348 
TRP N    N N N 349 
TRP CA   C N S 350 
TRP C    C N N 351 
TRP O    O N N 352 
TRP CB   C N N 353 
TRP CG   C Y N 354 
TRP CD1  C Y N 355 
TRP CD2  C Y N 356 
TRP NE1  N Y N 357 
TRP CE2  C Y N 358 
TRP CE3  C Y N 359 
TRP CZ2  C Y N 360 
TRP CZ3  C Y N 361 
TRP CH2  C Y N 362 
TRP OXT  O N N 363 
TRP H    H N N 364 
TRP H2   H N N 365 
TRP HA   H N N 366 
TRP HB2  H N N 367 
TRP HB3  H N N 368 
TRP HD1  H N N 369 
TRP HE1  H N N 370 
TRP HE3  H N N 371 
TRP HZ2  H N N 372 
TRP HZ3  H N N 373 
TRP HH2  H N N 374 
TRP HXT  H N N 375 
TYR N    N N N 376 
TYR CA   C N S 377 
TYR C    C N N 378 
TYR O    O N N 379 
TYR CB   C N N 380 
TYR CG   C Y N 381 
TYR CD1  C Y N 382 
TYR CD2  C Y N 383 
TYR CE1  C Y N 384 
TYR CE2  C Y N 385 
TYR CZ   C Y N 386 
TYR OH   O N N 387 
TYR OXT  O N N 388 
TYR H    H N N 389 
TYR H2   H N N 390 
TYR HA   H N N 391 
TYR HB2  H N N 392 
TYR HB3  H N N 393 
TYR HD1  H N N 394 
TYR HD2  H N N 395 
TYR HE1  H N N 396 
TYR HE2  H N N 397 
TYR HH   H N N 398 
TYR HXT  H N N 399 
VAL N    N N N 400 
VAL CA   C N S 401 
VAL C    C N N 402 
VAL O    O N N 403 
VAL CB   C N N 404 
VAL CG1  C N N 405 
VAL CG2  C N N 406 
VAL OXT  O N N 407 
VAL H    H N N 408 
VAL H2   H N N 409 
VAL HA   H N N 410 
VAL HB   H N N 411 
VAL HG11 H N N 412 
VAL HG12 H N N 413 
VAL HG13 H N N 414 
VAL HG21 H N N 415 
VAL HG22 H N N 416 
VAL HG23 H N N 417 
VAL HXT  H N N 418 
# 
loop_
_chem_comp_bond.comp_id 
_chem_comp_bond.atom_id_1 
_chem_comp_bond.atom_id_2 
_chem_comp_bond.value_order 
_chem_comp_bond.pdbx_aromatic_flag 
_chem_comp_bond.pdbx_stereo_config 
_chem_comp_bond.pdbx_ordinal 
ALA N   CA   sing N N 1   
ALA N   H    sing N N 2   
ALA N   H2   sing N N 3   
ALA CA  C    sing N N 4   
ALA CA  CB   sing N N 5   
ALA CA  HA   sing N N 6   
ALA C   O    doub N N 7   
ALA C   OXT  sing N N 8   
ALA CB  HB1  sing N N 9   
ALA CB  HB2  sing N N 10  
ALA CB  HB3  sing N N 11  
ALA OXT HXT  sing N N 12  
ARG N   CA   sing N N 13  
ARG N   H    sing N N 14  
ARG N   H2   sing N N 15  
ARG CA  C    sing N N 16  
ARG CA  CB   sing N N 17  
ARG CA  HA   sing N N 18  
ARG C   O    doub N N 19  
ARG C   OXT  sing N N 20  
ARG CB  CG   sing N N 21  
ARG CB  HB2  sing N N 22  
ARG CB  HB3  sing N N 23  
ARG CG  CD   sing N N 24  
ARG CG  HG2  sing N N 25  
ARG CG  HG3  sing N N 26  
ARG CD  NE   sing N N 27  
ARG CD  HD2  sing N N 28  
ARG CD  HD3  sing N N 29  
ARG NE  CZ   sing N N 30  
ARG NE  HE   sing N N 31  
ARG CZ  NH1  sing N N 32  
ARG CZ  NH2  doub N N 33  
ARG NH1 HH11 sing N N 34  
ARG NH1 HH12 sing N N 35  
ARG NH2 HH21 sing N N 36  
ARG NH2 HH22 sing N N 37  
ARG OXT HXT  sing N N 38  
ASN N   CA   sing N N 39  
ASN N   H    sing N N 40  
ASN N   H2   sing N N 41  
ASN CA  C    sing N N 42  
ASN CA  CB   sing N N 43  
ASN CA  HA   sing N N 44  
ASN C   O    doub N N 45  
ASN C   OXT  sing N N 46  
ASN CB  CG   sing N N 47  
ASN CB  HB2  sing N N 48  
ASN CB  HB3  sing N N 49  
ASN CG  OD1  doub N N 50  
ASN CG  ND2  sing N N 51  
ASN ND2 HD21 sing N N 52  
ASN ND2 HD22 sing N N 53  
ASN OXT HXT  sing N N 54  
ASP N   CA   sing N N 55  
ASP N   H    sing N N 56  
ASP N   H2   sing N N 57  
ASP CA  C    sing N N 58  
ASP CA  CB   sing N N 59  
ASP CA  HA   sing N N 60  
ASP C   O    doub N N 61  
ASP C   OXT  sing N N 62  
ASP CB  CG   sing N N 63  
ASP CB  HB2  sing N N 64  
ASP CB  HB3  sing N N 65  
ASP CG  OD1  doub N N 66  
ASP CG  OD2  sing N N 67  
ASP OD2 HD2  sing N N 68  
ASP OXT HXT  sing N N 69  
GLN N   CA   sing N N 70  
GLN N   H    sing N N 71  
GLN N   H2   sing N N 72  
GLN CA  C    sing N N 73  
GLN CA  CB   sing N N 74  
GLN CA  HA   sing N N 75  
GLN C   O    doub N N 76  
GLN C   OXT  sing N N 77  
GLN CB  CG   sing N N 78  
GLN CB  HB2  sing N N 79  
GLN CB  HB3  sing N N 80  
GLN CG  CD   sing N N 81  
GLN CG  HG2  sing N N 82  
GLN CG  HG3  sing N N 83  
GLN CD  OE1  doub N N 84  
GLN CD  NE2  sing N N 85  
GLN NE2 HE21 sing N N 86  
GLN NE2 HE22 sing N N 87  
GLN OXT HXT  sing N N 88  
GLU N   CA   sing N N 89  
GLU N   H    sing N N 90  
GLU N   H2   sing N N 91  
GLU CA  C    sing N N 92  
GLU CA  CB   sing N N 93  
GLU CA  HA   sing N N 94  
GLU C   O    doub N N 95  
GLU C   OXT  sing N N 96  
GLU CB  CG   sing N N 97  
GLU CB  HB2  sing N N 98  
GLU CB  HB3  sing N N 99  
GLU CG  CD   sing N N 100 
GLU CG  HG2  sing N N 101 
GLU CG  HG3  sing N N 102 
GLU CD  OE1  doub N N 103 
GLU CD  OE2  sing N N 104 
GLU OE2 HE2  sing N N 105 
GLU OXT HXT  sing N N 106 
GLY N   CA   sing N N 107 
GLY N   H    sing N N 108 
GLY N   H2   sing N N 109 
GLY CA  C    sing N N 110 
GLY CA  HA2  sing N N 111 
GLY CA  HA3  sing N N 112 
GLY C   O    doub N N 113 
GLY C   OXT  sing N N 114 
GLY OXT HXT  sing N N 115 
HIS N   CA   sing N N 116 
HIS N   H    sing N N 117 
HIS N   H2   sing N N 118 
HIS CA  C    sing N N 119 
HIS CA  CB   sing N N 120 
HIS CA  HA   sing N N 121 
HIS C   O    doub N N 122 
HIS C   OXT  sing N N 123 
HIS CB  CG   sing N N 124 
HIS CB  HB2  sing N N 125 
HIS CB  HB3  sing N N 126 
HIS CG  ND1  sing Y N 127 
HIS CG  CD2  doub Y N 128 
HIS ND1 CE1  doub Y N 129 
HIS ND1 HD1  sing N N 130 
HIS CD2 NE2  sing Y N 131 
HIS CD2 HD2  sing N N 132 
HIS CE1 NE2  sing Y N 133 
HIS CE1 HE1  sing N N 134 
HIS NE2 HE2  sing N N 135 
HIS OXT HXT  sing N N 136 
HOH O   H1   sing N N 137 
HOH O   H2   sing N N 138 
ILE N   CA   sing N N 139 
ILE N   H    sing N N 140 
ILE N   H2   sing N N 141 
ILE CA  C    sing N N 142 
ILE CA  CB   sing N N 143 
ILE CA  HA   sing N N 144 
ILE C   O    doub N N 145 
ILE C   OXT  sing N N 146 
ILE CB  CG1  sing N N 147 
ILE CB  CG2  sing N N 148 
ILE CB  HB   sing N N 149 
ILE CG1 CD1  sing N N 150 
ILE CG1 HG12 sing N N 151 
ILE CG1 HG13 sing N N 152 
ILE CG2 HG21 sing N N 153 
ILE CG2 HG22 sing N N 154 
ILE CG2 HG23 sing N N 155 
ILE CD1 HD11 sing N N 156 
ILE CD1 HD12 sing N N 157 
ILE CD1 HD13 sing N N 158 
ILE OXT HXT  sing N N 159 
JPH CAR CAQ  doub Y N 160 
JPH CAR CAS  sing Y N 161 
JPH CAX OAY  sing N N 162 
JPH CAX CAW  sing N N 163 
JPH OAY CAS  sing N N 164 
JPH CAQ CAP  sing Y N 165 
JPH CAS CAT  doub Y N 166 
JPH CAP CAM  sing N N 167 
JPH CAP CAU  doub Y N 168 
JPH CAT CAU  sing Y N 169 
JPH CAT OAV  sing N N 170 
JPH CAW OAV  sing N N 171 
JPH CAM CAL  doub Y N 172 
JPH CAM NAN  sing Y N 173 
JPH CAL NAK  sing Y N 174 
JPH NAN NAO  doub Y N 175 
JPH NAK NAO  sing Y N 176 
JPH NAK CAJ  sing N N 177 
JPH CAJ CAI  sing N N 178 
JPH CAI C2   sing N N 179 
JPH N1  C2   doub N N 180 
JPH N1  C6   sing N N 181 
JPH C2  N3   sing N N 182 
JPH O6  C6   doub N N 183 
JPH C6  C5   sing N N 184 
JPH N3  C4   sing N N 185 
JPH C5  C4   doub N N 186 
JPH C4  CAA  sing N N 187 
JPH C5  H1   sing N N 188 
JPH CAU H3   sing N N 189 
JPH CAW H4   sing N N 190 
JPH CAW H5   sing N N 191 
JPH CAX H6   sing N N 192 
JPH CAX H7   sing N N 193 
JPH CAR H8   sing N N 194 
JPH CAQ H9   sing N N 195 
JPH CAL H10  sing N N 196 
JPH CAJ H11  sing N N 197 
JPH CAJ H12  sing N N 198 
JPH CAI H13  sing N N 199 
JPH CAI H14  sing N N 200 
JPH CAA H15  sing N N 201 
JPH CAA H16  sing N N 202 
JPH CAA H17  sing N N 203 
JPH N3  H18  sing N N 204 
LEU N   CA   sing N N 205 
LEU N   H    sing N N 206 
LEU N   H2   sing N N 207 
LEU CA  C    sing N N 208 
LEU CA  CB   sing N N 209 
LEU CA  HA   sing N N 210 
LEU C   O    doub N N 211 
LEU C   OXT  sing N N 212 
LEU CB  CG   sing N N 213 
LEU CB  HB2  sing N N 214 
LEU CB  HB3  sing N N 215 
LEU CG  CD1  sing N N 216 
LEU CG  CD2  sing N N 217 
LEU CG  HG   sing N N 218 
LEU CD1 HD11 sing N N 219 
LEU CD1 HD12 sing N N 220 
LEU CD1 HD13 sing N N 221 
LEU CD2 HD21 sing N N 222 
LEU CD2 HD22 sing N N 223 
LEU CD2 HD23 sing N N 224 
LEU OXT HXT  sing N N 225 
LYS N   CA   sing N N 226 
LYS N   H    sing N N 227 
LYS N   H2   sing N N 228 
LYS CA  C    sing N N 229 
LYS CA  CB   sing N N 230 
LYS CA  HA   sing N N 231 
LYS C   O    doub N N 232 
LYS C   OXT  sing N N 233 
LYS CB  CG   sing N N 234 
LYS CB  HB2  sing N N 235 
LYS CB  HB3  sing N N 236 
LYS CG  CD   sing N N 237 
LYS CG  HG2  sing N N 238 
LYS CG  HG3  sing N N 239 
LYS CD  CE   sing N N 240 
LYS CD  HD2  sing N N 241 
LYS CD  HD3  sing N N 242 
LYS CE  NZ   sing N N 243 
LYS CE  HE2  sing N N 244 
LYS CE  HE3  sing N N 245 
LYS NZ  HZ1  sing N N 246 
LYS NZ  HZ2  sing N N 247 
LYS NZ  HZ3  sing N N 248 
LYS OXT HXT  sing N N 249 
MET N   CA   sing N N 250 
MET N   H    sing N N 251 
MET N   H2   sing N N 252 
MET CA  C    sing N N 253 
MET CA  CB   sing N N 254 
MET CA  HA   sing N N 255 
MET C   O    doub N N 256 
MET C   OXT  sing N N 257 
MET CB  CG   sing N N 258 
MET CB  HB2  sing N N 259 
MET CB  HB3  sing N N 260 
MET CG  SD   sing N N 261 
MET CG  HG2  sing N N 262 
MET CG  HG3  sing N N 263 
MET SD  CE   sing N N 264 
MET CE  HE1  sing N N 265 
MET CE  HE2  sing N N 266 
MET CE  HE3  sing N N 267 
MET OXT HXT  sing N N 268 
PHE N   CA   sing N N 269 
PHE N   H    sing N N 270 
PHE N   H2   sing N N 271 
PHE CA  C    sing N N 272 
PHE CA  CB   sing N N 273 
PHE CA  HA   sing N N 274 
PHE C   O    doub N N 275 
PHE C   OXT  sing N N 276 
PHE CB  CG   sing N N 277 
PHE CB  HB2  sing N N 278 
PHE CB  HB3  sing N N 279 
PHE CG  CD1  doub Y N 280 
PHE CG  CD2  sing Y N 281 
PHE CD1 CE1  sing Y N 282 
PHE CD1 HD1  sing N N 283 
PHE CD2 CE2  doub Y N 284 
PHE CD2 HD2  sing N N 285 
PHE CE1 CZ   doub Y N 286 
PHE CE1 HE1  sing N N 287 
PHE CE2 CZ   sing Y N 288 
PHE CE2 HE2  sing N N 289 
PHE CZ  HZ   sing N N 290 
PHE OXT HXT  sing N N 291 
PRO N   CA   sing N N 292 
PRO N   CD   sing N N 293 
PRO N   H    sing N N 294 
PRO CA  C    sing N N 295 
PRO CA  CB   sing N N 296 
PRO CA  HA   sing N N 297 
PRO C   O    doub N N 298 
PRO C   OXT  sing N N 299 
PRO CB  CG   sing N N 300 
PRO CB  HB2  sing N N 301 
PRO CB  HB3  sing N N 302 
PRO CG  CD   sing N N 303 
PRO CG  HG2  sing N N 304 
PRO CG  HG3  sing N N 305 
PRO CD  HD2  sing N N 306 
PRO CD  HD3  sing N N 307 
PRO OXT HXT  sing N N 308 
SER N   CA   sing N N 309 
SER N   H    sing N N 310 
SER N   H2   sing N N 311 
SER CA  C    sing N N 312 
SER CA  CB   sing N N 313 
SER CA  HA   sing N N 314 
SER C   O    doub N N 315 
SER C   OXT  sing N N 316 
SER CB  OG   sing N N 317 
SER CB  HB2  sing N N 318 
SER CB  HB3  sing N N 319 
SER OG  HG   sing N N 320 
SER OXT HXT  sing N N 321 
THR N   CA   sing N N 322 
THR N   H    sing N N 323 
THR N   H2   sing N N 324 
THR CA  C    sing N N 325 
THR CA  CB   sing N N 326 
THR CA  HA   sing N N 327 
THR C   O    doub N N 328 
THR C   OXT  sing N N 329 
THR CB  OG1  sing N N 330 
THR CB  CG2  sing N N 331 
THR CB  HB   sing N N 332 
THR OG1 HG1  sing N N 333 
THR CG2 HG21 sing N N 334 
THR CG2 HG22 sing N N 335 
THR CG2 HG23 sing N N 336 
THR OXT HXT  sing N N 337 
TRP N   CA   sing N N 338 
TRP N   H    sing N N 339 
TRP N   H2   sing N N 340 
TRP CA  C    sing N N 341 
TRP CA  CB   sing N N 342 
TRP CA  HA   sing N N 343 
TRP C   O    doub N N 344 
TRP C   OXT  sing N N 345 
TRP CB  CG   sing N N 346 
TRP CB  HB2  sing N N 347 
TRP CB  HB3  sing N N 348 
TRP CG  CD1  doub Y N 349 
TRP CG  CD2  sing Y N 350 
TRP CD1 NE1  sing Y N 351 
TRP CD1 HD1  sing N N 352 
TRP CD2 CE2  doub Y N 353 
TRP CD2 CE3  sing Y N 354 
TRP NE1 CE2  sing Y N 355 
TRP NE1 HE1  sing N N 356 
TRP CE2 CZ2  sing Y N 357 
TRP CE3 CZ3  doub Y N 358 
TRP CE3 HE3  sing N N 359 
TRP CZ2 CH2  doub Y N 360 
TRP CZ2 HZ2  sing N N 361 
TRP CZ3 CH2  sing Y N 362 
TRP CZ3 HZ3  sing N N 363 
TRP CH2 HH2  sing N N 364 
TRP OXT HXT  sing N N 365 
TYR N   CA   sing N N 366 
TYR N   H    sing N N 367 
TYR N   H2   sing N N 368 
TYR CA  C    sing N N 369 
TYR CA  CB   sing N N 370 
TYR CA  HA   sing N N 371 
TYR C   O    doub N N 372 
TYR C   OXT  sing N N 373 
TYR CB  CG   sing N N 374 
TYR CB  HB2  sing N N 375 
TYR CB  HB3  sing N N 376 
TYR CG  CD1  doub Y N 377 
TYR CG  CD2  sing Y N 378 
TYR CD1 CE1  sing Y N 379 
TYR CD1 HD1  sing N N 380 
TYR CD2 CE2  doub Y N 381 
TYR CD2 HD2  sing N N 382 
TYR CE1 CZ   doub Y N 383 
TYR CE1 HE1  sing N N 384 
TYR CE2 CZ   sing Y N 385 
TYR CE2 HE2  sing N N 386 
TYR CZ  OH   sing N N 387 
TYR OH  HH   sing N N 388 
TYR OXT HXT  sing N N 389 
VAL N   CA   sing N N 390 
VAL N   H    sing N N 391 
VAL N   H2   sing N N 392 
VAL CA  C    sing N N 393 
VAL CA  CB   sing N N 394 
VAL CA  HA   sing N N 395 
VAL C   O    doub N N 396 
VAL C   OXT  sing N N 397 
VAL CB  CG1  sing N N 398 
VAL CB  CG2  sing N N 399 
VAL CB  HB   sing N N 400 
VAL CG1 HG11 sing N N 401 
VAL CG1 HG12 sing N N 402 
VAL CG1 HG13 sing N N 403 
VAL CG2 HG21 sing N N 404 
VAL CG2 HG22 sing N N 405 
VAL CG2 HG23 sing N N 406 
VAL OXT HXT  sing N N 407 
# 
_pdbx_initial_refinement_model.id               1 
_pdbx_initial_refinement_model.entity_id_list   ? 
_pdbx_initial_refinement_model.type             'experimental model' 
_pdbx_initial_refinement_model.source_name      PDB 
_pdbx_initial_refinement_model.accession_code   5NIM 
_pdbx_initial_refinement_model.details          ? 
# 
_atom_sites.entry_id                    6R1P 
_atom_sites.fract_transf_matrix[1][1]   -0.00638232 
_atom_sites.fract_transf_matrix[1][2]   -0.00516785 
_atom_sites.fract_transf_matrix[1][3]   0.00011221 
_atom_sites.fract_transf_matrix[2][1]   0.00499174 
_atom_sites.fract_transf_matrix[2][2]   -0.00611562 
_atom_sites.fract_transf_matrix[2][3]   0.00226609 
_atom_sites.fract_transf_matrix[3][1]   -0.00486071 
_atom_sites.fract_transf_matrix[3][2]   0.00662362 
_atom_sites.fract_transf_matrix[3][3]   0.02858267 
_atom_sites.fract_transf_vector[1]      -0.140379 
_atom_sites.fract_transf_vector[2]      -0.287158 
_atom_sites.fract_transf_vector[3]      0.009043 
# 
loop_
_atom_type.symbol 
C 
N 
O 
S 
# 
loop_
_atom_site.group_PDB 
_atom_site.id 
_atom_site.type_symbol 
_atom_site.label_atom_id 
_atom_site.label_alt_id 
_atom_site.label_comp_id 
_atom_site.label_asym_id 
_atom_site.label_entity_id 
_atom_site.label_seq_id 
_atom_site.pdbx_PDB_ins_code 
_atom_site.Cartn_x 
_atom_site.Cartn_y 
_atom_site.Cartn_z 
_atom_site.occupancy 
_atom_site.B_iso_or_equiv 
_atom_site.pdbx_formal_charge 
_atom_site.auth_seq_id 
_atom_site.auth_comp_id 
_atom_site.auth_asym_id 
_atom_site.auth_atom_id 
_atom_site.pdbx_PDB_model_num 
ATOM   1    N N   . ASP A 1 23  ? -17.092 18.661  -4.665  1.00 65.81  ? 23  ASP A N   1 
ATOM   2    C CA  . ASP A 1 23  ? -16.710 17.288  -5.038  1.00 65.06  ? 23  ASP A CA  1 
ATOM   3    C C   . ASP A 1 23  ? -16.136 17.353  -6.453  1.00 68.53  ? 23  ASP A C   1 
ATOM   4    O O   . ASP A 1 23  ? -14.922 17.132  -6.575  1.00 66.62  ? 23  ASP A O   1 
ATOM   5    C CB  . ASP A 1 23  ? -17.886 16.310  -4.921  1.00 63.06  ? 23  ASP A CB  1 
ATOM   6    N N   . ASP A 1 24  ? -16.973 17.712  -7.447  1.00 64.46  ? 24  ASP A N   1 
ATOM   7    C CA  . ASP A 1 24  ? -16.645 17.752  -8.903  1.00 58.13  ? 24  ASP A CA  1 
ATOM   8    C C   . ASP A 1 24  ? -15.214 18.263  -9.113  1.00 54.50  ? 24  ASP A C   1 
ATOM   9    O O   . ASP A 1 24  ? -14.412 17.582  -9.788  1.00 48.94  ? 24  ASP A O   1 
ATOM   10   C CB  . ASP A 1 24  ? -17.583 18.670  -9.697  1.00 59.98  ? 24  ASP A CB  1 
ATOM   11   N N   . ARG A 1 25  ? -14.896 19.448  -8.605  1.00 44.14  ? 25  ARG A N   1 
ATOM   12   C CA  . ARG A 1 25  ? -13.612 20.088  -8.972  1.00 50.52  ? 25  ARG A CA  1 
ATOM   13   C C   . ARG A 1 25  ? -12.484 19.413  -8.179  1.00 41.10  ? 25  ARG A C   1 
ATOM   14   O O   . ARG A 1 25  ? -11.403 19.203  -8.761  1.00 37.36  ? 25  ARG A O   1 
ATOM   15   C CB  . ARG A 1 25  ? -13.803 21.598  -8.892  1.00 54.78  ? 25  ARG A CB  1 
ATOM   16   C CG  . ARG A 1 25  ? -14.839 22.017  -9.929  1.00 66.20  ? 25  ARG A CG  1 
ATOM   17   C CD  . ARG A 1 25  ? -14.775 23.446  -10.413 1.00 74.95  ? 25  ARG A CD  1 
ATOM   18   N NE  . ARG A 1 25  ? -15.378 24.355  -9.452  1.00 80.72  ? 25  ARG A NE  1 
ATOM   19   C CZ  . ARG A 1 25  ? -15.447 25.668  -9.600  1.00 83.07  ? 25  ARG A CZ  1 
ATOM   20   N NH1 . ARG A 1 25  ? -14.952 26.248  -10.686 1.00 85.62  ? 25  ARG A NH1 1 
ATOM   21   N NH2 . ARG A 1 25  ? -16.006 26.396  -8.651  1.00 85.10  ? 25  ARG A NH2 1 
ATOM   22   N N   . GLU A 1 26  ? -12.748 19.052  -6.932  1.00 44.50  ? 26  GLU A N   1 
ATOM   23   C CA  . GLU A 1 26  ? -11.771 18.304  -6.110  1.00 44.65  ? 26  GLU A CA  1 
ATOM   24   C C   . GLU A 1 26  ? -11.397 17.008  -6.836  1.00 39.36  ? 26  GLU A C   1 
ATOM   25   O O   . GLU A 1 26  ? -10.220 16.759  -6.991  1.00 36.22  ? 26  GLU A O   1 
ATOM   26   C CB  . GLU A 1 26  ? -12.329 18.003  -4.736  1.00 46.98  ? 26  GLU A CB  1 
ATOM   27   C CG  . GLU A 1 26  ? -11.212 17.800  -3.756  1.00 54.39  ? 26  GLU A CG  1 
ATOM   28   C CD  . GLU A 1 26  ? -11.692 17.446  -2.372  1.00 65.76  ? 26  GLU A CD  1 
ATOM   29   O OE1 . GLU A 1 26  ? -12.502 18.224  -1.838  1.00 69.27  ? 26  GLU A OE1 1 
ATOM   30   O OE2 . GLU A 1 26  ? -11.256 16.393  -1.853  1.00 62.59  ? 26  GLU A OE2 1 
ATOM   31   N N   . LEU A 1 27  ? -12.381 16.253  -7.318  1.00 37.99  ? 27  LEU A N   1 
ATOM   32   C CA  . LEU A 1 27  ? -12.158 14.942  -7.966  1.00 38.39  ? 27  LEU A CA  1 
ATOM   33   C C   . LEU A 1 27  ? -11.394 15.131  -9.279  1.00 38.67  ? 27  LEU A C   1 
ATOM   34   O O   . LEU A 1 27  ? -10.525 14.299  -9.575  1.00 33.83  ? 27  LEU A O   1 
ATOM   35   C CB  . LEU A 1 27  ? -13.488 14.205  -8.139  1.00 44.11  ? 27  LEU A CB  1 
ATOM   36   C CG  . LEU A 1 27  ? -14.076 13.658  -6.839  1.00 51.19  ? 27  LEU A CG  1 
ATOM   37   C CD1 . LEU A 1 27  ? -15.523 13.228  -7.017  1.00 61.40  ? 27  LEU A CD1 1 
ATOM   38   C CD2 . LEU A 1 27  ? -13.241 12.494  -6.306  1.00 55.36  ? 27  LEU A CD2 1 
ATOM   39   N N   . ALA A 1 28  ? -11.666 16.188  -10.045 1.00 33.26  ? 28  ALA A N   1 
ATOM   40   C CA  . ALA A 1 28  ? -10.914 16.482  -11.282 1.00 36.51  ? 28  ALA A CA  1 
ATOM   41   C C   . ALA A 1 28  ? -9.450  16.801  -10.955 1.00 30.18  ? 28  ALA A C   1 
ATOM   42   O O   . ALA A 1 28  ? -8.555  16.473  -11.741 1.00 34.83  ? 28  ALA A O   1 
ATOM   43   C CB  . ALA A 1 28  ? -11.575 17.638  -11.995 1.00 39.98  ? 28  ALA A CB  1 
ATOM   44   N N   . ILE A 1 29  ? -9.191  17.490  -9.853  1.00 29.98  ? 29  ILE A N   1 
ATOM   45   C CA  . ILE A 1 29  ? -7.800  17.849  -9.511  1.00 29.04  ? 29  ILE A CA  1 
ATOM   46   C C   . ILE A 1 29  ? -7.073  16.519  -9.221  1.00 28.05  ? 29  ILE A C   1 
ATOM   47   O O   . ILE A 1 29  ? -5.960  16.334  -9.679  1.00 28.33  ? 29  ILE A O   1 
ATOM   48   C CB  . ILE A 1 29  ? -7.758  18.811  -8.313  1.00 27.82  ? 29  ILE A CB  1 
ATOM   49   C CG1 . ILE A 1 29  ? -8.286  20.213  -8.684  1.00 30.03  ? 29  ILE A CG1 1 
ATOM   50   C CG2 . ILE A 1 29  ? -6.348  18.895  -7.761  1.00 25.92  ? 29  ILE A CG2 1 
ATOM   51   C CD1 . ILE A 1 29  ? -8.460  21.150  -7.470  1.00 31.53  ? 29  ILE A CD1 1 
ATOM   52   N N   . LEU A 1 30  ? -7.692  15.672  -8.418  1.00 28.49  ? 30  LEU A N   1 
ATOM   53   C CA  . LEU A 1 30  ? -7.072  14.376  -7.997  1.00 31.02  ? 30  LEU A CA  1 
ATOM   54   C C   . LEU A 1 30  ? -6.790  13.504  -9.221  1.00 31.46  ? 30  LEU A C   1 
ATOM   55   O O   . LEU A 1 30  ? -5.635  12.998  -9.342  1.00 33.25  ? 30  LEU A O   1 
ATOM   56   C CB  . LEU A 1 30  ? -8.009  13.705  -6.993  1.00 28.22  ? 30  LEU A CB  1 
ATOM   57   C CG  . LEU A 1 30  ? -8.075  14.423  -5.641  1.00 32.05  ? 30  LEU A CG  1 
ATOM   58   C CD1 . LEU A 1 30  ? -9.234  13.902  -4.785  1.00 37.54  ? 30  LEU A CD1 1 
ATOM   59   C CD2 . LEU A 1 30  ? -6.778  14.294  -4.876  1.00 33.53  ? 30  LEU A CD2 1 
ATOM   60   N N   . ALA A 1 31  ? -7.767  13.379  -10.130 1.00 31.25  ? 31  ALA A N   1 
ATOM   61   C CA  . ALA A 1 31  ? -7.636  12.561  -11.352 1.00 32.70  ? 31  ALA A CA  1 
ATOM   62   C C   . ALA A 1 31  ? -6.543  13.135  -12.240 1.00 34.98  ? 31  ALA A C   1 
ATOM   63   O O   . ALA A 1 31  ? -5.697  12.375  -12.744 1.00 32.69  ? 31  ALA A O   1 
ATOM   64   C CB  . ALA A 1 31  ? -8.946  12.450  -12.065 1.00 37.45  ? 31  ALA A CB  1 
ATOM   65   N N   . THR A 1 32  ? -6.515  14.463  -12.409 1.00 33.38  ? 32  THR A N   1 
ATOM   66   C CA  . THR A 1 32  ? -5.444  15.117  -13.171 1.00 30.57  ? 32  THR A CA  1 
ATOM   67   C C   . THR A 1 32  ? -4.103  14.781  -12.552 1.00 31.30  ? 32  THR A C   1 
ATOM   68   O O   . THR A 1 32  ? -3.184  14.413  -13.302 1.00 33.26  ? 32  THR A O   1 
ATOM   69   C CB  . THR A 1 32  ? -5.617  16.637  -13.202 1.00 33.31  ? 32  THR A CB  1 
ATOM   70   O OG1 . THR A 1 32  ? -6.895  16.812  -13.789 1.00 34.71  ? 32  THR A OG1 1 
ATOM   71   C CG2 . THR A 1 32  ? -4.513  17.304  -13.971 1.00 33.17  ? 32  THR A CG2 1 
ATOM   72   N N   . ALA A 1 33  ? -3.972  14.907  -11.222 1.00 29.58  ? 33  ALA A N   1 
ATOM   73   C CA  . ALA A 1 33  ? -2.686  14.679  -10.541 1.00 29.68  ? 33  ALA A CA  1 
ATOM   74   C C   . ALA A 1 33  ? -2.238  13.204  -10.750 1.00 29.09  ? 33  ALA A C   1 
ATOM   75   O O   . ALA A 1 33  ? -1.026  12.976  -11.026 1.00 30.82  ? 33  ALA A O   1 
ATOM   76   C CB  . ALA A 1 33  ? -2.817  14.988  -9.074  1.00 28.29  ? 33  ALA A CB  1 
ATOM   77   N N   . GLU A 1 34  ? -3.171  12.257  -10.641 1.00 29.66  ? 34  GLU A N   1 
ATOM   78   C CA  . GLU A 1 34  ? -2.829  10.799  -10.752 1.00 31.04  ? 34  GLU A CA  1 
ATOM   79   C C   . GLU A 1 34  ? -2.349  10.555  -12.194 1.00 37.52  ? 34  GLU A C   1 
ATOM   80   O O   . GLU A 1 34  ? -1.310  9.873   -12.400 1.00 35.76  ? 34  GLU A O   1 
ATOM   81   C CB  . GLU A 1 34  ? -4.013  9.911   -10.362 1.00 33.81  ? 34  GLU A CB  1 
ATOM   82   C CG  . GLU A 1 34  ? -3.676  8.421   -10.461 1.00 38.84  ? 34  GLU A CG  1 
ATOM   83   C CD  . GLU A 1 34  ? -4.518  7.489   -9.612  1.00 45.73  ? 34  GLU A CD  1 
ATOM   84   O OE1 . GLU A 1 34  ? -5.639  7.882   -9.242  1.00 44.32  ? 34  GLU A OE1 1 
ATOM   85   O OE2 . GLU A 1 34  ? -4.034  6.385   -9.285  1.00 40.75  ? 34  GLU A OE2 1 
ATOM   86   N N   . ASN A 1 35  ? -3.020  11.171  -13.166 1.00 37.21  ? 35  ASN A N   1 
ATOM   87   C CA  A ASN A 1 35  ? -2.681  11.021  -14.608 0.50 39.37  ? 35  ASN A CA  1 
ATOM   88   C CA  B ASN A 1 35  ? -2.674  11.001  -14.597 0.50 38.33  ? 35  ASN A CA  1 
ATOM   89   C C   . ASN A 1 35  ? -1.284  11.600  -14.861 1.00 37.67  ? 35  ASN A C   1 
ATOM   90   O O   . ASN A 1 35  ? -0.480  10.937  -15.516 1.00 39.61  ? 35  ASN A O   1 
ATOM   91   C CB  A ASN A 1 35  ? -3.738  11.637  -15.530 0.50 45.01  ? 35  ASN A CB  1 
ATOM   92   C CB  B ASN A 1 35  ? -3.806  11.522  -15.477 0.50 41.91  ? 35  ASN A CB  1 
ATOM   93   C CG  A ASN A 1 35  ? -5.055  10.886  -15.541 0.50 45.95  ? 35  ASN A CG  1 
ATOM   94   C CG  B ASN A 1 35  ? -3.599  11.169  -16.926 0.50 42.66  ? 35  ASN A CG  1 
ATOM   95   O OD1 A ASN A 1 35  ? -5.160  9.774   -15.030 0.50 51.89  ? 35  ASN A OD1 1 
ATOM   96   O OD1 B ASN A 1 35  ? -4.158  10.194  -17.415 0.50 45.92  ? 35  ASN A OD1 1 
ATOM   97   N ND2 A ASN A 1 35  ? -6.079  11.483  -16.123 0.50 49.83  ? 35  ASN A ND2 1 
ATOM   98   N ND2 B ASN A 1 35  ? -2.774  11.946  -17.601 0.50 40.60  ? 35  ASN A ND2 1 
ATOM   99   N N   . LEU A 1 36  ? -0.969  12.777  -14.334 1.00 36.21  ? 36  LEU A N   1 
ATOM   100  C CA  . LEU A 1 36  ? 0.342   13.420  -14.618 1.00 37.82  ? 36  LEU A CA  1 
ATOM   101  C C   . LEU A 1 36  ? 1.478   12.700  -13.891 1.00 41.74  ? 36  LEU A C   1 
ATOM   102  O O   . LEU A 1 36  ? 2.614   12.746  -14.376 1.00 37.60  ? 36  LEU A O   1 
ATOM   103  C CB  . LEU A 1 36  ? 0.270   14.898  -14.239 1.00 41.13  ? 36  LEU A CB  1 
ATOM   104  C CG  . LEU A 1 36  ? -0.694  15.709  -15.108 1.00 43.98  ? 36  LEU A CG  1 
ATOM   105  C CD1 . LEU A 1 36  ? -0.791  17.152  -14.619 1.00 43.64  ? 36  LEU A CD1 1 
ATOM   106  C CD2 . LEU A 1 36  ? -0.260  15.662  -16.571 1.00 43.79  ? 36  LEU A CD2 1 
ATOM   107  N N   . LEU A 1 37  ? 1.193   12.062  -12.756 1.00 38.07  ? 37  LEU A N   1 
ATOM   108  C CA  . LEU A 1 37  ? 2.255   11.374  -11.985 1.00 34.51  ? 37  LEU A CA  1 
ATOM   109  C C   . LEU A 1 37  ? 2.693   10.110  -12.741 1.00 35.43  ? 37  LEU A C   1 
ATOM   110  O O   . LEU A 1 37  ? 3.782   9.646   -12.435 1.00 35.99  ? 37  LEU A O   1 
ATOM   111  C CB  . LEU A 1 37  ? 1.751   11.054  -10.581 1.00 33.22  ? 37  LEU A CB  1 
ATOM   112  C CG  . LEU A 1 37  ? 1.767   12.231  -9.619  1.00 33.37  ? 37  LEU A CG  1 
ATOM   113  C CD1 . LEU A 1 37  ? 0.981   11.897  -8.358  1.00 33.93  ? 37  LEU A CD1 1 
ATOM   114  C CD2 . LEU A 1 37  ? 3.185   12.638  -9.280  1.00 35.88  ? 37  LEU A CD2 1 
ATOM   115  N N   . GLU A 1 38  ? 1.901   9.617   -13.694 1.00 39.03  ? 38  GLU A N   1 
ATOM   116  C CA  . GLU A 1 38  ? 2.288   8.479   -14.566 1.00 46.94  ? 38  GLU A CA  1 
ATOM   117  C C   . GLU A 1 38  ? 3.448   8.899   -15.463 1.00 46.50  ? 38  GLU A C   1 
ATOM   118  O O   . GLU A 1 38  ? 4.251   8.026   -15.728 1.00 53.76  ? 38  GLU A O   1 
ATOM   119  C CB  . GLU A 1 38  ? 1.119   7.924   -15.381 1.00 55.74  ? 38  GLU A CB  1 
ATOM   120  C CG  . GLU A 1 38  ? 0.565   6.621   -14.823 1.00 71.53  ? 38  GLU A CG  1 
ATOM   121  C CD  . GLU A 1 38  ? -0.765  6.740   -14.097 1.00 83.16  ? 38  GLU A CD  1 
ATOM   122  O OE1 . GLU A 1 38  ? -0.790  7.291   -12.978 1.00 89.93  ? 38  GLU A OE1 1 
ATOM   123  O OE2 . GLU A 1 38  ? -1.780  6.284   -14.656 1.00 94.66  ? 38  GLU A OE2 1 
ATOM   124  N N   . ASP A 1 39  ? 3.615   10.196  -15.767 1.00 53.99  ? 39  ASP A N   1 
ATOM   125  C CA  . ASP A 1 39  ? 4.621   10.713  -16.743 1.00 58.17  ? 39  ASP A CA  1 
ATOM   126  C C   . ASP A 1 39  ? 5.826   11.378  -16.079 1.00 55.40  ? 39  ASP A C   1 
ATOM   127  O O   . ASP A 1 39  ? 6.834   11.511  -16.765 1.00 51.89  ? 39  ASP A O   1 
ATOM   128  C CB  . ASP A 1 39  ? 4.015   11.765  -17.669 1.00 64.88  ? 39  ASP A CB  1 
ATOM   129  C CG  . ASP A 1 39  ? 2.718   11.273  -18.265 1.00 76.21  ? 39  ASP A CG  1 
ATOM   130  O OD1 . ASP A 1 39  ? 2.800   10.375  -19.130 1.00 83.67  ? 39  ASP A OD1 1 
ATOM   131  O OD2 . ASP A 1 39  ? 1.637   11.735  -17.802 1.00 76.20  ? 39  ASP A OD2 1 
ATOM   132  N N   . ARG A 1 40  ? 5.710   11.880  -14.851 1.00 48.80  ? 40  ARG A N   1 
ATOM   133  C CA  . ARG A 1 40  ? 6.744   12.760  -14.271 1.00 43.06  ? 40  ARG A CA  1 
ATOM   134  C C   . ARG A 1 40  ? 6.538   12.837  -12.774 1.00 44.03  ? 40  ARG A C   1 
ATOM   135  O O   . ARG A 1 40  ? 5.432   12.655  -12.281 1.00 42.35  ? 40  ARG A O   1 
ATOM   136  C CB  . ARG A 1 40  ? 6.681   14.153  -14.899 1.00 54.60  ? 40  ARG A CB  1 
ATOM   137  C CG  . ARG A 1 40  ? 5.292   14.556  -15.375 1.00 57.95  ? 40  ARG A CG  1 
ATOM   138  C CD  . ARG A 1 40  ? 5.388   15.512  -16.544 1.00 65.88  ? 40  ARG A CD  1 
ATOM   139  N NE  . ARG A 1 40  ? 5.039   16.822  -16.031 1.00 63.56  ? 40  ARG A NE  1 
ATOM   140  C CZ  . ARG A 1 40  ? 3.923   17.482  -16.318 1.00 65.69  ? 40  ARG A CZ  1 
ATOM   141  N NH1 . ARG A 1 40  ? 3.042   16.993  -17.178 1.00 68.90  ? 40  ARG A NH1 1 
ATOM   142  N NH2 . ARG A 1 40  ? 3.706   18.658  -15.760 1.00 68.72  ? 40  ARG A NH2 1 
ATOM   143  N N   . PRO A 1 41  ? 7.615   13.120  -12.033 1.00 42.85  ? 41  PRO A N   1 
ATOM   144  C CA  . PRO A 1 41  ? 7.546   13.302  -10.593 1.00 44.67  ? 41  PRO A CA  1 
ATOM   145  C C   . PRO A 1 41  ? 6.777   14.573  -10.211 1.00 47.38  ? 41  PRO A C   1 
ATOM   146  O O   . PRO A 1 41  ? 6.626   15.479  -11.043 1.00 43.96  ? 41  PRO A O   1 
ATOM   147  C CB  . PRO A 1 41  ? 9.015   13.440  -10.178 1.00 47.93  ? 41  PRO A CB  1 
ATOM   148  C CG  . PRO A 1 41  ? 9.652   14.048  -11.404 1.00 49.56  ? 41  PRO A CG  1 
ATOM   149  C CD  . PRO A 1 41  ? 8.971   13.349  -12.563 1.00 50.55  ? 41  PRO A CD  1 
ATOM   150  N N   . LEU A 1 42  ? 6.348   14.617  -8.949  1.00 42.53  ? 42  LEU A N   1 
ATOM   151  C CA  . LEU A 1 42  ? 5.547   15.735  -8.409  1.00 50.38  ? 42  LEU A CA  1 
ATOM   152  C C   . LEU A 1 42  ? 6.308   17.060  -8.614  1.00 53.74  ? 42  LEU A C   1 
ATOM   153  O O   . LEU A 1 42  ? 5.671   18.020  -9.082  1.00 51.07  ? 42  LEU A O   1 
ATOM   154  C CB  . LEU A 1 42  ? 5.252   15.491  -6.933  1.00 46.59  ? 42  LEU A CB  1 
ATOM   155  C CG  . LEU A 1 42  ? 4.206   16.445  -6.361  1.00 45.73  ? 42  LEU A CG  1 
ATOM   156  C CD1 . LEU A 1 42  ? 2.832   16.194  -6.978  1.00 40.58  ? 42  LEU A CD1 1 
ATOM   157  C CD2 . LEU A 1 42  ? 4.174   16.344  -4.856  1.00 44.09  ? 42  LEU A CD2 1 
ATOM   158  N N   . ALA A 1 43  ? 7.615   17.088  -8.336  1.00 56.61  ? 43  ALA A N   1 
ATOM   159  C CA  . ALA A 1 43  ? 8.481   18.276  -8.531  1.00 58.25  ? 43  ALA A CA  1 
ATOM   160  C C   . ALA A 1 43  ? 8.370   18.808  -9.969  1.00 53.48  ? 43  ALA A C   1 
ATOM   161  O O   . ALA A 1 43  ? 8.516   20.019  -10.132 1.00 64.06  ? 43  ALA A O   1 
ATOM   162  C CB  . ALA A 1 43  ? 9.907   17.964  -8.152  1.00 56.24  ? 43  ALA A CB  1 
ATOM   163  N N   . ASP A 1 44  ? 8.071   17.982  -10.974 1.00 51.89  ? 44  ASP A N   1 
ATOM   164  C CA  . ASP A 1 44  ? 7.991   18.428  -12.396 1.00 51.34  ? 44  ASP A CA  1 
ATOM   165  C C   . ASP A 1 44  ? 6.546   18.715  -12.809 1.00 53.09  ? 44  ASP A C   1 
ATOM   166  O O   . ASP A 1 44  ? 6.292   18.890  -14.024 1.00 52.56  ? 44  ASP A O   1 
ATOM   167  C CB  . ASP A 1 44  ? 8.581   17.396  -13.355 1.00 58.87  ? 44  ASP A CB  1 
ATOM   168  C CG  . ASP A 1 44  ? 10.077  17.197  -13.202 1.00 64.46  ? 44  ASP A CG  1 
ATOM   169  O OD1 . ASP A 1 44  ? 10.642  17.733  -12.223 1.00 72.39  ? 44  ASP A OD1 1 
ATOM   170  O OD2 . ASP A 1 44  ? 10.659  16.483  -14.049 1.00 69.41  ? 44  ASP A OD2 1 
ATOM   171  N N   . ILE A 1 45  ? 5.615   18.691  -11.860 1.00 49.50  ? 45  ILE A N   1 
ATOM   172  C CA  . ILE A 1 45  ? 4.183   19.003  -12.100 1.00 49.31  ? 45  ILE A CA  1 
ATOM   173  C C   . ILE A 1 45  ? 3.940   20.332  -11.391 1.00 49.48  ? 45  ILE A C   1 
ATOM   174  O O   . ILE A 1 45  ? 4.396   20.480  -10.237 1.00 50.46  ? 45  ILE A O   1 
ATOM   175  C CB  . ILE A 1 45  ? 3.243   17.895  -11.582 1.00 45.31  ? 45  ILE A CB  1 
ATOM   176  C CG1 . ILE A 1 45  ? 3.554   16.542  -12.230 1.00 44.68  ? 45  ILE A CG1 1 
ATOM   177  C CG2 . ILE A 1 45  ? 1.789   18.277  -11.781 1.00 45.52  ? 45  ILE A CG2 1 
ATOM   178  C CD1 . ILE A 1 45  ? 2.750   15.420  -11.648 1.00 42.70  ? 45  ILE A CD1 1 
ATOM   179  N N   . SER A 1 46  ? 3.296   21.264  -12.081 1.00 51.27  ? 46  SER A N   1 
ATOM   180  C CA  . SER A 1 46  ? 3.009   22.619  -11.552 1.00 50.82  ? 46  SER A CA  1 
ATOM   181  C C   . SER A 1 46  ? 1.545   22.685  -11.139 1.00 45.03  ? 46  SER A C   1 
ATOM   182  O O   . SER A 1 46  ? 0.701   21.991  -11.762 1.00 44.80  ? 46  SER A O   1 
ATOM   183  C CB  . SER A 1 46  ? 3.319   23.699  -12.571 1.00 45.86  ? 46  SER A CB  1 
ATOM   184  O OG  . SER A 1 46  ? 2.496   23.551  -13.720 1.00 44.15  ? 46  SER A OG  1 
ATOM   185  N N   . VAL A 1 47  ? 1.248   23.612  -10.238 1.00 46.54  ? 47  VAL A N   1 
ATOM   186  C CA  . VAL A 1 47  ? -0.159  23.969  -9.907  1.00 42.82  ? 47  VAL A CA  1 
ATOM   187  C C   . VAL A 1 47  ? -0.922  24.345  -11.191 1.00 39.01  ? 47  VAL A C   1 
ATOM   188  O O   . VAL A 1 47  ? -2.067  23.905  -11.366 1.00 39.82  ? 47  VAL A O   1 
ATOM   189  C CB  . VAL A 1 47  ? -0.179  25.022  -8.791  1.00 44.06  ? 47  VAL A CB  1 
ATOM   190  C CG1 . VAL A 1 47  ? -1.586  25.542  -8.538  1.00 48.17  ? 47  VAL A CG1 1 
ATOM   191  C CG2 . VAL A 1 47  ? 0.428   24.458  -7.518  1.00 48.34  ? 47  VAL A CG2 1 
ATOM   192  N N   . ASP A 1 48  ? -0.296  25.029  -12.149 1.00 47.92  ? 48  ASP A N   1 
ATOM   193  C CA  . ASP A 1 48  ? -0.970  25.436  -13.414 1.00 48.35  ? 48  ASP A CA  1 
ATOM   194  C C   . ASP A 1 48  ? -1.414  24.199  -14.189 1.00 43.44  ? 48  ASP A C   1 
ATOM   195  O O   . ASP A 1 48  ? -2.555  24.207  -14.736 1.00 43.80  ? 48  ASP A O   1 
ATOM   196  C CB  . ASP A 1 48  ? -0.066  26.322  -14.279 1.00 56.87  ? 48  ASP A CB  1 
ATOM   197  C CG  . ASP A 1 48  ? 0.669   27.379  -13.477 1.00 67.14  ? 48  ASP A CG  1 
ATOM   198  O OD1 . ASP A 1 48  ? 1.534   26.988  -12.636 1.00 80.98  ? 48  ASP A OD1 1 
ATOM   199  O OD2 . ASP A 1 48  ? 0.342   28.573  -13.649 1.00 67.44  ? 48  ASP A OD2 1 
ATOM   200  N N   . ASP A 1 49  ? -0.549  23.166  -14.240 1.00 53.52  ? 49  ASP A N   1 
ATOM   201  C CA  . ASP A 1 49  ? -0.845  21.852  -14.897 1.00 52.79  ? 49  ASP A CA  1 
ATOM   202  C C   . ASP A 1 49  ? -2.095  21.237  -14.254 1.00 41.24  ? 49  ASP A C   1 
ATOM   203  O O   . ASP A 1 49  ? -3.046  20.865  -15.003 1.00 42.49  ? 49  ASP A O   1 
ATOM   204  C CB  . ASP A 1 49  ? 0.344   20.880  -14.837 1.00 60.07  ? 49  ASP A CB  1 
ATOM   205  C CG  . ASP A 1 49  ? 1.646   21.375  -15.461 1.00 64.84  ? 49  ASP A CG  1 
ATOM   206  O OD1 . ASP A 1 49  ? 1.576   22.071  -16.494 1.00 63.62  ? 49  ASP A OD1 1 
ATOM   207  O OD2 . ASP A 1 49  ? 2.732   21.048  -14.911 1.00 61.16  ? 49  ASP A OD2 1 
ATOM   208  N N   . LEU A 1 50  ? -2.140  21.197  -12.916 1.00 41.41  ? 50  LEU A N   1 
ATOM   209  C CA  . LEU A 1 50  ? -3.284  20.634  -12.137 1.00 34.92  ? 50  LEU A CA  1 
ATOM   210  C C   . LEU A 1 50  ? -4.554  21.433  -12.396 1.00 34.20  ? 50  LEU A C   1 
ATOM   211  O O   . LEU A 1 50  ? -5.609  20.846  -12.746 1.00 39.19  ? 50  LEU A O   1 
ATOM   212  C CB  . LEU A 1 50  ? -2.921  20.632  -10.653 1.00 37.55  ? 50  LEU A CB  1 
ATOM   213  C CG  . LEU A 1 50  ? -1.820  19.659  -10.250 1.00 41.27  ? 50  LEU A CG  1 
ATOM   214  C CD1 . LEU A 1 50  ? -1.587  19.709  -8.748  1.00 43.28  ? 50  LEU A CD1 1 
ATOM   215  C CD2 . LEU A 1 50  ? -2.178  18.248  -10.709 1.00 42.38  ? 50  LEU A CD2 1 
ATOM   216  N N   . ALA A 1 51  ? -4.480  22.761  -12.224 1.00 40.78  ? 51  ALA A N   1 
ATOM   217  C CA  . ALA A 1 51  ? -5.612  23.680  -12.489 1.00 40.30  ? 51  ALA A CA  1 
ATOM   218  C C   . ALA A 1 51  ? -6.086  23.457  -13.932 1.00 33.92  ? 51  ALA A C   1 
ATOM   219  O O   . ALA A 1 51  ? -7.269  23.193  -14.157 1.00 35.77  ? 51  ALA A O   1 
ATOM   220  C CB  . ALA A 1 51  ? -5.156  25.112  -12.247 1.00 37.30  ? 51  ALA A CB  1 
ATOM   221  N N   . LYS A 1 52  ? -5.168  23.555  -14.885 1.00 43.26  ? 52  LYS A N   1 
ATOM   222  C CA  . LYS A 1 52  ? -5.483  23.438  -16.332 1.00 48.59  ? 52  LYS A CA  1 
ATOM   223  C C   . LYS A 1 52  ? -6.193  22.103  -16.572 1.00 43.36  ? 52  LYS A C   1 
ATOM   224  O O   . LYS A 1 52  ? -7.299  22.088  -17.116 1.00 43.53  ? 52  LYS A O   1 
ATOM   225  C CB  . LYS A 1 52  ? -4.232  23.597  -17.158 1.00 50.42  ? 52  LYS A CB  1 
ATOM   226  N N   . GLY A 1 53  ? -5.623  20.989  -16.087 1.00 49.02  ? 53  GLY A N   1 
ATOM   227  C CA  . GLY A 1 53  ? -6.240  19.664  -16.304 1.00 39.90  ? 53  GLY A CA  1 
ATOM   228  C C   . GLY A 1 53  ? -7.590  19.561  -15.644 1.00 40.30  ? 53  GLY A C   1 
ATOM   229  O O   . GLY A 1 53  ? -8.446  18.798  -16.122 1.00 39.64  ? 53  GLY A O   1 
ATOM   230  N N   . ALA A 1 54  ? -7.801  20.244  -14.519 1.00 39.89  ? 54  ALA A N   1 
ATOM   231  C CA  . ALA A 1 54  ? -9.105  20.192  -13.819 1.00 39.78  ? 54  ALA A CA  1 
ATOM   232  C C   . ALA A 1 54  ? -10.049 21.288  -14.335 1.00 39.15  ? 54  ALA A C   1 
ATOM   233  O O   . ALA A 1 54  ? -11.222 21.301  -13.910 1.00 42.68  ? 54  ALA A O   1 
ATOM   234  C CB  . ALA A 1 54  ? -8.878  20.299  -12.324 1.00 47.78  ? 54  ALA A CB  1 
ATOM   235  N N   . GLY A 1 55  ? -9.583  22.147  -15.243 1.00 45.17  ? 55  GLY A N   1 
ATOM   236  C CA  . GLY A 1 55  ? -10.468 23.112  -15.944 1.00 43.03  ? 55  GLY A CA  1 
ATOM   237  C C   . GLY A 1 55  ? -10.898 24.230  -14.994 1.00 43.43  ? 55  GLY A C   1 
ATOM   238  O O   . GLY A 1 55  ? -12.102 24.576  -14.910 1.00 38.38  ? 55  GLY A O   1 
ATOM   239  N N   . ILE A 1 56  ? -9.955  24.679  -14.181 1.00 39.42  ? 56  ILE A N   1 
ATOM   240  C CA  . ILE A 1 56  ? -10.217 25.726  -13.151 1.00 39.66  ? 56  ILE A CA  1 
ATOM   241  C C   . ILE A 1 56  ? -9.033  26.640  -13.245 1.00 34.66  ? 56  ILE A C   1 
ATOM   242  O O   . ILE A 1 56  ? -8.032  26.202  -13.821 1.00 35.24  ? 56  ILE A O   1 
ATOM   243  C CB  . ILE A 1 56  ? -10.339 25.155  -11.719 1.00 34.56  ? 56  ILE A CB  1 
ATOM   244  C CG1 . ILE A 1 56  ? -9.082  24.383  -11.304 1.00 35.87  ? 56  ILE A CG1 1 
ATOM   245  C CG2 . ILE A 1 56  ? -11.629 24.348  -11.578 1.00 35.17  ? 56  ILE A CG2 1 
ATOM   246  C CD1 . ILE A 1 56  ? -9.071  23.927  -9.862  1.00 34.16  ? 56  ILE A CD1 1 
ATOM   247  N N   . SER A 1 57  ? -9.088  27.782  -12.572 1.00 33.02  ? 57  SER A N   1 
ATOM   248  C CA  . SER A 1 57  ? -7.948  28.710  -12.507 1.00 31.15  ? 57  SER A CA  1 
ATOM   249  C C   . SER A 1 57  ? -7.027  28.297  -11.375 1.00 35.11  ? 57  SER A C   1 
ATOM   250  O O   . SER A 1 57  ? -7.440  27.608  -10.432 1.00 33.47  ? 57  SER A O   1 
ATOM   251  C CB  . SER A 1 57  ? -8.441  30.125  -12.291 1.00 36.62  ? 57  SER A CB  1 
ATOM   252  O OG  . SER A 1 57  ? -8.933  30.228  -10.965 1.00 29.89  ? 57  SER A OG  1 
ATOM   253  N N   . ARG A 1 58  ? -5.825  28.810  -11.428 1.00 31.40  ? 58  ARG A N   1 
ATOM   254  C CA  . ARG A 1 58  ? -4.832  28.720  -10.352 1.00 35.26  ? 58  ARG A CA  1 
ATOM   255  C C   . ARG A 1 58  ? -5.388  29.173  -9.004  1.00 36.94  ? 58  ARG A C   1 
ATOM   256  O O   . ARG A 1 58  ? -5.252  28.459  -8.004  1.00 32.46  ? 58  ARG A O   1 
ATOM   257  C CB  . ARG A 1 58  ? -3.618  29.512  -10.844 1.00 44.94  ? 58  ARG A CB  1 
ATOM   258  C CG  . ARG A 1 58  ? -2.269  28.853  -10.635 1.00 51.34  ? 58  ARG A CG  1 
ATOM   259  C CD  . ARG A 1 58  ? -1.157  29.881  -10.782 1.00 59.10  ? 58  ARG A CD  1 
ATOM   260  N NE  . ARG A 1 58  ? -0.327  29.822  -9.588  1.00 59.15  ? 58  ARG A NE  1 
ATOM   261  C CZ  . ARG A 1 58  ? 0.738   29.036  -9.449  1.00 63.35  ? 58  ARG A CZ  1 
ATOM   262  N NH1 . ARG A 1 58  ? 1.138   28.261  -10.447 1.00 75.95  ? 58  ARG A NH1 1 
ATOM   263  N NH2 . ARG A 1 58  ? 1.420   29.043  -8.321  1.00 57.32  ? 58  ARG A NH2 1 
ATOM   264  N N   . PRO A 1 59  ? -5.976  30.392  -8.808  1.00 31.30  ? 59  PRO A N   1 
ATOM   265  C CA  . PRO A 1 59  ? -6.460  30.726  -7.473  1.00 28.10  ? 59  PRO A CA  1 
ATOM   266  C C   . PRO A 1 59  ? -7.598  29.795  -7.028  1.00 23.54  ? 59  PRO A C   1 
ATOM   267  O O   . PRO A 1 59  ? -7.707  29.519  -5.820  1.00 25.42  ? 59  PRO A O   1 
ATOM   268  C CB  . PRO A 1 59  ? -6.920  32.186  -7.596  1.00 30.11  ? 59  PRO A CB  1 
ATOM   269  C CG  . PRO A 1 59  ? -7.073  32.405  -9.028  1.00 31.14  ? 59  PRO A CG  1 
ATOM   270  C CD  . PRO A 1 59  ? -6.033  31.542  -9.728  1.00 35.98  ? 59  PRO A CD  1 
ATOM   271  N N   . THR A 1 60  ? -8.379  29.285  -7.982  1.00 24.88  ? 60  THR A N   1 
ATOM   272  C CA  . THR A 1 60  ? -9.497  28.376  -7.635  1.00 25.84  ? 60  THR A CA  1 
ATOM   273  C C   . THR A 1 60  ? -8.916  27.051  -7.101  1.00 27.46  ? 60  THR A C   1 
ATOM   274  O O   . THR A 1 60  ? -9.494  26.484  -6.149  1.00 28.44  ? 60  THR A O   1 
ATOM   275  C CB  . THR A 1 60  ? -10.458 28.156  -8.793  1.00 26.30  ? 60  THR A CB  1 
ATOM   276  O OG1 . THR A 1 60  ? -11.147 29.365  -9.095  1.00 25.78  ? 60  THR A OG1 1 
ATOM   277  C CG2 . THR A 1 60  ? -11.507 27.106  -8.458  1.00 27.63  ? 60  THR A CG2 1 
ATOM   278  N N   . PHE A 1 61  ? -7.816  26.603  -7.671  1.00 26.10  ? 61  PHE A N   1 
ATOM   279  C CA  . PHE A 1 61  ? -7.065  25.433  -7.144  1.00 27.05  ? 61  PHE A CA  1 
ATOM   280  C C   . PHE A 1 61  ? -6.759  25.624  -5.664  1.00 35.96  ? 61  PHE A C   1 
ATOM   281  O O   . PHE A 1 61  ? -6.958  24.687  -4.847  1.00 32.36  ? 61  PHE A O   1 
ATOM   282  C CB  . PHE A 1 61  ? -5.763  25.233  -7.907  1.00 28.14  ? 61  PHE A CB  1 
ATOM   283  C CG  . PHE A 1 61  ? -4.850  24.193  -7.288  1.00 26.72  ? 61  PHE A CG  1 
ATOM   284  C CD1 . PHE A 1 61  ? -3.920  24.539  -6.329  1.00 33.19  ? 61  PHE A CD1 1 
ATOM   285  C CD2 . PHE A 1 61  ? -4.917  22.875  -7.700  1.00 31.53  ? 61  PHE A CD2 1 
ATOM   286  C CE1 . PHE A 1 61  ? -3.090  23.587  -5.745  1.00 38.44  ? 61  PHE A CE1 1 
ATOM   287  C CE2 . PHE A 1 61  ? -4.075  21.925  -7.136  1.00 31.71  ? 61  PHE A CE2 1 
ATOM   288  C CZ  . PHE A 1 61  ? -3.182  22.267  -6.159  1.00 34.03  ? 61  PHE A CZ  1 
ATOM   289  N N   . TYR A 1 62  ? -6.233  26.809  -5.314  1.00 31.50  ? 62  TYR A N   1 
ATOM   290  C CA  . TYR A 1 62  ? -5.729  27.089  -3.950  1.00 32.79  ? 62  TYR A CA  1 
ATOM   291  C C   . TYR A 1 62  ? -6.906  27.089  -2.998  1.00 30.95  ? 62  TYR A C   1 
ATOM   292  O O   . TYR A 1 62  ? -6.710  26.933  -1.779  1.00 33.19  ? 62  TYR A O   1 
ATOM   293  C CB  . TYR A 1 62  ? -4.886  28.361  -3.950  1.00 31.85  ? 62  TYR A CB  1 
ATOM   294  C CG  . TYR A 1 62  ? -3.487  28.187  -4.479  1.00 34.73  ? 62  TYR A CG  1 
ATOM   295  C CD1 . TYR A 1 62  ? -2.573  27.407  -3.783  1.00 35.73  ? 62  TYR A CD1 1 
ATOM   296  C CD2 . TYR A 1 62  ? -3.093  28.721  -5.694  1.00 37.34  ? 62  TYR A CD2 1 
ATOM   297  C CE1 . TYR A 1 62  ? -1.288  27.233  -4.238  1.00 32.40  ? 62  TYR A CE1 1 
ATOM   298  C CE2 . TYR A 1 62  ? -1.806  28.529  -6.180  1.00 39.49  ? 62  TYR A CE2 1 
ATOM   299  C CZ  . TYR A 1 62  ? -0.904  27.781  -5.441  1.00 40.04  ? 62  TYR A CZ  1 
ATOM   300  O OH  . TYR A 1 62  ? 0.366   27.601  -5.879  1.00 42.92  ? 62  TYR A OH  1 
ATOM   301  N N   . PHE A 1 63  ? -8.114  27.209  -3.522  1.00 29.43  ? 63  PHE A N   1 
ATOM   302  C CA  . PHE A 1 63  ? -9.323  27.052  -2.689  1.00 32.03  ? 63  PHE A CA  1 
ATOM   303  C C   . PHE A 1 63  ? -9.404  25.607  -2.183  1.00 41.65  ? 63  PHE A C   1 
ATOM   304  O O   . PHE A 1 63  ? -9.675  25.453  -0.973  1.00 37.60  ? 63  PHE A O   1 
ATOM   305  C CB  . PHE A 1 63  ? -10.596 27.416  -3.422  1.00 34.48  ? 63  PHE A CB  1 
ATOM   306  C CG  . PHE A 1 63  ? -11.797 27.360  -2.521  1.00 38.05  ? 63  PHE A CG  1 
ATOM   307  C CD1 . PHE A 1 63  ? -11.969 28.292  -1.503  1.00 40.68  ? 63  PHE A CD1 1 
ATOM   308  C CD2 . PHE A 1 63  ? -12.725 26.350  -2.664  1.00 37.09  ? 63  PHE A CD2 1 
ATOM   309  C CE1 . PHE A 1 63  ? -13.050 28.214  -0.641  1.00 38.41  ? 63  PHE A CE1 1 
ATOM   310  C CE2 . PHE A 1 63  ? -13.832 26.288  -1.821  1.00 44.83  ? 63  PHE A CE2 1 
ATOM   311  C CZ  . PHE A 1 63  ? -13.987 27.218  -0.812  1.00 42.82  ? 63  PHE A CZ  1 
ATOM   312  N N   . TYR A 1 64  ? -9.212  24.612  -3.060  1.00 35.53  ? 64  TYR A N   1 
ATOM   313  C CA  . TYR A 1 64  ? -9.427  23.166  -2.745  1.00 34.97  ? 64  TYR A CA  1 
ATOM   314  C C   . TYR A 1 64  ? -8.178  22.579  -2.073  1.00 36.10  ? 64  TYR A C   1 
ATOM   315  O O   . TYR A 1 64  ? -8.387  21.672  -1.275  1.00 37.23  ? 64  TYR A O   1 
ATOM   316  C CB  . TYR A 1 64  ? -9.774  22.381  -4.009  1.00 34.59  ? 64  TYR A CB  1 
ATOM   317  C CG  . TYR A 1 64  ? -11.093 22.757  -4.586  1.00 34.60  ? 64  TYR A CG  1 
ATOM   318  C CD1 . TYR A 1 64  ? -12.254 22.325  -3.981  1.00 35.07  ? 64  TYR A CD1 1 
ATOM   319  C CD2 . TYR A 1 64  ? -11.187 23.621  -5.663  1.00 32.22  ? 64  TYR A CD2 1 
ATOM   320  C CE1 . TYR A 1 64  ? -13.493 22.695  -4.467  1.00 42.68  ? 64  TYR A CE1 1 
ATOM   321  C CE2 . TYR A 1 64  ? -12.415 23.990  -6.167  1.00 33.64  ? 64  TYR A CE2 1 
ATOM   322  C CZ  . TYR A 1 64  ? -13.568 23.570  -5.532  1.00 39.04  ? 64  TYR A CZ  1 
ATOM   323  O OH  . TYR A 1 64  ? -14.774 23.930  -6.023  1.00 47.95  ? 64  TYR A OH  1 
ATOM   324  N N   . PHE A 1 65  ? -6.953  23.026  -2.390  1.00 30.68  ? 65  PHE A N   1 
ATOM   325  C CA  . PHE A 1 65  ? -5.684  22.506  -1.808  1.00 35.18  ? 65  PHE A CA  1 
ATOM   326  C C   . PHE A 1 65  ? -4.642  23.615  -1.633  1.00 38.30  ? 65  PHE A C   1 
ATOM   327  O O   . PHE A 1 65  ? -4.474  24.465  -2.512  1.00 36.89  ? 65  PHE A O   1 
ATOM   328  C CB  . PHE A 1 65  ? -5.073  21.449  -2.759  1.00 34.05  ? 65  PHE A CB  1 
ATOM   329  C CG  . PHE A 1 65  ? -5.932  20.228  -2.964  1.00 32.23  ? 65  PHE A CG  1 
ATOM   330  C CD1 . PHE A 1 65  ? -5.841  19.153  -2.081  1.00 34.10  ? 65  PHE A CD1 1 
ATOM   331  C CD2 . PHE A 1 65  ? -6.781  20.112  -4.048  1.00 32.22  ? 65  PHE A CD2 1 
ATOM   332  C CE1 . PHE A 1 65  ? -6.646  18.034  -2.237  1.00 31.67  ? 65  PHE A CE1 1 
ATOM   333  C CE2 . PHE A 1 65  ? -7.558  18.981  -4.226  1.00 32.56  ? 65  PHE A CE2 1 
ATOM   334  C CZ  . PHE A 1 65  ? -7.466  17.930  -3.326  1.00 34.71  ? 65  PHE A CZ  1 
ATOM   335  N N   . PRO A 1 66  ? -3.878  23.646  -0.510  1.00 39.86  ? 66  PRO A N   1 
ATOM   336  C CA  . PRO A 1 66  ? -2.768  24.599  -0.358  1.00 39.71  ? 66  PRO A CA  1 
ATOM   337  C C   . PRO A 1 66  ? -1.532  24.404  -1.237  1.00 45.26  ? 66  PRO A C   1 
ATOM   338  O O   . PRO A 1 66  ? -0.764  25.335  -1.413  1.00 43.90  ? 66  PRO A O   1 
ATOM   339  C CB  . PRO A 1 66  ? -2.290  24.454  1.088   1.00 46.38  ? 66  PRO A CB  1 
ATOM   340  C CG  . PRO A 1 66  ? -3.223  23.449  1.753   1.00 49.00  ? 66  PRO A CG  1 
ATOM   341  C CD  . PRO A 1 66  ? -4.195  22.913  0.723   1.00 43.23  ? 66  PRO A CD  1 
ATOM   342  N N   . SER A 1 67  ? -1.308  23.192  -1.751  1.00 35.86  ? 67  SER A N   1 
ATOM   343  C CA  . SER A 1 67  ? -0.045  22.846  -2.446  1.00 40.44  ? 67  SER A CA  1 
ATOM   344  C C   . SER A 1 67  ? -0.290  21.591  -3.282  1.00 35.49  ? 67  SER A C   1 
ATOM   345  O O   . SER A 1 67  ? -1.288  20.896  -2.993  1.00 31.82  ? 67  SER A O   1 
ATOM   346  C CB  . SER A 1 67  ? 1.024   22.589  -1.440  1.00 40.57  ? 67  SER A CB  1 
ATOM   347  O OG  . SER A 1 67  ? 0.573   21.561  -0.581  1.00 37.86  ? 67  SER A OG  1 
ATOM   348  N N   . LYS A 1 68  ? 0.578   21.340  -4.249  1.00 38.33  ? 68  LYS A N   1 
ATOM   349  C CA  . LYS A 1 68  ? 0.541   20.068  -5.014  1.00 39.08  ? 68  LYS A CA  1 
ATOM   350  C C   . LYS A 1 68  ? 0.863   18.924  -4.046  1.00 40.24  ? 68  LYS A C   1 
ATOM   351  O O   . LYS A 1 68  ? 0.294   17.822  -4.244  1.00 34.41  ? 68  LYS A O   1 
ATOM   352  C CB  . LYS A 1 68  ? 1.460   20.191  -6.233  1.00 39.73  ? 68  LYS A CB  1 
ATOM   353  C CG  . LYS A 1 68  ? 2.927   20.395  -5.920  1.00 49.93  ? 68  LYS A CG  1 
ATOM   354  C CD  . LYS A 1 68  ? 3.763   20.740  -7.150  1.00 53.93  ? 68  LYS A CD  1 
ATOM   355  C CE  . LYS A 1 68  ? 5.193   21.079  -6.800  1.00 55.31  ? 68  LYS A CE  1 
ATOM   356  N NZ  . LYS A 1 68  ? 6.091   20.884  -7.959  1.00 59.20  ? 68  LYS A NZ  1 
ATOM   357  N N   . GLU A 1 69  ? 1.621   19.208  -2.976  1.00 40.34  ? 69  GLU A N   1 
ATOM   358  C CA  . GLU A 1 69  ? 2.002   18.236  -1.911  1.00 40.05  ? 69  GLU A CA  1 
ATOM   359  C C   . GLU A 1 69  ? 0.731   17.780  -1.207  1.00 42.70  ? 69  GLU A C   1 
ATOM   360  O O   . GLU A 1 69  ? 0.561   16.575  -0.967  1.00 35.43  ? 69  GLU A O   1 
ATOM   361  C CB  . GLU A 1 69  ? 3.007   18.811  -0.914  1.00 44.00  ? 69  GLU A CB  1 
ATOM   362  C CG  . GLU A 1 69  ? 4.412   18.973  -1.490  1.00 49.75  ? 69  GLU A CG  1 
ATOM   363  C CD  . GLU A 1 69  ? 4.629   20.171  -2.412  1.00 51.83  ? 69  GLU A CD  1 
ATOM   364  O OE1 . GLU A 1 69  ? 3.765   21.084  -2.437  1.00 45.11  ? 69  GLU A OE1 1 
ATOM   365  O OE2 . GLU A 1 69  ? 5.630   20.163  -3.147  1.00 54.99  ? 69  GLU A OE2 1 
ATOM   366  N N   . ALA A 1 70  ? -0.216  18.684  -0.979  1.00 37.34  ? 70  ALA A N   1 
ATOM   367  C CA  . ALA A 1 70  ? -1.484  18.311  -0.331  1.00 30.87  ? 70  ALA A CA  1 
ATOM   368  C C   . ALA A 1 70  ? -2.300  17.397  -1.248  1.00 27.84  ? 70  ALA A C   1 
ATOM   369  O O   . ALA A 1 70  ? -3.147  16.624  -0.741  1.00 28.97  ? 70  ALA A O   1 
ATOM   370  C CB  . ALA A 1 70  ? -2.279  19.539  0.044   1.00 34.55  ? 70  ALA A CB  1 
ATOM   371  N N   . VAL A 1 71  ? -2.207  17.588  -2.553  1.00 27.61  ? 71  VAL A N   1 
ATOM   372  C CA  . VAL A 1 71  ? -2.962  16.778  -3.541  1.00 27.06  ? 71  VAL A CA  1 
ATOM   373  C C   . VAL A 1 71  ? -2.434  15.337  -3.442  1.00 28.72  ? 71  VAL A C   1 
ATOM   374  O O   . VAL A 1 71  ? -3.288  14.390  -3.419  1.00 27.55  ? 71  VAL A O   1 
ATOM   375  C CB  . VAL A 1 71  ? -2.850  17.324  -4.965  1.00 30.28  ? 71  VAL A CB  1 
ATOM   376  C CG1 . VAL A 1 71  ? -3.478  16.404  -5.985  1.00 30.04  ? 71  VAL A CG1 1 
ATOM   377  C CG2 . VAL A 1 71  ? -3.498  18.697  -5.057  1.00 31.31  ? 71  VAL A CG2 1 
ATOM   378  N N   . LEU A 1 72  ? -1.124  15.203  -3.340  1.00 27.86  ? 72  LEU A N   1 
ATOM   379  C CA  . LEU A 1 72  ? -0.527  13.819  -3.268  1.00 29.90  ? 72  LEU A CA  1 
ATOM   380  C C   . LEU A 1 72  ? -0.934  13.121  -1.973  1.00 29.47  ? 72  LEU A C   1 
ATOM   381  O O   . LEU A 1 72  ? -1.350  11.932  -2.017  1.00 30.03  ? 72  LEU A O   1 
ATOM   382  C CB  . LEU A 1 72  ? 0.978   13.889  -3.407  1.00 29.95  ? 72  LEU A CB  1 
ATOM   383  C CG  . LEU A 1 72  ? 1.713   12.570  -3.146  1.00 30.02  ? 72  LEU A CG  1 
ATOM   384  C CD1 . LEU A 1 72  ? 1.235   11.531  -4.158  1.00 29.51  ? 72  LEU A CD1 1 
ATOM   385  C CD2 . LEU A 1 72  ? 3.206   12.810  -3.251  1.00 33.87  ? 72  LEU A CD2 1 
ATOM   386  N N   . LEU A 1 73  ? -0.925  13.836  -0.863  1.00 29.92  ? 73  LEU A N   1 
ATOM   387  C CA  . LEU A 1 73  ? -1.390  13.301  0.426   1.00 29.32  ? 73  LEU A CA  1 
ATOM   388  C C   . LEU A 1 73  ? -2.804  12.780  0.298   1.00 30.50  ? 73  LEU A C   1 
ATOM   389  O O   . LEU A 1 73  ? -3.095  11.661  0.767   1.00 27.98  ? 73  LEU A O   1 
ATOM   390  C CB  . LEU A 1 73  ? -1.265  14.362  1.523   1.00 31.02  ? 73  LEU A CB  1 
ATOM   391  C CG  . LEU A 1 73  ? -1.751  13.915  2.879   1.00 34.65  ? 73  LEU A CG  1 
ATOM   392  C CD1 . LEU A 1 73  ? -0.857  12.772  3.372   1.00 30.59  ? 73  LEU A CD1 1 
ATOM   393  C CD2 . LEU A 1 73  ? -1.725  15.087  3.872   1.00 38.19  ? 73  LEU A CD2 1 
ATOM   394  N N   . THR A 1 74  ? -3.704  13.510  -0.354  1.00 28.01  ? 74  THR A N   1 
ATOM   395  C CA  . THR A 1 74  ? -5.076  13.039  -0.492  1.00 25.06  ? 74  THR A CA  1 
ATOM   396  C C   . THR A 1 74  ? -5.130  11.808  -1.391  1.00 25.45  ? 74  THR A C   1 
ATOM   397  O O   . THR A 1 74  ? -5.911  10.926  -1.075  1.00 29.15  ? 74  THR A O   1 
ATOM   398  C CB  . THR A 1 74  ? -5.996  14.130  -1.081  1.00 31.19  ? 74  THR A CB  1 
ATOM   399  O OG1 . THR A 1 74  ? -5.866  15.262  -0.228  1.00 32.69  ? 74  THR A OG1 1 
ATOM   400  C CG2 . THR A 1 74  ? -7.415  13.646  -1.152  1.00 31.87  ? 74  THR A CG2 1 
ATOM   401  N N   . LEU A 1 75  ? -4.406  11.796  -2.518  1.00 25.90  ? 75  LEU A N   1 
ATOM   402  C CA  . LEU A 1 75  ? -4.366  10.617  -3.426  1.00 27.66  ? 75  LEU A CA  1 
ATOM   403  C C   . LEU A 1 75  ? -3.858  9.392   -2.635  1.00 25.36  ? 75  LEU A C   1 
ATOM   404  O O   . LEU A 1 75  ? -4.485  8.337   -2.759  1.00 26.18  ? 75  LEU A O   1 
ATOM   405  C CB  . LEU A 1 75  ? -3.422  10.861  -4.593  1.00 28.38  ? 75  LEU A CB  1 
ATOM   406  C CG  . LEU A 1 75  ? -3.995  11.698  -5.730  1.00 29.11  ? 75  LEU A CG  1 
ATOM   407  C CD1 . LEU A 1 75  ? -2.898  12.000  -6.715  1.00 34.00  ? 75  LEU A CD1 1 
ATOM   408  C CD2 . LEU A 1 75  ? -5.169  10.993  -6.398  1.00 32.54  ? 75  LEU A CD2 1 
ATOM   409  N N   . LEU A 1 76  ? -2.796  9.576   -1.863  1.00 24.56  ? 76  LEU A N   1 
ATOM   410  C CA  . LEU A 1 76  ? -2.192  8.433   -1.102  1.00 26.29  ? 76  LEU A CA  1 
ATOM   411  C C   . LEU A 1 76  ? -3.186  7.965   -0.065  1.00 29.34  ? 76  LEU A C   1 
ATOM   412  O O   . LEU A 1 76  ? -3.392  6.744   0.078   1.00 27.48  ? 76  LEU A O   1 
ATOM   413  C CB  . LEU A 1 76  ? -0.854  8.815   -0.496  1.00 29.28  ? 76  LEU A CB  1 
ATOM   414  C CG  . LEU A 1 76  ? -0.163  7.681   0.285   1.00 34.61  ? 76  LEU A CG  1 
ATOM   415  C CD1 . LEU A 1 76  ? 0.123   6.473   -0.603  1.00 32.43  ? 76  LEU A CD1 1 
ATOM   416  C CD2 . LEU A 1 76  ? 1.109   8.198   0.919   1.00 35.47  ? 76  LEU A CD2 1 
ATOM   417  N N   . ASP A 1 77  ? -3.863  8.896   0.601   1.00 27.96  ? 77  ASP A N   1 
ATOM   418  C CA  . ASP A 1 77  ? -4.882  8.552   1.616   1.00 27.75  ? 77  ASP A CA  1 
ATOM   419  C C   . ASP A 1 77  ? -5.979  7.707   0.974   1.00 29.12  ? 77  ASP A C   1 
ATOM   420  O O   . ASP A 1 77  ? -6.407  6.724   1.589   1.00 27.97  ? 77  ASP A O   1 
ATOM   421  C CB  . ASP A 1 77  ? -5.410  9.816   2.291   1.00 29.90  ? 77  ASP A CB  1 
ATOM   422  C CG  . ASP A 1 77  ? -6.418  9.488   3.364   1.00 40.66  ? 77  ASP A CG  1 
ATOM   423  O OD1 . ASP A 1 77  ? -5.981  9.106   4.454   1.00 47.41  ? 77  ASP A OD1 1 
ATOM   424  O OD2 . ASP A 1 77  ? -7.620  9.576   3.071   1.00 53.18  ? 77  ASP A OD2 1 
ATOM   425  N N   . ARG A 1 78  ? -6.426  8.055   -0.232  1.00 26.64  ? 78  ARG A N   1 
ATOM   426  C CA  . ARG A 1 78  ? -7.472  7.277   -0.917  1.00 30.49  ? 78  ARG A CA  1 
ATOM   427  C C   . ARG A 1 78  ? -6.979  5.848   -1.221  1.00 28.05  ? 78  ARG A C   1 
ATOM   428  O O   . ARG A 1 78  ? -7.745  4.889   -1.026  1.00 27.60  ? 78  ARG A O   1 
ATOM   429  C CB  . ARG A 1 78  ? -7.922  8.020   -2.177  1.00 37.73  ? 78  ARG A CB  1 
ATOM   430  C CG  . ARG A 1 78  ? -9.336  8.581   -2.045  1.00 55.15  ? 78  ARG A CG  1 
ATOM   431  C CD  . ARG A 1 78  ? -9.923  9.293   -3.270  1.00 61.04  ? 78  ARG A CD  1 
ATOM   432  N NE  . ARG A 1 78  ? -9.200  9.063   -4.523  1.00 65.18  ? 78  ARG A NE  1 
ATOM   433  C CZ  . ARG A 1 78  ? -9.436  9.698   -5.674  1.00 67.42  ? 78  ARG A CZ  1 
ATOM   434  N NH1 . ARG A 1 78  ? -10.408 10.594  -5.763  1.00 62.16  ? 78  ARG A NH1 1 
ATOM   435  N NH2 . ARG A 1 78  ? -8.699  9.422   -6.738  1.00 64.29  ? 78  ARG A NH2 1 
ATOM   436  N N   . VAL A 1 79  ? -5.756  5.720   -1.729  1.00 26.54  ? 79  VAL A N   1 
ATOM   437  C CA  . VAL A 1 79  ? -5.226  4.373   -2.141  1.00 27.84  ? 79  VAL A CA  1 
ATOM   438  C C   . VAL A 1 79  ? -5.040  3.516   -0.878  1.00 24.37  ? 79  VAL A C   1 
ATOM   439  O O   . VAL A 1 79  ? -5.433  2.381   -0.861  1.00 25.76  ? 79  VAL A O   1 
ATOM   440  C CB  . VAL A 1 79  ? -3.926  4.507   -2.960  1.00 28.12  ? 79  VAL A CB  1 
ATOM   441  C CG1 . VAL A 1 79  ? -3.317  3.137   -3.251  1.00 31.65  ? 79  VAL A CG1 1 
ATOM   442  C CG2 . VAL A 1 79  ? -4.190  5.254   -4.259  1.00 30.61  ? 79  VAL A CG2 1 
ATOM   443  N N   . VAL A 1 80  ? -4.500  4.087   0.182   1.00 22.72  ? 80  VAL A N   1 
ATOM   444  C CA  . VAL A 1 80  ? -4.225  3.349   1.444   1.00 26.16  ? 80  VAL A CA  1 
ATOM   445  C C   . VAL A 1 80  ? -5.536  2.891   2.076   1.00 27.26  ? 80  VAL A C   1 
ATOM   446  O O   . VAL A 1 80  ? -5.673  1.735   2.511   1.00 25.20  ? 80  VAL A O   1 
ATOM   447  C CB  . VAL A 1 80  ? -3.379  4.234   2.339   1.00 28.30  ? 80  VAL A CB  1 
ATOM   448  C CG1 . VAL A 1 80  ? -3.473  3.843   3.788   1.00 34.64  ? 80  VAL A CG1 1 
ATOM   449  C CG2 . VAL A 1 80  ? -1.940  4.305   1.824   1.00 30.55  ? 80  VAL A CG2 1 
ATOM   450  N N   . ASN A 1 81  ? -6.538  3.765   2.084   1.00 27.85  ? 81  ASN A N   1 
ATOM   451  C CA  . ASN A 1 81  ? -7.879  3.417   2.612   1.00 29.30  ? 81  ASN A CA  1 
ATOM   452  C C   . ASN A 1 81  ? -8.562  2.361   1.743   1.00 26.37  ? 81  ASN A C   1 
ATOM   453  O O   . ASN A 1 81  ? -9.274  1.503   2.290   1.00 29.41  ? 81  ASN A O   1 
ATOM   454  C CB  . ASN A 1 81  ? -8.646  4.709   2.864   1.00 33.16  ? 81  ASN A CB  1 
ATOM   455  C CG  . ASN A 1 81  ? -8.241  5.274   4.206   1.00 37.45  ? 81  ASN A CG  1 
ATOM   456  O OD1 . ASN A 1 81  ? -8.691  4.762   5.234   1.00 41.85  ? 81  ASN A OD1 1 
ATOM   457  N ND2 . ASN A 1 81  ? -7.360  6.267   4.229   1.00 38.73  ? 81  ASN A ND2 1 
ATOM   458  N N   . GLN A 1 82  ? -8.337  2.361   0.446   1.00 27.05  ? 82  GLN A N   1 
ATOM   459  C CA  . GLN A 1 82  ? -8.906  1.337   -0.447  1.00 24.48  ? 82  GLN A CA  1 
ATOM   460  C C   . GLN A 1 82  ? -8.321  -0.023  -0.083  1.00 24.44  ? 82  GLN A C   1 
ATOM   461  O O   . GLN A 1 82  ? -9.098  -0.985  0.003   1.00 23.25  ? 82  GLN A O   1 
ATOM   462  C CB  . GLN A 1 82  ? -8.625  1.685   -1.911  1.00 28.95  ? 82  GLN A CB  1 
ATOM   463  C CG  . GLN A 1 82  ? -9.288  0.757   -2.905  1.00 37.14  ? 82  GLN A CG  1 
ATOM   464  C CD  . GLN A 1 82  ? -8.899  1.043   -4.342  1.00 45.66  ? 82  GLN A CD  1 
ATOM   465  O OE1 . GLN A 1 82  ? -8.530  2.167   -4.708  1.00 51.22  ? 82  GLN A OE1 1 
ATOM   466  N NE2 . GLN A 1 82  ? -8.967  0.006   -5.163  1.00 50.90  ? 82  GLN A NE2 1 
ATOM   467  N N   . ALA A 1 83  ? -7.002  -0.095  0.144   1.00 22.08  ? 83  ALA A N   1 
ATOM   468  C CA  . ALA A 1 83  ? -6.356  -1.357  0.556   1.00 23.79  ? 83  ALA A CA  1 
ATOM   469  C C   . ALA A 1 83  ? -6.941  -1.772  1.905   1.00 20.88  ? 83  ALA A C   1 
ATOM   470  O O   . ALA A 1 83  ? -7.288  -2.926  2.100   1.00 23.92  ? 83  ALA A O   1 
ATOM   471  C CB  . ALA A 1 83  ? -4.852  -1.126  0.605   1.00 26.12  ? 83  ALA A CB  1 
ATOM   472  N N   . ASP A 1 84  ? -6.989  -0.832  2.845   1.00 24.12  ? 84  ASP A N   1 
ATOM   473  C CA  . ASP A 1 84  ? -7.392  -1.130  4.227   1.00 23.02  ? 84  ASP A CA  1 
ATOM   474  C C   . ASP A 1 84  ? -8.832  -1.648  4.182   1.00 25.95  ? 84  ASP A C   1 
ATOM   475  O O   . ASP A 1 84  ? -9.130  -2.619  4.848   1.00 23.82  ? 84  ASP A O   1 
ATOM   476  C CB  . ASP A 1 84  ? -7.256  0.105   5.100   1.00 26.31  ? 84  ASP A CB  1 
ATOM   477  C CG  . ASP A 1 84  ? -7.334  -0.257  6.567   1.00 32.97  ? 84  ASP A CG  1 
ATOM   478  O OD1 . ASP A 1 84  ? -6.590  -1.176  7.007   1.00 34.68  ? 84  ASP A OD1 1 
ATOM   479  O OD2 . ASP A 1 84  ? -8.241  0.243   7.175   1.00 35.22  ? 84  ASP A OD2 1 
ATOM   480  N N   . MET A 1 85  ? -9.717  -1.017  3.416   1.00 26.50  ? 85  MET A N   1 
ATOM   481  C CA  A MET A 1 85  ? -11.138 -1.445  3.334   0.67 29.99  ? 85  MET A CA  1 
ATOM   482  C CA  B MET A 1 85  ? -11.137 -1.465  3.398   0.33 29.90  ? 85  MET A CA  1 
ATOM   483  C C   . MET A 1 85  ? -11.231 -2.847  2.731   1.00 27.45  ? 85  MET A C   1 
ATOM   484  O O   . MET A 1 85  ? -12.038 -3.670  3.210   1.00 26.81  ? 85  MET A O   1 
ATOM   485  C CB  A MET A 1 85  ? -11.948 -0.424  2.514   0.67 31.04  ? 85  MET A CB  1 
ATOM   486  C CB  B MET A 1 85  ? -12.068 -0.442  2.728   0.33 33.33  ? 85  MET A CB  1 
ATOM   487  C CG  A MET A 1 85  ? -12.084 0.885   3.261   0.67 38.37  ? 85  MET A CG  1 
ATOM   488  C CG  B MET A 1 85  ? -12.558 0.653   3.697   0.33 39.37  ? 85  MET A CG  1 
ATOM   489  S SD  A MET A 1 85  ? -13.204 2.077   2.494   0.67 43.00  ? 85  MET A SD  1 
ATOM   490  S SD  B MET A 1 85  ? -13.405 0.039   5.192   0.33 44.74  ? 85  MET A SD  1 
ATOM   491  C CE  A MET A 1 85  ? -14.714 1.124   2.308   0.67 43.06  ? 85  MET A CE  1 
ATOM   492  C CE  B MET A 1 85  ? -14.218 1.526   5.780   0.33 43.43  ? 85  MET A CE  1 
ATOM   493  N N   . ALA A 1 86  ? -10.400 -3.154  1.727   1.00 24.88  ? 86  ALA A N   1 
ATOM   494  C CA  . ALA A 1 86  ? -10.422 -4.466  1.071   1.00 24.32  ? 86  ALA A CA  1 
ATOM   495  C C   . ALA A 1 86  ? -9.897  -5.513  2.063   1.00 24.83  ? 86  ALA A C   1 
ATOM   496  O O   . ALA A 1 86  ? -10.469 -6.588  2.177   1.00 23.85  ? 86  ALA A O   1 
ATOM   497  C CB  . ALA A 1 86  ? -9.601  -4.423  -0.184  1.00 27.43  ? 86  ALA A CB  1 
ATOM   498  N N   . LEU A 1 87  ? -8.884  -5.190  2.840   1.00 22.93  ? 87  LEU A N   1 
ATOM   499  C CA  A LEU A 1 87  ? -8.377  -6.147  3.863   0.50 24.58  ? 87  LEU A CA  1 
ATOM   500  C CA  B LEU A 1 87  ? -8.374  -6.132  3.876   0.50 25.07  ? 87  LEU A CA  1 
ATOM   501  C C   . LEU A 1 87  ? -9.441  -6.376  4.943   1.00 27.91  ? 87  LEU A C   1 
ATOM   502  O O   . LEU A 1 87  ? -9.617  -7.546  5.375   1.00 30.63  ? 87  LEU A O   1 
ATOM   503  C CB  A LEU A 1 87  ? -7.081  -5.613  4.466   0.50 24.48  ? 87  LEU A CB  1 
ATOM   504  C CB  B LEU A 1 87  ? -7.107  -5.549  4.488   0.50 25.67  ? 87  LEU A CB  1 
ATOM   505  C CG  A LEU A 1 87  ? -6.389  -6.579  5.426   0.50 26.18  ? 87  LEU A CG  1 
ATOM   506  C CG  B LEU A 1 87  ? -5.924  -5.557  3.536   0.50 28.02  ? 87  LEU A CG  1 
ATOM   507  C CD1 A LEU A 1 87  ? -6.004  -7.878  4.722   0.50 28.19  ? 87  LEU A CD1 1 
ATOM   508  C CD1 B LEU A 1 87  ? -4.886  -4.526  3.944   0.50 32.48  ? 87  LEU A CD1 1 
ATOM   509  C CD2 A LEU A 1 87  ? -5.164  -5.927  6.023   0.50 26.18  ? 87  LEU A CD2 1 
ATOM   510  C CD2 B LEU A 1 87  ? -5.324  -6.949  3.423   0.50 28.57  ? 87  LEU A CD2 1 
ATOM   511  N N   . GLN A 1 88  ? -10.116 -5.319  5.367   1.00 29.19  ? 88  GLN A N   1 
ATOM   512  C CA  A GLN A 1 88  ? -11.203 -5.394  6.387   0.50 30.76  ? 88  GLN A CA  1 
ATOM   513  C CA  B GLN A 1 88  ? -11.159 -5.456  6.424   0.50 31.31  ? 88  GLN A CA  1 
ATOM   514  C C   . GLN A 1 88  ? -12.280 -6.366  5.887   1.00 31.44  ? 88  GLN A C   1 
ATOM   515  O O   . GLN A 1 88  ? -12.723 -7.247  6.667   1.00 36.32  ? 88  GLN A O   1 
ATOM   516  C CB  A GLN A 1 88  ? -11.776 -3.993  6.637   0.50 33.64  ? 88  GLN A CB  1 
ATOM   517  C CB  B GLN A 1 88  ? -11.613 -4.078  6.927   0.50 35.74  ? 88  GLN A CB  1 
ATOM   518  C CG  A GLN A 1 88  ? -11.851 -3.627  8.110   0.50 37.70  ? 88  GLN A CG  1 
ATOM   519  C CG  B GLN A 1 88  ? -10.612 -3.392  7.855   0.50 40.78  ? 88  GLN A CG  1 
ATOM   520  C CD  A GLN A 1 88  ? -11.841 -2.132  8.303   0.50 42.45  ? 88  GLN A CD  1 
ATOM   521  C CD  B GLN A 1 88  ? -10.395 -4.093  9.181   0.50 45.93  ? 88  GLN A CD  1 
ATOM   522  O OE1 A GLN A 1 88  ? -11.132 -1.388  7.616   0.50 46.03  ? 88  GLN A OE1 1 
ATOM   523  O OE1 B GLN A 1 88  ? -11.333 -4.427  9.903   0.50 48.59  ? 88  GLN A OE1 1 
ATOM   524  N NE2 A GLN A 1 88  ? -12.631 -1.677  9.252   0.50 42.19  ? 88  GLN A NE2 1 
ATOM   525  N NE2 B GLN A 1 88  ? -9.134  -4.318  9.522   0.50 48.50  ? 88  GLN A NE2 1 
ATOM   526  N N   . THR A 1 89  ? -12.648 -6.259  4.604   1.00 31.50  ? 89  THR A N   1 
ATOM   527  C CA  . THR A 1 89  ? -13.656 -7.130  3.947   1.00 33.59  ? 89  THR A CA  1 
ATOM   528  C C   . THR A 1 89  ? -13.253 -8.602  4.050   1.00 41.68  ? 89  THR A C   1 
ATOM   529  O O   . THR A 1 89  ? -14.034 -9.490  4.520   1.00 41.24  ? 89  THR A O   1 
ATOM   530  C CB  . THR A 1 89  ? -13.893 -6.686  2.502   1.00 37.92  ? 89  THR A CB  1 
ATOM   531  O OG1 . THR A 1 89  ? -14.497 -5.396  2.608   1.00 39.62  ? 89  THR A OG1 1 
ATOM   532  C CG2 . THR A 1 89  ? -14.802 -7.609  1.720   1.00 40.18  ? 89  THR A CG2 1 
ATOM   533  N N   . LEU A 1 90  ? -12.030 -8.887  3.653   1.00 36.95  ? 90  LEU A N   1 
ATOM   534  C CA  . LEU A 1 90  ? -11.440 -10.231 3.790   1.00 33.96  ? 90  LEU A CA  1 
ATOM   535  C C   . LEU A 1 90  ? -11.399 -10.658 5.268   1.00 37.49  ? 90  LEU A C   1 
ATOM   536  O O   . LEU A 1 90  ? -11.798 -11.804 5.552   1.00 45.99  ? 90  LEU A O   1 
ATOM   537  C CB  . LEU A 1 90  ? -10.032 -10.093 3.186   1.00 36.11  ? 90  LEU A CB  1 
ATOM   538  C CG  . LEU A 1 90  ? -9.384  -11.331 2.597   1.00 42.00  ? 90  LEU A CG  1 
ATOM   539  C CD1 . LEU A 1 90  ? -10.355 -12.123 1.731   1.00 38.74  ? 90  LEU A CD1 1 
ATOM   540  C CD2 . LEU A 1 90  ? -8.151  -10.907 1.802   1.00 37.87  ? 90  LEU A CD2 1 
ATOM   541  N N   . ALA A 1 91  ? -10.884 -9.809  6.180   1.00 43.19  ? 91  ALA A N   1 
ATOM   542  C CA  . ALA A 1 91  ? -10.543 -10.173 7.588   1.00 50.45  ? 91  ALA A CA  1 
ATOM   543  C C   . ALA A 1 91  ? -11.786 -10.614 8.360   1.00 57.35  ? 91  ALA A C   1 
ATOM   544  O O   . ALA A 1 91  ? -11.620 -11.361 9.351   1.00 56.60  ? 91  ALA A O   1 
ATOM   545  C CB  . ALA A 1 91  ? -9.880  -9.039  8.333   1.00 48.42  ? 91  ALA A CB  1 
ATOM   546  N N   . GLU A 1 92  ? -12.955 -10.097 7.970   1.00 66.69  ? 92  GLU A N   1 
ATOM   547  C CA  . GLU A 1 92  ? -14.240 -10.270 8.693   1.00 73.07  ? 92  GLU A CA  1 
ATOM   548  C C   . GLU A 1 92  ? -15.081 -11.322 7.969   1.00 68.84  ? 92  GLU A C   1 
ATOM   549  O O   . GLU A 1 92  ? -16.152 -11.635 8.467   1.00 65.58  ? 92  GLU A O   1 
ATOM   550  C CB  . GLU A 1 92  ? -14.955 -8.922  8.823   1.00 74.29  ? 92  GLU A CB  1 
ATOM   551  C CG  . GLU A 1 92  ? -14.295 -7.983  9.825   1.00 79.86  ? 92  GLU A CG  1 
ATOM   552  C CD  . GLU A 1 92  ? -14.505 -6.502  9.548   1.00 87.45  ? 92  GLU A CD  1 
ATOM   553  O OE1 . GLU A 1 92  ? -15.460 -6.168  8.800   1.00 84.25  ? 92  GLU A OE1 1 
ATOM   554  O OE2 . GLU A 1 92  ? -13.705 -5.685  10.062  1.00 84.21  ? 92  GLU A OE2 1 
ATOM   555  N N   . ASN A 1 93  ? -14.588 -11.877 6.863   1.00 60.71  ? 93  ASN A N   1 
ATOM   556  C CA  . ASN A 1 93  ? -15.200 -13.080 6.238   1.00 66.95  ? 93  ASN A CA  1 
ATOM   557  C C   . ASN A 1 93  ? -14.621 -14.336 6.887   1.00 59.92  ? 93  ASN A C   1 
ATOM   558  O O   . ASN A 1 93  ? -13.619 -14.264 7.600   1.00 63.20  ? 93  ASN A O   1 
ATOM   559  C CB  . ASN A 1 93  ? -15.047 -13.067 4.714   1.00 60.22  ? 93  ASN A CB  1 
ATOM   560  C CG  . ASN A 1 93  ? -16.139 -12.244 4.080   1.00 66.79  ? 93  ASN A CG  1 
ATOM   561  O OD1 . ASN A 1 93  ? -16.476 -11.171 4.575   1.00 70.00  ? 93  ASN A OD1 1 
ATOM   562  N ND2 . ASN A 1 93  ? -16.728 -12.760 3.017   1.00 70.64  ? 93  ASN A ND2 1 
ATOM   563  N N   . PRO A 1 94  ? -15.244 -15.520 6.686   1.00 64.86  ? 94  PRO A N   1 
ATOM   564  C CA  . PRO A 1 94  ? -14.669 -16.781 7.161   1.00 65.68  ? 94  PRO A CA  1 
ATOM   565  C C   . PRO A 1 94  ? -13.237 -17.000 6.638   1.00 66.70  ? 94  PRO A C   1 
ATOM   566  O O   . PRO A 1 94  ? -12.950 -16.620 5.503   1.00 56.88  ? 94  PRO A O   1 
ATOM   567  C CB  . PRO A 1 94  ? -15.641 -17.855 6.638   1.00 63.99  ? 94  PRO A CB  1 
ATOM   568  C CG  . PRO A 1 94  ? -16.947 -17.113 6.498   1.00 66.37  ? 94  PRO A CG  1 
ATOM   569  C CD  . PRO A 1 94  ? -16.551 -15.721 6.040   1.00 66.05  ? 94  PRO A CD  1 
ATOM   570  N N   . ALA A 1 95  ? -12.382 -17.567 7.503   1.00 61.53  ? 95  ALA A N   1 
ATOM   571  C CA  . ALA A 1 95  ? -10.990 -17.983 7.215   1.00 62.31  ? 95  ALA A CA  1 
ATOM   572  C C   . ALA A 1 95  ? -11.013 -19.025 6.085   1.00 63.16  ? 95  ALA A C   1 
ATOM   573  O O   . ALA A 1 95  ? -11.758 -20.041 6.220   1.00 53.58  ? 95  ALA A O   1 
ATOM   574  C CB  . ALA A 1 95  ? -10.334 -18.529 8.468   1.00 59.98  ? 95  ALA A CB  1 
ATOM   575  N N   . ASP A 1 96  ? -10.247 -18.786 5.011   1.00 55.80  ? 96  ASP A N   1 
ATOM   576  C CA  . ASP A 1 96  ? -9.915  -19.832 4.009   1.00 53.91  ? 96  ASP A CA  1 
ATOM   577  C C   . ASP A 1 96  ? -9.315  -21.027 4.765   1.00 57.72  ? 96  ASP A C   1 
ATOM   578  O O   . ASP A 1 96  ? -8.329  -20.832 5.510   1.00 58.51  ? 96  ASP A O   1 
ATOM   579  C CB  . ASP A 1 96  ? -8.927  -19.349 2.944   1.00 50.66  ? 96  ASP A CB  1 
ATOM   580  C CG  . ASP A 1 96  ? -8.903  -20.232 1.700   1.00 51.64  ? 96  ASP A CG  1 
ATOM   581  O OD1 . ASP A 1 96  ? -9.127  -21.475 1.819   1.00 54.55  ? 96  ASP A OD1 1 
ATOM   582  O OD2 . ASP A 1 96  ? -8.694  -19.670 0.621   1.00 50.27  ? 96  ASP A OD2 1 
ATOM   583  N N   . THR A 1 97  ? -9.872  -22.222 4.570   1.00 54.66  ? 97  THR A N   1 
ATOM   584  C CA  . THR A 1 97  ? -9.402  -23.464 5.247   1.00 60.38  ? 97  THR A CA  1 
ATOM   585  C C   . THR A 1 97  ? -8.051  -23.924 4.663   1.00 59.12  ? 97  THR A C   1 
ATOM   586  O O   . THR A 1 97  ? -7.388  -24.712 5.371   1.00 66.41  ? 97  THR A O   1 
ATOM   587  C CB  . THR A 1 97  ? -10.489 -24.550 5.230   1.00 61.62  ? 97  THR A CB  1 
ATOM   588  O OG1 . THR A 1 97  ? -10.684 -24.952 3.877   1.00 54.53  ? 97  THR A OG1 1 
ATOM   589  C CG2 . THR A 1 97  ? -11.796 -24.072 5.830   1.00 62.37  ? 97  THR A CG2 1 
ATOM   590  N N   . ASP A 1 98  ? -7.635  -23.462 3.465   1.00 43.08  ? 98  ASP A N   1 
ATOM   591  C CA  . ASP A 1 98  ? -6.264  -23.709 2.926   1.00 41.56  ? 98  ASP A CA  1 
ATOM   592  C C   . ASP A 1 98  ? -5.359  -22.558 3.399   1.00 35.99  ? 98  ASP A C   1 
ATOM   593  O O   . ASP A 1 98  ? -5.607  -21.431 2.962   1.00 32.08  ? 98  ASP A O   1 
ATOM   594  C CB  . ASP A 1 98  ? -6.322  -23.861 1.411   1.00 42.94  ? 98  ASP A CB  1 
ATOM   595  C CG  . ASP A 1 98  ? -5.002  -23.864 0.634   1.00 51.69  ? 98  ASP A CG  1 
ATOM   596  O OD1 . ASP A 1 98  ? -3.944  -23.580 1.189   1.00 51.22  ? 98  ASP A OD1 1 
ATOM   597  O OD2 . ASP A 1 98  ? -5.067  -24.079 -0.571  1.00 61.47  ? 98  ASP A OD2 1 
ATOM   598  N N   . ARG A 1 99  ? -4.339  -22.831 4.224   1.00 33.46  ? 99  ARG A N   1 
ATOM   599  C CA  . ARG A 1 99  ? -3.587  -21.759 4.937   1.00 34.19  ? 99  ARG A CA  1 
ATOM   600  C C   . ARG A 1 99  ? -2.799  -20.935 3.909   1.00 31.15  ? 99  ARG A C   1 
ATOM   601  O O   . ARG A 1 99  ? -2.824  -19.702 4.020   1.00 34.08  ? 99  ARG A O   1 
ATOM   602  C CB  . ARG A 1 99  ? -2.719  -22.320 6.070   1.00 33.65  ? 99  ARG A CB  1 
ATOM   603  C CG  . ARG A 1 99  ? -1.532  -23.140 5.599   1.00 40.75  ? 99  ARG A CG  1 
ATOM   604  C CD  . ARG A 1 99  ? -0.992  -24.099 6.651   1.00 44.25  ? 99  ARG A CD  1 
ATOM   605  N NE  . ARG A 1 99  ? 0.260   -24.623 6.135   1.00 43.96  ? 99  ARG A NE  1 
ATOM   606  C CZ  . ARG A 1 99  ? 1.088   -25.437 6.797   1.00 49.71  ? 99  ARG A CZ  1 
ATOM   607  N NH1 . ARG A 1 99  ? 0.759   -25.878 7.993   1.00 47.45  ? 99  ARG A NH1 1 
ATOM   608  N NH2 . ARG A 1 99  ? 2.229   -25.823 6.243   1.00 50.06  ? 99  ARG A NH2 1 
ATOM   609  N N   . GLU A 1 100 ? -2.248  -21.575 2.880   1.00 30.85  ? 100 GLU A N   1 
ATOM   610  C CA  . GLU A 1 100 ? -1.436  -20.870 1.878   1.00 30.70  ? 100 GLU A CA  1 
ATOM   611  C C   . GLU A 1 100 ? -2.357  -19.909 1.131   1.00 33.12  ? 100 GLU A C   1 
ATOM   612  O O   . GLU A 1 100 ? -1.979  -18.779 0.883   1.00 26.47  ? 100 GLU A O   1 
ATOM   613  C CB  . GLU A 1 100 ? -0.779  -21.825 0.899   1.00 33.83  ? 100 GLU A CB  1 
ATOM   614  C CG  . GLU A 1 100 ? -0.070  -21.054 -0.193  1.00 36.88  ? 100 GLU A CG  1 
ATOM   615  C CD  . GLU A 1 100 ? 0.783   -21.886 -1.125  1.00 49.21  ? 100 GLU A CD  1 
ATOM   616  O OE1 . GLU A 1 100 ? 1.206   -22.987 -0.694  1.00 57.11  ? 100 GLU A OE1 1 
ATOM   617  O OE2 . GLU A 1 100 ? 1.015   -21.424 -2.284  1.00 46.97  ? 100 GLU A OE2 1 
ATOM   618  N N   . ASN A 1 101 ? -3.563  -20.361 0.790   1.00 30.24  ? 101 ASN A N   1 
ATOM   619  C CA  . ASN A 1 101 ? -4.525  -19.529 0.031   1.00 29.67  ? 101 ASN A CA  1 
ATOM   620  C C   . ASN A 1 101 ? -5.023  -18.368 0.895   1.00 24.84  ? 101 ASN A C   1 
ATOM   621  O O   . ASN A 1 101 ? -5.208  -17.248 0.379   1.00 31.62  ? 101 ASN A O   1 
ATOM   622  C CB  . ASN A 1 101 ? -5.648  -20.409 -0.566  1.00 32.03  ? 101 ASN A CB  1 
ATOM   623  C CG  . ASN A 1 101 ? -6.251  -19.703 -1.766  1.00 38.43  ? 101 ASN A CG  1 
ATOM   624  O OD1 . ASN A 1 101 ? -5.546  -19.413 -2.736  1.00 36.14  ? 101 ASN A OD1 1 
ATOM   625  N ND2 . ASN A 1 101 ? -7.531  -19.396 -1.688  1.00 36.65  ? 101 ASN A ND2 1 
ATOM   626  N N   . MET A 1 102 ? -5.155  -18.565 2.196   1.00 26.00  ? 102 MET A N   1 
ATOM   627  C CA  . MET A 1 102 ? -5.634  -17.523 3.113   1.00 27.07  ? 102 MET A CA  1 
ATOM   628  C C   . MET A 1 102 ? -4.626  -16.353 3.111   1.00 24.46  ? 102 MET A C   1 
ATOM   629  O O   . MET A 1 102 ? -5.030  -15.195 2.957   1.00 24.07  ? 102 MET A O   1 
ATOM   630  C CB  . MET A 1 102 ? -5.739  -18.073 4.536   1.00 32.24  ? 102 MET A CB  1 
ATOM   631  C CG  . MET A 1 102 ? -6.136  -17.018 5.542   1.00 35.85  ? 102 MET A CG  1 
ATOM   632  S SD  . MET A 1 102 ? -6.182  -17.717 7.233   1.00 43.61  ? 102 MET A SD  1 
ATOM   633  C CE  . MET A 1 102 ? -4.446  -17.800 7.682   1.00 42.51  ? 102 MET A CE  1 
ATOM   634  N N   . TRP A 1 103 ? -3.334  -16.665 3.201   1.00 24.98  ? 103 TRP A N   1 
ATOM   635  C CA  . TRP A 1 103 ? -2.263  -15.629 3.171   1.00 20.56  ? 103 TRP A CA  1 
ATOM   636  C C   . TRP A 1 103 ? -2.164  -15.015 1.774   1.00 21.97  ? 103 TRP A C   1 
ATOM   637  O O   . TRP A 1 103 ? -2.064  -13.791 1.675   1.00 22.16  ? 103 TRP A O   1 
ATOM   638  C CB  . TRP A 1 103 ? -0.927  -16.198 3.668   1.00 22.12  ? 103 TRP A CB  1 
ATOM   639  C CG  . TRP A 1 103 ? -0.956  -16.553 5.124   1.00 21.06  ? 103 TRP A CG  1 
ATOM   640  C CD1 . TRP A 1 103 ? -1.018  -17.806 5.655   1.00 25.11  ? 103 TRP A CD1 1 
ATOM   641  C CD2 . TRP A 1 103 ? -1.030  -15.652 6.236   1.00 23.30  ? 103 TRP A CD2 1 
ATOM   642  N NE1 . TRP A 1 103 ? -1.067  -17.744 7.021   1.00 24.51  ? 103 TRP A NE1 1 
ATOM   643  C CE2 . TRP A 1 103 ? -1.092  -16.446 7.415   1.00 23.89  ? 103 TRP A CE2 1 
ATOM   644  C CE3 . TRP A 1 103 ? -1.046  -14.258 6.368   1.00 23.00  ? 103 TRP A CE3 1 
ATOM   645  C CZ2 . TRP A 1 103 ? -1.067  -15.879 8.696   1.00 24.53  ? 103 TRP A CZ2 1 
ATOM   646  C CZ3 . TRP A 1 103 ? -1.151  -13.705 7.633   1.00 25.66  ? 103 TRP A CZ3 1 
ATOM   647  C CH2 . TRP A 1 103 ? -1.159  -14.504 8.772   1.00 24.31  ? 103 TRP A CH2 1 
ATOM   648  N N   . ARG A 1 104 ? -2.249  -15.818 0.739   1.00 20.24  ? 104 ARG A N   1 
ATOM   649  C CA  . ARG A 1 104 ? -2.073  -15.351 -0.633  1.00 22.05  ? 104 ARG A CA  1 
ATOM   650  C C   . ARG A 1 104 ? -3.182  -14.324 -0.928  1.00 22.21  ? 104 ARG A C   1 
ATOM   651  O O   . ARG A 1 104 ? -2.914  -13.301 -1.520  1.00 19.34  ? 104 ARG A O   1 
ATOM   652  C CB  . ARG A 1 104 ? -2.099  -16.523 -1.605  1.00 22.29  ? 104 ARG A CB  1 
ATOM   653  C CG  . ARG A 1 104 ? -1.945  -16.116 -3.059  1.00 24.14  ? 104 ARG A CG  1 
ATOM   654  C CD  . ARG A 1 104 ? -2.024  -17.303 -4.008  1.00 26.26  ? 104 ARG A CD  1 
ATOM   655  N NE  . ARG A 1 104 ? -0.949  -18.263 -3.786  1.00 30.14  ? 104 ARG A NE  1 
ATOM   656  C CZ  . ARG A 1 104 ? 0.299   -18.088 -4.266  1.00 33.75  ? 104 ARG A CZ  1 
ATOM   657  N NH1 . ARG A 1 104 ? 0.557   -17.120 -5.131  1.00 35.67  ? 104 ARG A NH1 1 
ATOM   658  N NH2 . ARG A 1 104 ? 1.241   -18.980 -4.022  1.00 31.93  ? 104 ARG A NH2 1 
ATOM   659  N N   . THR A 1 105 ? -4.432  -14.611 -0.553  1.00 22.32  ? 105 THR A N   1 
ATOM   660  C CA  . THR A 1 105 ? -5.553  -13.685 -0.847  1.00 22.20  ? 105 THR A CA  1 
ATOM   661  C C   . THR A 1 105 ? -5.303  -12.343 -0.166  1.00 21.93  ? 105 THR A C   1 
ATOM   662  O O   . THR A 1 105 ? -5.610  -11.314 -0.754  1.00 23.45  ? 105 THR A O   1 
ATOM   663  C CB  . THR A 1 105 ? -6.914  -14.315 -0.483  1.00 25.86  ? 105 THR A CB  1 
ATOM   664  O OG1 . THR A 1 105 ? -6.953  -15.571 -1.156  1.00 26.57  ? 105 THR A OG1 1 
ATOM   665  C CG2 . THR A 1 105 ? -8.085  -13.465 -0.938  1.00 28.58  ? 105 THR A CG2 1 
ATOM   666  N N   . GLY A 1 106 ? -4.825  -12.318 1.086   1.00 22.18  ? 106 GLY A N   1 
ATOM   667  C CA  . GLY A 1 106 ? -4.532  -11.087 1.801   1.00 22.75  ? 106 GLY A CA  1 
ATOM   668  C C   . GLY A 1 106 ? -3.367  -10.327 1.212   1.00 20.16  ? 106 GLY A C   1 
ATOM   669  O O   . GLY A 1 106 ? -3.494  -9.084  0.998   1.00 22.12  ? 106 GLY A O   1 
ATOM   670  N N   . ILE A 1 107 ? -2.244  -10.999 0.941   1.00 19.78  ? 107 ILE A N   1 
ATOM   671  C CA  . ILE A 1 107 ? -1.102  -10.287 0.293   1.00 20.59  ? 107 ILE A CA  1 
ATOM   672  C C   . ILE A 1 107 ? -1.562  -9.708  -1.057  1.00 18.82  ? 107 ILE A C   1 
ATOM   673  O O   . ILE A 1 107 ? -1.146  -8.597  -1.415  1.00 18.99  ? 107 ILE A O   1 
ATOM   674  C CB  . ILE A 1 107 ? 0.125   -11.200 0.161   1.00 21.37  ? 107 ILE A CB  1 
ATOM   675  C CG1 . ILE A 1 107 ? 0.627   -11.611 1.551   1.00 22.02  ? 107 ILE A CG1 1 
ATOM   676  C CG2 . ILE A 1 107 ? 1.179   -10.486 -0.660  1.00 20.60  ? 107 ILE A CG2 1 
ATOM   677  C CD1 . ILE A 1 107 ? 1.664   -12.688 1.478   1.00 27.98  ? 107 ILE A CD1 1 
ATOM   678  N N   . ASN A 1 108 ? -2.403  -10.425 -1.794  1.00 19.55  ? 108 ASN A N   1 
ATOM   679  C CA  . ASN A 1 108 ? -2.907  -10.009 -3.116  1.00 19.80  ? 108 ASN A CA  1 
ATOM   680  C C   . ASN A 1 108 ? -3.680  -8.686  -3.006  1.00 19.99  ? 108 ASN A C   1 
ATOM   681  O O   . ASN A 1 108 ? -3.688  -7.916  -3.987  1.00 20.57  ? 108 ASN A O   1 
ATOM   682  C CB  . ASN A 1 108 ? -3.744  -11.106 -3.778  1.00 20.43  ? 108 ASN A CB  1 
ATOM   683  C CG  . ASN A 1 108 ? -4.117  -10.728 -5.192  1.00 21.53  ? 108 ASN A CG  1 
ATOM   684  O OD1 . ASN A 1 108 ? -3.226  -10.551 -6.023  1.00 20.12  ? 108 ASN A OD1 1 
ATOM   685  N ND2 . ASN A 1 108 ? -5.418  -10.580 -5.455  1.00 23.05  ? 108 ASN A ND2 1 
ATOM   686  N N   . VAL A 1 109 ? -4.313  -8.384  -1.864  1.00 20.63  ? 109 VAL A N   1 
ATOM   687  C CA  . VAL A 1 109 ? -5.031  -7.088  -1.744  1.00 23.67  ? 109 VAL A CA  1 
ATOM   688  C C   . VAL A 1 109 ? -4.018  -5.949  -1.950  1.00 21.07  ? 109 VAL A C   1 
ATOM   689  O O   . VAL A 1 109 ? -4.303  -4.962  -2.635  1.00 21.88  ? 109 VAL A O   1 
ATOM   690  C CB  . VAL A 1 109 ? -5.714  -6.997  -0.370  1.00 27.18  ? 109 VAL A CB  1 
ATOM   691  C CG1 . VAL A 1 109 ? -6.073  -5.560  -0.039  1.00 29.00  ? 109 VAL A CG1 1 
ATOM   692  C CG2 . VAL A 1 109 ? -6.887  -7.968  -0.296  1.00 27.85  ? 109 VAL A CG2 1 
ATOM   693  N N   . PHE A 1 110 ? -2.834  -6.076  -1.380  1.00 21.93  ? 110 PHE A N   1 
ATOM   694  C CA  . PHE A 1 110 ? -1.786  -5.035  -1.456  1.00 21.64  ? 110 PHE A CA  1 
ATOM   695  C C   . PHE A 1 110 ? -1.202  -5.000  -2.860  1.00 20.88  ? 110 PHE A C   1 
ATOM   696  O O   . PHE A 1 110 ? -0.981  -3.937  -3.457  1.00 23.21  ? 110 PHE A O   1 
ATOM   697  C CB  . PHE A 1 110 ? -0.688  -5.342  -0.446  1.00 24.82  ? 110 PHE A CB  1 
ATOM   698  C CG  . PHE A 1 110 ? -1.142  -5.114  0.960   1.00 30.84  ? 110 PHE A CG  1 
ATOM   699  C CD1 . PHE A 1 110 ? -1.375  -3.826  1.403   1.00 37.96  ? 110 PHE A CD1 1 
ATOM   700  C CD2 . PHE A 1 110 ? -1.367  -6.178  1.807   1.00 34.73  ? 110 PHE A CD2 1 
ATOM   701  C CE1 . PHE A 1 110 ? -1.784  -3.592  2.704   1.00 44.27  ? 110 PHE A CE1 1 
ATOM   702  C CE2 . PHE A 1 110 ? -1.728  -5.942  3.124   1.00 48.14  ? 110 PHE A CE2 1 
ATOM   703  C CZ  . PHE A 1 110 ? -1.933  -4.655  3.564   1.00 52.30  ? 110 PHE A CZ  1 
ATOM   704  N N   . PHE A 1 111 ? -0.905  -6.196  -3.374  1.00 20.15  ? 111 PHE A N   1 
ATOM   705  C CA  . PHE A 1 111 ? -0.392  -6.342  -4.748  1.00 21.35  ? 111 PHE A CA  1 
ATOM   706  C C   . PHE A 1 111 ? -1.327  -5.652  -5.763  1.00 22.68  ? 111 PHE A C   1 
ATOM   707  O O   . PHE A 1 111 ? -0.855  -4.868  -6.592  1.00 22.87  ? 111 PHE A O   1 
ATOM   708  C CB  . PHE A 1 111 ? -0.205  -7.828  -5.030  1.00 22.98  ? 111 PHE A CB  1 
ATOM   709  C CG  . PHE A 1 111 ? 0.305   -8.126  -6.402  1.00 22.37  ? 111 PHE A CG  1 
ATOM   710  C CD1 . PHE A 1 111 ? 1.566   -7.753  -6.800  1.00 23.32  ? 111 PHE A CD1 1 
ATOM   711  C CD2 . PHE A 1 111 ? -0.497  -8.812  -7.302  1.00 29.78  ? 111 PHE A CD2 1 
ATOM   712  C CE1 . PHE A 1 111 ? 2.014   -8.059  -8.092  1.00 23.99  ? 111 PHE A CE1 1 
ATOM   713  C CE2 . PHE A 1 111 ? -0.043  -9.137  -8.579  1.00 30.12  ? 111 PHE A CE2 1 
ATOM   714  C CZ  . PHE A 1 111 ? 1.229   -8.776  -8.959  1.00 25.38  ? 111 PHE A CZ  1 
ATOM   715  N N   . GLU A 1 112 ? -2.622  -5.969  -5.724  1.00 21.12  ? 112 GLU A N   1 
ATOM   716  C CA  . GLU A 1 112 ? -3.579  -5.425  -6.711  1.00 22.36  ? 112 GLU A CA  1 
ATOM   717  C C   . GLU A 1 112 ? -3.836  -3.955  -6.414  1.00 24.51  ? 112 GLU A C   1 
ATOM   718  O O   . GLU A 1 112 ? -3.984  -3.170  -7.347  1.00 25.96  ? 112 GLU A O   1 
ATOM   719  C CB  . GLU A 1 112 ? -4.876  -6.229  -6.680  1.00 26.80  ? 112 GLU A CB  1 
ATOM   720  C CG  . GLU A 1 112 ? -4.684  -7.567  -7.385  1.00 30.16  ? 112 GLU A CG  1 
ATOM   721  C CD  . GLU A 1 112 ? -4.436  -7.434  -8.890  1.00 38.75  ? 112 GLU A CD  1 
ATOM   722  O OE1 . GLU A 1 112 ? -4.884  -6.398  -9.478  1.00 43.28  ? 112 GLU A OE1 1 
ATOM   723  O OE2 . GLU A 1 112 ? -3.764  -8.328  -9.469  1.00 39.49  ? 112 GLU A OE2 1 
ATOM   724  N N   . THR A 1 113 ? -3.962  -3.578  -5.151  1.00 22.60  ? 113 THR A N   1 
ATOM   725  C CA  . THR A 1 113 ? -4.407  -2.212  -4.844  1.00 23.66  ? 113 THR A CA  1 
ATOM   726  C C   . THR A 1 113 ? -3.279  -1.275  -5.197  1.00 25.38  ? 113 THR A C   1 
ATOM   727  O O   . THR A 1 113 ? -3.552  -0.274  -5.929  1.00 23.67  ? 113 THR A O   1 
ATOM   728  C CB  . THR A 1 113 ? -4.847  -1.985  -3.395  1.00 27.41  ? 113 THR A CB  1 
ATOM   729  O OG1 . THR A 1 113 ? -5.921  -2.886  -3.108  1.00 26.65  ? 113 THR A OG1 1 
ATOM   730  C CG2 . THR A 1 113 ? -5.268  -0.543  -3.166  1.00 31.61  ? 113 THR A CG2 1 
ATOM   731  N N   . PHE A 1 114 ? -2.062  -1.532  -4.706  1.00 22.88  ? 114 PHE A N   1 
ATOM   732  C CA  . PHE A 1 114 ? -0.945  -0.587  -4.942  1.00 22.16  ? 114 PHE A CA  1 
ATOM   733  C C   . PHE A 1 114 ? -0.494  -0.754  -6.388  1.00 23.92  ? 114 PHE A C   1 
ATOM   734  O O   . PHE A 1 114 ? -0.033  0.205   -7.033  1.00 23.31  ? 114 PHE A O   1 
ATOM   735  C CB  . PHE A 1 114 ? 0.147   -0.762  -3.902  1.00 22.13  ? 114 PHE A CB  1 
ATOM   736  C CG  . PHE A 1 114 ? -0.278  -0.235  -2.567  1.00 22.89  ? 114 PHE A CG  1 
ATOM   737  C CD1 . PHE A 1 114 ? -0.227  1.137   -2.301  1.00 29.09  ? 114 PHE A CD1 1 
ATOM   738  C CD2 . PHE A 1 114 ? -0.680  -1.102  -1.580  1.00 27.67  ? 114 PHE A CD2 1 
ATOM   739  C CE1 . PHE A 1 114 ? -0.667  1.630   -1.071  1.00 28.65  ? 114 PHE A CE1 1 
ATOM   740  C CE2 . PHE A 1 114 ? -1.111  -0.607  -0.348  1.00 29.65  ? 114 PHE A CE2 1 
ATOM   741  C CZ  . PHE A 1 114 ? -1.129  0.746   -0.110  1.00 27.99  ? 114 PHE A CZ  1 
ATOM   742  N N   . GLY A 1 115 ? -0.707  -1.950  -6.940  1.00 24.16  ? 115 GLY A N   1 
ATOM   743  C CA  . GLY A 1 115 ? -0.253  -2.248  -8.298  1.00 26.45  ? 115 GLY A CA  1 
ATOM   744  C C   . GLY A 1 115 ? -1.134  -1.573  -9.340  1.00 26.87  ? 115 GLY A C   1 
ATOM   745  O O   . GLY A 1 115 ? -0.678  -1.363  -10.464 1.00 31.21  ? 115 GLY A O   1 
ATOM   746  N N   . SER A 1 116 ? -2.329  -1.238  -8.945  1.00 26.58  ? 116 SER A N   1 
ATOM   747  C CA  . SER A 1 116 ? -3.339  -0.501  -9.745  1.00 30.67  ? 116 SER A CA  1 
ATOM   748  C C   . SER A 1 116 ? -3.143  1.001   -9.622  1.00 33.30  ? 116 SER A C   1 
ATOM   749  O O   . SER A 1 116 ? -3.859  1.741   -10.323 1.00 30.90  ? 116 SER A O   1 
ATOM   750  C CB  . SER A 1 116 ? -4.719  -0.905  -9.306  1.00 28.87  ? 116 SER A CB  1 
ATOM   751  O OG  . SER A 1 116 ? -4.911  -2.216  -9.774  1.00 37.80  ? 116 SER A OG  1 
ATOM   752  N N   . HIS A 1 117 ? -2.256  1.450   -8.747  1.00 27.45  ? 117 HIS A N   1 
ATOM   753  C CA  . HIS A 1 117 ? -1.986  2.893   -8.533  1.00 28.43  ? 117 HIS A CA  1 
ATOM   754  C C   . HIS A 1 117 ? -0.485  3.074   -8.388  1.00 26.95  ? 117 HIS A C   1 
ATOM   755  O O   . HIS A 1 117 ? -0.057  3.626   -7.378  1.00 26.08  ? 117 HIS A O   1 
ATOM   756  C CB  . HIS A 1 117 ? -2.763  3.411   -7.317  1.00 29.03  ? 117 HIS A CB  1 
ATOM   757  C CG  . HIS A 1 117 ? -4.237  3.292   -7.433  1.00 30.18  ? 117 HIS A CG  1 
ATOM   758  N ND1 . HIS A 1 117 ? -4.984  4.229   -8.106  1.00 35.57  ? 117 HIS A ND1 1 
ATOM   759  C CD2 . HIS A 1 117 ? -5.105  2.338   -7.015  1.00 33.21  ? 117 HIS A CD2 1 
ATOM   760  C CE1 . HIS A 1 117 ? -6.257  3.861   -8.095  1.00 35.08  ? 117 HIS A CE1 1 
ATOM   761  N NE2 . HIS A 1 117 ? -6.358  2.687   -7.462  1.00 37.12  ? 117 HIS A NE2 1 
ATOM   762  N N   . LYS A 1 118 ? 0.285   2.573   -9.360  1.00 30.39  ? 118 LYS A N   1 
ATOM   763  C CA  . LYS A 1 118 ? 1.761   2.587   -9.270  1.00 29.25  ? 118 LYS A CA  1 
ATOM   764  C C   . LYS A 1 118 ? 2.290   4.011   -9.172  1.00 28.81  ? 118 LYS A C   1 
ATOM   765  O O   . LYS A 1 118 ? 3.290   4.210   -8.472  1.00 28.58  ? 118 LYS A O   1 
ATOM   766  C CB  . LYS A 1 118 ? 2.434   1.928   -10.468 1.00 30.64  ? 118 LYS A CB  1 
ATOM   767  C CG  . LYS A 1 118 ? 2.203   0.439   -10.519 1.00 33.05  ? 118 LYS A CG  1 
ATOM   768  C CD  . LYS A 1 118 ? 2.821   -0.190  -11.714 1.00 35.41  ? 118 LYS A CD  1 
ATOM   769  C CE  . LYS A 1 118 ? 2.954   -1.678  -11.561 1.00 39.81  ? 118 LYS A CE  1 
ATOM   770  N NZ  . LYS A 1 118 ? 1.768   -2.410  -12.049 1.00 44.56  ? 118 LYS A NZ  1 
ATOM   771  N N   . ALA A 1 119 ? 1.722   4.955   -9.928  1.00 28.33  ? 119 ALA A N   1 
ATOM   772  C CA  . ALA A 1 119 ? 2.301   6.321   -9.969  1.00 28.68  ? 119 ALA A CA  1 
ATOM   773  C C   . ALA A 1 119 ? 2.108   6.964   -8.592  1.00 24.39  ? 119 ALA A C   1 
ATOM   774  O O   . ALA A 1 119 ? 3.013   7.599   -8.113  1.00 29.95  ? 119 ALA A O   1 
ATOM   775  C CB  . ALA A 1 119 ? 1.681   7.142   -11.075 1.00 34.52  ? 119 ALA A CB  1 
ATOM   776  N N   . VAL A 1 120 ? 0.952   6.777   -7.962  1.00 27.17  ? 120 VAL A N   1 
ATOM   777  C CA  . VAL A 1 120 ? 0.693   7.363   -6.628  1.00 28.13  ? 120 VAL A CA  1 
ATOM   778  C C   . VAL A 1 120 ? 1.572   6.647   -5.607  1.00 29.23  ? 120 VAL A C   1 
ATOM   779  O O   . VAL A 1 120 ? 2.090   7.297   -4.694  1.00 29.77  ? 120 VAL A O   1 
ATOM   780  C CB  . VAL A 1 120 ? -0.795  7.277   -6.265  1.00 26.59  ? 120 VAL A CB  1 
ATOM   781  C CG1 . VAL A 1 120 ? -1.038  7.530   -4.791  1.00 29.62  ? 120 VAL A CG1 1 
ATOM   782  C CG2 . VAL A 1 120 ? -1.604  8.234   -7.133  1.00 28.94  ? 120 VAL A CG2 1 
ATOM   783  N N   . THR A 1 121 ? 1.673   5.329   -5.729  1.00 29.62  ? 121 THR A N   1 
ATOM   784  C CA  . THR A 1 121 ? 2.564   4.509   -4.868  1.00 28.64  ? 121 THR A CA  1 
ATOM   785  C C   . THR A 1 121 ? 3.994   5.053   -4.915  1.00 27.78  ? 121 THR A C   1 
ATOM   786  O O   . THR A 1 121 ? 4.568   5.322   -3.828  1.00 30.91  ? 121 THR A O   1 
ATOM   787  C CB  . THR A 1 121 ? 2.538   3.035   -5.276  1.00 26.23  ? 121 THR A CB  1 
ATOM   788  O OG1 . THR A 1 121 ? 1.187   2.627   -5.116  1.00 28.60  ? 121 THR A OG1 1 
ATOM   789  C CG2 . THR A 1 121 ? 3.462   2.232   -4.391  1.00 33.65  ? 121 THR A CG2 1 
ATOM   790  N N   . ARG A 1 122 ? 4.554   5.177   -6.098  1.00 29.90  ? 122 ARG A N   1 
ATOM   791  C CA  . ARG A 1 122 ? 5.935   5.672   -6.298  1.00 32.11  ? 122 ARG A CA  1 
ATOM   792  C C   . ARG A 1 122 ? 6.086   7.069   -5.667  1.00 35.09  ? 122 ARG A C   1 
ATOM   793  O O   . ARG A 1 122 ? 7.008   7.286   -4.878  1.00 34.20  ? 122 ARG A O   1 
ATOM   794  C CB  . ARG A 1 122 ? 6.235   5.704   -7.791  1.00 40.96  ? 122 ARG A CB  1 
ATOM   795  C CG  . ARG A 1 122 ? 7.576   6.323   -8.146  1.00 54.16  ? 122 ARG A CG  1 
ATOM   796  C CD  . ARG A 1 122 ? 7.594   6.622   -9.641  1.00 66.64  ? 122 ARG A CD  1 
ATOM   797  N NE  . ARG A 1 122 ? 7.180   5.435   -10.391 1.00 75.95  ? 122 ARG A NE  1 
ATOM   798  C CZ  . ARG A 1 122 ? 8.000   4.472   -10.836 1.00 83.21  ? 122 ARG A CZ  1 
ATOM   799  N NH1 . ARG A 1 122 ? 9.311   4.547   -10.649 1.00 76.18  ? 122 ARG A NH1 1 
ATOM   800  N NH2 . ARG A 1 122 ? 7.496   3.438   -11.492 1.00 79.70  ? 122 ARG A NH2 1 
ATOM   801  N N   . ALA A 1 123 ? 5.189   8.001   -5.983  1.00 34.11  ? 123 ALA A N   1 
ATOM   802  C CA  . ALA A 1 123 ? 5.275   9.402   -5.496  1.00 31.77  ? 123 ALA A CA  1 
ATOM   803  C C   . ALA A 1 123 ? 5.096   9.450   -3.989  1.00 29.56  ? 123 ALA A C   1 
ATOM   804  O O   . ALA A 1 123 ? 5.831   10.157  -3.303  1.00 33.62  ? 123 ALA A O   1 
ATOM   805  C CB  . ALA A 1 123 ? 4.241   10.245  -6.203  1.00 32.61  ? 123 ALA A CB  1 
ATOM   806  N N   . GLY A 1 124 ? 4.165   8.676   -3.465  1.00 29.84  ? 124 GLY A N   1 
ATOM   807  C CA  . GLY A 1 124 ? 3.916   8.612   -2.022  1.00 31.03  ? 124 GLY A CA  1 
ATOM   808  C C   . GLY A 1 124 ? 5.122   8.060   -1.284  1.00 36.04  ? 124 GLY A C   1 
ATOM   809  O O   . GLY A 1 124 ? 5.481   8.605   -0.236  1.00 38.65  ? 124 GLY A O   1 
ATOM   810  N N   . GLN A 1 125 ? 5.757   7.003   -1.792  1.00 37.72  ? 125 GLN A N   1 
ATOM   811  C CA  . GLN A 1 125 ? 6.925   6.433   -1.066  1.00 44.77  ? 125 GLN A CA  1 
ATOM   812  C C   . GLN A 1 125 ? 8.037   7.500   -1.088  1.00 38.73  ? 125 GLN A C   1 
ATOM   813  O O   . GLN A 1 125 ? 8.634   7.751   -0.026  1.00 39.36  ? 125 GLN A O   1 
ATOM   814  C CB  . GLN A 1 125 ? 7.306   5.051   -1.616  1.00 50.32  ? 125 GLN A CB  1 
ATOM   815  C CG  . GLN A 1 125 ? 6.180   4.017   -1.468  1.00 60.26  ? 125 GLN A CG  1 
ATOM   816  C CD  . GLN A 1 125 ? 5.569   3.859   -0.085  1.00 65.34  ? 125 GLN A CD  1 
ATOM   817  O OE1 . GLN A 1 125 ? 6.259   3.555   0.890   1.00 56.78  ? 125 GLN A OE1 1 
ATOM   818  N NE2 . GLN A 1 125 ? 4.253   4.034   0.006   1.00 60.21  ? 125 GLN A NE2 1 
ATOM   819  N N   . ALA A 1 126 ? 8.218   8.206   -2.195  1.00 37.21  ? 126 ALA A N   1 
ATOM   820  C CA  . ALA A 1 126 ? 9.217   9.301   -2.304  1.00 41.05  ? 126 ALA A CA  1 
ATOM   821  C C   . ALA A 1 126 ? 8.895   10.388  -1.266  1.00 45.17  ? 126 ALA A C   1 
ATOM   822  O O   . ALA A 1 126 ? 9.797   10.804  -0.519  1.00 45.31  ? 126 ALA A O   1 
ATOM   823  C CB  . ALA A 1 126 ? 9.250   9.854   -3.709  1.00 39.12  ? 126 ALA A CB  1 
ATOM   824  N N   . ALA A 1 127 ? 7.626   10.779  -1.141  1.00 37.90  ? 127 ALA A N   1 
ATOM   825  C CA  . ALA A 1 127 ? 7.230   11.882  -0.239  1.00 38.13  ? 127 ALA A CA  1 
ATOM   826  C C   . ALA A 1 127 ? 7.467   11.517  1.224   1.00 41.11  ? 127 ALA A C   1 
ATOM   827  O O   . ALA A 1 127 ? 7.547   12.453  2.042   1.00 37.67  ? 127 ALA A O   1 
ATOM   828  C CB  . ALA A 1 127 ? 5.800   12.258  -0.476  1.00 36.55  ? 127 ALA A CB  1 
ATOM   829  N N   . ARG A 1 128 ? 7.548   10.232  1.598   1.00 36.12  ? 128 ARG A N   1 
ATOM   830  C CA  . ARG A 1 128 ? 7.749   9.901   3.033   1.00 38.32  ? 128 ARG A CA  1 
ATOM   831  C C   . ARG A 1 128 ? 8.975   10.641  3.586   1.00 40.68  ? 128 ARG A C   1 
ATOM   832  O O   . ARG A 1 128 ? 8.972   10.921  4.809   1.00 45.84  ? 128 ARG A O   1 
ATOM   833  C CB  . ARG A 1 128 ? 7.946   8.405   3.251   1.00 37.97  ? 128 ARG A CB  1 
ATOM   834  C CG  . ARG A 1 128 ? 6.648   7.630   3.118   1.00 39.19  ? 128 ARG A CG  1 
ATOM   835  C CD  . ARG A 1 128 ? 7.023   6.178   2.978   1.00 44.35  ? 128 ARG A CD  1 
ATOM   836  N NE  . ARG A 1 128 ? 7.544   5.708   4.241   1.00 40.38  ? 128 ARG A NE  1 
ATOM   837  C CZ  . ARG A 1 128 ? 8.004   4.488   4.437   1.00 46.74  ? 128 ARG A CZ  1 
ATOM   838  N NH1 . ARG A 1 128 ? 8.098   3.647   3.417   1.00 43.16  ? 128 ARG A NH1 1 
ATOM   839  N NH2 . ARG A 1 128 ? 8.387   4.137   5.650   1.00 45.56  ? 128 ARG A NH2 1 
ATOM   840  N N   . ALA A 1 129 ? 9.967   10.945  2.756   1.00 42.73  ? 129 ALA A N   1 
ATOM   841  C CA  . ALA A 1 129 ? 11.221  11.613  3.189   1.00 47.85  ? 129 ALA A CA  1 
ATOM   842  C C   . ALA A 1 129 ? 10.987  13.102  3.490   1.00 53.33  ? 129 ALA A C   1 
ATOM   843  O O   . ALA A 1 129 ? 11.713  13.655  4.322   1.00 52.22  ? 129 ALA A O   1 
ATOM   844  C CB  . ALA A 1 129 ? 12.295  11.418  2.154   1.00 46.46  ? 129 ALA A CB  1 
ATOM   845  N N   . THR A 1 130 ? 10.010  13.734  2.849   1.00 49.04  ? 130 THR A N   1 
ATOM   846  C CA  . THR A 1 130 ? 9.877   15.211  2.821   1.00 49.60  ? 130 THR A CA  1 
ATOM   847  C C   . THR A 1 130 ? 8.572   15.645  3.493   1.00 50.89  ? 130 THR A C   1 
ATOM   848  O O   . THR A 1 130 ? 8.455   16.833  3.785   1.00 58.07  ? 130 THR A O   1 
ATOM   849  C CB  . THR A 1 130 ? 10.036  15.675  1.373   1.00 52.25  ? 130 THR A CB  1 
ATOM   850  O OG1 . THR A 1 130 ? 8.928   15.177  0.626   1.00 53.42  ? 130 THR A OG1 1 
ATOM   851  C CG2 . THR A 1 130 ? 11.325  15.171  0.755   1.00 55.99  ? 130 THR A CG2 1 
ATOM   852  N N   . SER A 1 131 ? 7.628   14.732  3.749   1.00 40.90  ? 131 SER A N   1 
ATOM   853  C CA  . SER A 1 131 ? 6.302   15.043  4.335   1.00 40.44  ? 131 SER A CA  1 
ATOM   854  C C   . SER A 1 131 ? 6.071   14.202  5.591   1.00 47.68  ? 131 SER A C   1 
ATOM   855  O O   . SER A 1 131 ? 6.072   12.953  5.506   1.00 38.96  ? 131 SER A O   1 
ATOM   856  C CB  . SER A 1 131 ? 5.206   14.870  3.343   1.00 40.09  ? 131 SER A CB  1 
ATOM   857  O OG  . SER A 1 131 ? 3.953   14.929  3.997   1.00 36.01  ? 131 SER A OG  1 
ATOM   858  N N   . VAL A 1 132 ? 5.903   14.876  6.731   1.00 43.97  ? 132 VAL A N   1 
ATOM   859  C CA  . VAL A 1 132 ? 5.648   14.222  8.032   1.00 41.60  ? 132 VAL A CA  1 
ATOM   860  C C   . VAL A 1 132 ? 4.240   13.638  7.938   1.00 38.65  ? 132 VAL A C   1 
ATOM   861  O O   . VAL A 1 132 ? 3.985   12.605  8.577   1.00 37.56  ? 132 VAL A O   1 
ATOM   862  C CB  . VAL A 1 132 ? 5.804   15.211  9.207   1.00 48.71  ? 132 VAL A CB  1 
ATOM   863  C CG1 . VAL A 1 132 ? 5.391   14.612  10.543  1.00 53.20  ? 132 VAL A CG1 1 
ATOM   864  C CG2 . VAL A 1 132 ? 7.224   15.721  9.283   1.00 47.32  ? 132 VAL A CG2 1 
ATOM   865  N N   . GLU A 1 133 ? 3.331   14.282  7.205   1.00 36.48  ? 133 GLU A N   1 
ATOM   866  C CA  . GLU A 1 133 ? 1.953   13.746  7.104   1.00 37.79  ? 133 GLU A CA  1 
ATOM   867  C C   . GLU A 1 133 ? 2.021   12.450  6.295   1.00 30.62  ? 133 GLU A C   1 
ATOM   868  O O   . GLU A 1 133 ? 1.242   11.561  6.651   1.00 28.22  ? 133 GLU A O   1 
ATOM   869  C CB  . GLU A 1 133 ? 0.922   14.635  6.414   1.00 42.67  ? 133 GLU A CB  1 
ATOM   870  C CG  . GLU A 1 133 ? 0.417   15.784  7.259   1.00 50.89  ? 133 GLU A CG  1 
ATOM   871  C CD  . GLU A 1 133 ? 0.989   17.077  6.722   1.00 58.21  ? 133 GLU A CD  1 
ATOM   872  O OE1 . GLU A 1 133 ? 2.223   17.265  6.845   1.00 66.47  ? 133 GLU A OE1 1 
ATOM   873  O OE2 . GLU A 1 133 ? 0.222   17.824  6.078   1.00 71.18  ? 133 GLU A OE2 1 
ATOM   874  N N   . VAL A 1 134 ? 2.828   12.424  5.229   1.00 31.12  ? 134 VAL A N   1 
ATOM   875  C CA  . VAL A 1 134 ? 2.855   11.188  4.377   1.00 30.60  ? 134 VAL A CA  1 
ATOM   876  C C   . VAL A 1 134 ? 3.482   10.089  5.234   1.00 31.41  ? 134 VAL A C   1 
ATOM   877  O O   . VAL A 1 134 ? 2.877   9.009   5.329   1.00 28.34  ? 134 VAL A O   1 
ATOM   878  C CB  . VAL A 1 134 ? 3.562   11.391  3.033   1.00 30.39  ? 134 VAL A CB  1 
ATOM   879  C CG1 . VAL A 1 134 ? 3.840   10.092  2.320   1.00 30.13  ? 134 VAL A CG1 1 
ATOM   880  C CG2 . VAL A 1 134 ? 2.741   12.328  2.144   1.00 30.10  ? 134 VAL A CG2 1 
ATOM   881  N N   . ALA A 1 135 ? 4.627   10.379  5.848   1.00 31.06  ? 135 ALA A N   1 
ATOM   882  C CA  . ALA A 1 135 ? 5.307   9.412   6.751   1.00 34.28  ? 135 ALA A CA  1 
ATOM   883  C C   . ALA A 1 135 ? 4.302   8.936   7.804   1.00 31.72  ? 135 ALA A C   1 
ATOM   884  O O   . ALA A 1 135 ? 4.223   7.722   8.029   1.00 32.02  ? 135 ALA A O   1 
ATOM   885  C CB  . ALA A 1 135 ? 6.568   9.998   7.351   1.00 34.76  ? 135 ALA A CB  1 
ATOM   886  N N   . GLU A 1 136 ? 3.528   9.824   8.456   1.00 32.49  ? 136 GLU A N   1 
ATOM   887  C CA  . GLU A 1 136 ? 2.565   9.416   9.517   1.00 34.25  ? 136 GLU A CA  1 
ATOM   888  C C   . GLU A 1 136 ? 1.466   8.519   8.957   1.00 31.86  ? 136 GLU A C   1 
ATOM   889  O O   . GLU A 1 136 ? 1.033   7.577   9.634   1.00 30.71  ? 136 GLU A O   1 
ATOM   890  C CB  . GLU A 1 136 ? 1.797   10.577  10.158  1.00 45.50  ? 136 GLU A CB  1 
ATOM   891  C CG  . GLU A 1 136 ? 2.065   10.760  11.624  1.00 58.13  ? 136 GLU A CG  1 
ATOM   892  C CD  . GLU A 1 136 ? 3.189   11.753  11.845  1.00 70.60  ? 136 GLU A CD  1 
ATOM   893  O OE1 . GLU A 1 136 ? 4.182   11.669  11.079  1.00 67.16  ? 136 GLU A OE1 1 
ATOM   894  O OE2 . GLU A 1 136 ? 3.060   12.622  12.749  1.00 67.57  ? 136 GLU A OE2 1 
ATOM   895  N N   . LEU A 1 137 ? 0.949   8.852   7.780   1.00 28.68  ? 137 LEU A N   1 
ATOM   896  C CA  . LEU A 1 137 ? -0.132  8.066   7.177   1.00 25.35  ? 137 LEU A CA  1 
ATOM   897  C C   . LEU A 1 137 ? 0.389   6.648   6.932   1.00 23.58  ? 137 LEU A C   1 
ATOM   898  O O   . LEU A 1 137 ? -0.305  5.695   7.350   1.00 24.09  ? 137 LEU A O   1 
ATOM   899  C CB  . LEU A 1 137 ? -0.549  8.773   5.883   1.00 30.68  ? 137 LEU A CB  1 
ATOM   900  C CG  . LEU A 1 137 ? -1.543  8.048   4.994   1.00 34.07  ? 137 LEU A CG  1 
ATOM   901  C CD1 . LEU A 1 137 ? -2.885  7.860   5.683   1.00 36.97  ? 137 LEU A CD1 1 
ATOM   902  C CD2 . LEU A 1 137 ? -1.714  8.829   3.693   1.00 38.46  ? 137 LEU A CD2 1 
ATOM   903  N N   . TRP A 1 138 ? 1.524   6.538   6.285   1.00 23.81  ? 138 TRP A N   1 
ATOM   904  C CA  . TRP A 1 138 ? 2.132   5.235   5.922   1.00 24.36  ? 138 TRP A CA  1 
ATOM   905  C C   . TRP A 1 138 ? 2.393   4.465   7.225   1.00 23.95  ? 138 TRP A C   1 
ATOM   906  O O   . TRP A 1 138 ? 1.974   3.315   7.363   1.00 23.72  ? 138 TRP A O   1 
ATOM   907  C CB  . TRP A 1 138 ? 3.379   5.404   5.065   1.00 27.02  ? 138 TRP A CB  1 
ATOM   908  C CG  . TRP A 1 138 ? 3.738   4.057   4.550   1.00 27.67  ? 138 TRP A CG  1 
ATOM   909  C CD1 . TRP A 1 138 ? 4.731   3.248   4.990   1.00 29.71  ? 138 TRP A CD1 1 
ATOM   910  C CD2 . TRP A 1 138 ? 2.963   3.275   3.628   1.00 29.91  ? 138 TRP A CD2 1 
ATOM   911  N NE1 . TRP A 1 138 ? 4.679   2.046   4.344   1.00 29.81  ? 138 TRP A NE1 1 
ATOM   912  C CE2 . TRP A 1 138 ? 3.614   2.038   3.496   1.00 30.59  ? 138 TRP A CE2 1 
ATOM   913  C CE3 . TRP A 1 138 ? 1.847   3.543   2.836   1.00 32.44  ? 138 TRP A CE3 1 
ATOM   914  C CZ2 . TRP A 1 138 ? 3.144   1.032   2.652   1.00 31.70  ? 138 TRP A CZ2 1 
ATOM   915  C CZ3 . TRP A 1 138 ? 1.412   2.575   1.962   1.00 35.95  ? 138 TRP A CZ3 1 
ATOM   916  C CH2 . TRP A 1 138 ? 2.045   1.337   1.883   1.00 32.04  ? 138 TRP A CH2 1 
ATOM   917  N N   . SER A 1 139 ? 2.993   5.106   8.211   1.00 25.22  ? 139 SER A N   1 
ATOM   918  C CA  . SER A 1 139 ? 3.295   4.445   9.497   1.00 26.92  ? 139 SER A CA  1 
ATOM   919  C C   . SER A 1 139 ? 2.028   3.925   10.176  1.00 24.68  ? 139 SER A C   1 
ATOM   920  O O   . SER A 1 139 ? 2.060   2.821   10.719  1.00 24.67  ? 139 SER A O   1 
ATOM   921  C CB  . SER A 1 139 ? 4.170   5.321   10.364  1.00 30.96  ? 139 SER A CB  1 
ATOM   922  O OG  . SER A 1 139 ? 4.190   4.810   11.671  1.00 36.59  ? 139 SER A OG  1 
ATOM   923  N N   . THR A 1 140 ? 0.940   4.705   10.253  1.00 23.90  ? 140 THR A N   1 
ATOM   924  C CA  . THR A 1 140 ? -0.311  4.305   10.908  1.00 23.99  ? 140 THR A CA  1 
ATOM   925  C C   . THR A 1 140 ? -0.847  3.039   10.284  1.00 22.83  ? 140 THR A C   1 
ATOM   926  O O   . THR A 1 140 ? -1.263  2.158   11.008  1.00 23.26  ? 140 THR A O   1 
ATOM   927  C CB  . THR A 1 140 ? -1.387  5.408   10.769  1.00 27.44  ? 140 THR A CB  1 
ATOM   928  O OG1 . THR A 1 140 ? -0.777  6.447   11.515  1.00 35.11  ? 140 THR A OG1 1 
ATOM   929  C CG2 . THR A 1 140 ? -2.732  5.081   11.355  1.00 34.78  ? 140 THR A CG2 1 
ATOM   930  N N   . PHE A 1 141 ? -0.942  3.019   8.951   1.00 22.35  ? 141 PHE A N   1 
ATOM   931  C CA  . PHE A 1 141 ? -1.500  1.871   8.218   1.00 21.92  ? 141 PHE A CA  1 
ATOM   932  C C   . PHE A 1 141 ? -0.552  0.668   8.377   1.00 21.50  ? 141 PHE A C   1 
ATOM   933  O O   . PHE A 1 141 ? -1.117  -0.401  8.513   1.00 20.58  ? 141 PHE A O   1 
ATOM   934  C CB  . PHE A 1 141 ? -1.808  2.256   6.785   1.00 25.47  ? 141 PHE A CB  1 
ATOM   935  C CG  . PHE A 1 141 ? -3.132  3.008   6.801   1.00 28.48  ? 141 PHE A CG  1 
ATOM   936  C CD1 . PHE A 1 141 ? -4.330  2.314   6.843   1.00 30.05  ? 141 PHE A CD1 1 
ATOM   937  C CD2 . PHE A 1 141 ? -3.149  4.383   7.040   1.00 34.43  ? 141 PHE A CD2 1 
ATOM   938  C CE1 . PHE A 1 141 ? -5.541  2.996   6.925   1.00 34.07  ? 141 PHE A CE1 1 
ATOM   939  C CE2 . PHE A 1 141 ? -4.357  5.062   7.145   1.00 36.68  ? 141 PHE A CE2 1 
ATOM   940  C CZ  . PHE A 1 141 ? -5.550  4.367   7.081   1.00 32.81  ? 141 PHE A CZ  1 
ATOM   941  N N   . MET A 1 142 ? 0.749   0.863   8.282   1.00 21.64  ? 142 MET A N   1 
ATOM   942  C CA  . MET A 1 142 ? 1.685   -0.309  8.455   1.00 21.17  ? 142 MET A CA  1 
ATOM   943  C C   . MET A 1 142 ? 1.482   -0.920  9.859   1.00 20.96  ? 142 MET A C   1 
ATOM   944  O O   . MET A 1 142 ? 1.410   -2.183  10.019  1.00 21.28  ? 142 MET A O   1 
ATOM   945  C CB  . MET A 1 142 ? 3.119   0.103   8.216   1.00 21.48  ? 142 MET A CB  1 
ATOM   946  C CG  . MET A 1 142 ? 3.466   0.391   6.777   1.00 24.16  ? 142 MET A CG  1 
ATOM   947  S SD  . MET A 1 142 ? 3.292   -1.113  5.732   1.00 27.66  ? 142 MET A SD  1 
ATOM   948  C CE  . MET A 1 142 ? 4.750   -2.040  6.286   1.00 27.69  ? 142 MET A CE  1 
ATOM   949  N N   . GLN A 1 143 ? 1.333   -0.091  10.885  1.00 21.87  ? 143 GLN A N   1 
ATOM   950  C CA  . GLN A 1 143 ? 1.160   -0.576  12.267  1.00 21.53  ? 143 GLN A CA  1 
ATOM   951  C C   . GLN A 1 143 ? -0.144  -1.375  12.322  1.00 19.76  ? 143 GLN A C   1 
ATOM   952  O O   . GLN A 1 143 ? -0.164  -2.441  12.923  1.00 20.05  ? 143 GLN A O   1 
ATOM   953  C CB  . GLN A 1 143 ? 1.153   0.571   13.262  1.00 22.52  ? 143 GLN A CB  1 
ATOM   954  C CG  . GLN A 1 143 ? 2.500   1.252   13.419  1.00 29.33  ? 143 GLN A CG  1 
ATOM   955  C CD  . GLN A 1 143 ? 2.329   2.411   14.386  1.00 44.62  ? 143 GLN A CD  1 
ATOM   956  O OE1 . GLN A 1 143 ? 2.697   3.548   14.104  1.00 49.33  ? 143 GLN A OE1 1 
ATOM   957  N NE2 . GLN A 1 143 ? 1.687   2.148   15.512  1.00 43.08  ? 143 GLN A NE2 1 
ATOM   958  N N   . LYS A 1 144 ? -1.226  -0.913  11.673  1.00 18.84  ? 144 LYS A N   1 
ATOM   959  C CA  . LYS A 1 144 ? -2.493  -1.645  11.687  1.00 21.19  ? 144 LYS A CA  1 
ATOM   960  C C   . LYS A 1 144 ? -2.354  -3.029  11.041  1.00 18.76  ? 144 LYS A C   1 
ATOM   961  O O   . LYS A 1 144 ? -2.873  -4.000  11.581  1.00 21.40  ? 144 LYS A O   1 
ATOM   962  C CB  . LYS A 1 144 ? -3.582  -0.816  10.983  1.00 25.76  ? 144 LYS A CB  1 
ATOM   963  C CG  . LYS A 1 144 ? -4.919  -1.528  10.973  1.00 30.20  ? 144 LYS A CG  1 
ATOM   964  C CD  . LYS A 1 144 ? -6.059  -0.656  10.414  1.00 33.99  ? 144 LYS A CD  1 
ATOM   965  C CE  . LYS A 1 144 ? -7.362  -1.444  10.330  1.00 40.81  ? 144 LYS A CE  1 
ATOM   966  N NZ  . LYS A 1 144 ? -8.446  -0.594  9.782   1.00 49.30  ? 144 LYS A NZ  1 
ATOM   967  N N   . TRP A 1 145 ? -1.742  -3.072  9.850   1.00 20.25  ? 145 TRP A N   1 
ATOM   968  C CA  . TRP A 1 145 ? -1.573  -4.303  9.024   1.00 23.56  ? 145 TRP A CA  1 
ATOM   969  C C   . TRP A 1 145 ? -0.641  -5.282  9.762   1.00 19.80  ? 145 TRP A C   1 
ATOM   970  O O   . TRP A 1 145 ? -0.894  -6.509  9.732   1.00 19.72  ? 145 TRP A O   1 
ATOM   971  C CB  . TRP A 1 145 ? -1.067  -3.895  7.622   1.00 24.61  ? 145 TRP A CB  1 
ATOM   972  C CG  . TRP A 1 145 ? -1.993  -2.950  6.914   1.00 29.82  ? 145 TRP A CG  1 
ATOM   973  C CD1 . TRP A 1 145 ? -3.356  -2.939  7.101   1.00 25.37  ? 145 TRP A CD1 1 
ATOM   974  C CD2 . TRP A 1 145 ? -1.700  -1.985  5.862   1.00 28.13  ? 145 TRP A CD2 1 
ATOM   975  N NE1 . TRP A 1 145 ? -3.923  -2.001  6.304   1.00 30.09  ? 145 TRP A NE1 1 
ATOM   976  C CE2 . TRP A 1 145 ? -2.951  -1.421  5.501   1.00 29.49  ? 145 TRP A CE2 1 
ATOM   977  C CE3 . TRP A 1 145 ? -0.528  -1.472  5.253   1.00 29.08  ? 145 TRP A CE3 1 
ATOM   978  C CZ2 . TRP A 1 145 ? -3.056  -0.426  4.507   1.00 27.57  ? 145 TRP A CZ2 1 
ATOM   979  C CZ3 . TRP A 1 145 ? -0.636  -0.471  4.292   1.00 29.29  ? 145 TRP A CZ3 1 
ATOM   980  C CH2 . TRP A 1 145 ? -1.884  0.030   3.933   1.00 29.47  ? 145 TRP A CH2 1 
ATOM   981  N N   . ILE A 1 146 ? 0.395   -4.749  10.414  1.00 20.10  ? 146 ILE A N   1 
ATOM   982  C CA  . ILE A 1 146 ? 1.327   -5.613  11.212  1.00 19.55  ? 146 ILE A CA  1 
ATOM   983  C C   . ILE A 1 146 ? 0.536   -6.188  12.387  1.00 19.20  ? 146 ILE A C   1 
ATOM   984  O O   . ILE A 1 146 ? 0.626   -7.386  12.662  1.00 18.92  ? 146 ILE A O   1 
ATOM   985  C CB  . ILE A 1 146 ? 2.550   -4.808  11.674  1.00 16.69  ? 146 ILE A CB  1 
ATOM   986  C CG1 . ILE A 1 146 ? 3.442   -4.558  10.449  1.00 18.27  ? 146 ILE A CG1 1 
ATOM   987  C CG2 . ILE A 1 146 ? 3.328   -5.556  12.773  1.00 18.10  ? 146 ILE A CG2 1 
ATOM   988  C CD1 . ILE A 1 146 ? 4.545   -3.585  10.681  1.00 19.02  ? 146 ILE A CD1 1 
ATOM   989  N N   . ALA A 1 147 ? -0.302  -5.375  13.017  1.00 19.12  ? 147 ALA A N   1 
ATOM   990  C CA  . ALA A 1 147 ? -1.029  -5.823  14.230  1.00 20.89  ? 147 ALA A CA  1 
ATOM   991  C C   . ALA A 1 147 ? -1.989  -6.940  13.805  1.00 21.07  ? 147 ALA A C   1 
ATOM   992  O O   . ALA A 1 147 ? -2.108  -7.952  14.511  1.00 22.52  ? 147 ALA A O   1 
ATOM   993  C CB  . ALA A 1 147 ? -1.719  -4.651  14.890  1.00 23.88  ? 147 ALA A CB  1 
ATOM   994  N N   . TYR A 1 148 ? -2.600  -6.762  12.663  1.00 22.86  ? 148 TYR A N   1 
ATOM   995  C CA  . TYR A 1 148 ? -3.590  -7.743  12.159  1.00 24.79  ? 148 TYR A CA  1 
ATOM   996  C C   . TYR A 1 148 ? -2.875  -9.041  11.776  1.00 21.49  ? 148 TYR A C   1 
ATOM   997  O O   . TYR A 1 148 ? -3.351  -10.105 12.113  1.00 21.89  ? 148 TYR A O   1 
ATOM   998  C CB  . TYR A 1 148 ? -4.382  -7.195  10.990  1.00 27.36  ? 148 TYR A CB  1 
ATOM   999  C CG  . TYR A 1 148 ? -5.404  -8.222  10.615  1.00 31.78  ? 148 TYR A CG  1 
ATOM   1000 C CD1 . TYR A 1 148 ? -6.428  -8.517  11.510  1.00 40.08  ? 148 TYR A CD1 1 
ATOM   1001 C CD2 . TYR A 1 148 ? -5.286  -8.999  9.472   1.00 40.41  ? 148 TYR A CD2 1 
ATOM   1002 C CE1 . TYR A 1 148 ? -7.371  -9.493  11.240  1.00 40.58  ? 148 TYR A CE1 1 
ATOM   1003 C CE2 . TYR A 1 148 ? -6.227  -9.984  9.195   1.00 39.17  ? 148 TYR A CE2 1 
ATOM   1004 C CZ  . TYR A 1 148 ? -7.260  -10.233 10.082  1.00 42.14  ? 148 TYR A CZ  1 
ATOM   1005 O OH  . TYR A 1 148 ? -8.170  -11.223 9.846   1.00 49.78  ? 148 TYR A OH  1 
ATOM   1006 N N   . THR A 1 149 ? -1.724  -8.944  11.111  1.00 19.96  ? 149 THR A N   1 
ATOM   1007 C CA  . THR A 1 149 ? -0.909  -10.107 10.739  1.00 19.57  ? 149 THR A CA  1 
ATOM   1008 C C   . THR A 1 149 ? -0.584  -10.888 12.022  1.00 17.93  ? 149 THR A C   1 
ATOM   1009 O O   . THR A 1 149 ? -0.732  -12.126 12.051  1.00 19.90  ? 149 THR A O   1 
ATOM   1010 C CB  . THR A 1 149 ? 0.367   -9.691  9.985   1.00 18.49  ? 149 THR A CB  1 
ATOM   1011 O OG1 . THR A 1 149 ? 0.027   -9.023  8.765   1.00 22.44  ? 149 THR A OG1 1 
ATOM   1012 C CG2 . THR A 1 149 ? 1.233   -10.872 9.658   1.00 19.55  ? 149 THR A CG2 1 
ATOM   1013 N N   . ALA A 1 150 ? -0.077  -10.201 13.032  1.00 19.55  ? 150 ALA A N   1 
ATOM   1014 C CA  . ALA A 1 150 ? 0.339   -10.811 14.304  1.00 21.31  ? 150 ALA A CA  1 
ATOM   1015 C C   . ALA A 1 150 ? -0.871  -11.535 14.957  1.00 21.22  ? 150 ALA A C   1 
ATOM   1016 O O   . ALA A 1 150 ? -0.653  -12.600 15.505  1.00 22.00  ? 150 ALA A O   1 
ATOM   1017 C CB  . ALA A 1 150 ? 0.941   -9.804  15.231  1.00 20.70  ? 150 ALA A CB  1 
ATOM   1018 N N   . ALA A 1 151 ? -2.018  -10.901 14.978  1.00 23.21  ? 151 ALA A N   1 
ATOM   1019 C CA  . ALA A 1 151 ? -3.271  -11.478 15.538  1.00 27.61  ? 151 ALA A CA  1 
ATOM   1020 C C   . ALA A 1 151 ? -3.613  -12.772 14.809  1.00 27.25  ? 151 ALA A C   1 
ATOM   1021 O O   . ALA A 1 151 ? -3.974  -13.779 15.502  1.00 29.88  ? 151 ALA A O   1 
ATOM   1022 C CB  . ALA A 1 151 ? -4.396  -10.475 15.457  1.00 26.96  ? 151 ALA A CB  1 
ATOM   1023 N N   . VAL A 1 152 ? -3.463  -12.815 13.493  1.00 25.77  ? 152 VAL A N   1 
ATOM   1024 C CA  . VAL A 1 152 ? -3.797  -14.063 12.743  1.00 26.80  ? 152 VAL A CA  1 
ATOM   1025 C C   . VAL A 1 152 ? -2.730  -15.118 13.076  1.00 26.83  ? 152 VAL A C   1 
ATOM   1026 O O   . VAL A 1 152 ? -3.090  -16.294 13.282  1.00 24.46  ? 152 VAL A O   1 
ATOM   1027 C CB  . VAL A 1 152 ? -3.965  -13.795 11.244  1.00 29.94  ? 152 VAL A CB  1 
ATOM   1028 C CG1 . VAL A 1 152 ? -4.161  -15.100 10.463  1.00 28.36  ? 152 VAL A CG1 1 
ATOM   1029 C CG2 . VAL A 1 152 ? -5.127  -12.818 10.997  1.00 34.33  ? 152 VAL A CG2 1 
ATOM   1030 N N   . ILE A 1 153 ? -1.445  -14.767 13.096  1.00 20.76  ? 153 ILE A N   1 
ATOM   1031 C CA  . ILE A 1 153 ? -0.404  -15.748 13.493  1.00 21.88  ? 153 ILE A CA  1 
ATOM   1032 C C   . ILE A 1 153 ? -0.752  -16.332 14.874  1.00 22.79  ? 153 ILE A C   1 
ATOM   1033 O O   . ILE A 1 153 ? -0.635  -17.524 15.065  1.00 26.47  ? 153 ILE A O   1 
ATOM   1034 C CB  . ILE A 1 153 ? 0.989   -15.091 13.427  1.00 21.89  ? 153 ILE A CB  1 
ATOM   1035 C CG1 . ILE A 1 153 ? 1.362   -14.756 11.970  1.00 20.62  ? 153 ILE A CG1 1 
ATOM   1036 C CG2 . ILE A 1 153 ? 2.031   -15.969 14.077  1.00 21.06  ? 153 ILE A CG2 1 
ATOM   1037 C CD1 . ILE A 1 153 ? 2.574   -13.843 11.875  1.00 19.73  ? 153 ILE A CD1 1 
ATOM   1038 N N   . ASP A 1 154 ? -1.039  -15.480 15.838  1.00 24.37  ? 154 ASP A N   1 
ATOM   1039 C CA  . ASP A 1 154 ? -1.387  -15.897 17.218  1.00 27.66  ? 154 ASP A CA  1 
ATOM   1040 C C   . ASP A 1 154 ? -2.578  -16.854 17.237  1.00 29.86  ? 154 ASP A C   1 
ATOM   1041 O O   . ASP A 1 154 ? -2.525  -17.878 17.977  1.00 31.75  ? 154 ASP A O   1 
ATOM   1042 C CB  . ASP A 1 154 ? -1.669  -14.667 18.055  1.00 30.55  ? 154 ASP A CB  1 
ATOM   1043 C CG  . ASP A 1 154 ? -0.377  -14.137 18.612  1.00 35.74  ? 154 ASP A CG  1 
ATOM   1044 O OD1 . ASP A 1 154 ? 0.601   -14.938 18.725  1.00 43.89  ? 154 ASP A OD1 1 
ATOM   1045 O OD2 . ASP A 1 154 ? -0.329  -12.922 18.892  1.00 55.79  ? 154 ASP A OD2 1 
ATOM   1046 N N   . ALA A 1 155 ? -3.571  -16.563 16.438  1.00 30.66  ? 155 ALA A N   1 
ATOM   1047 C CA  . ALA A 1 155 ? -4.779  -17.415 16.370  1.00 35.03  ? 155 ALA A CA  1 
ATOM   1048 C C   . ALA A 1 155 ? -4.401  -18.757 15.740  1.00 34.67  ? 155 ALA A C   1 
ATOM   1049 O O   . ALA A 1 155 ? -4.820  -19.780 16.300  1.00 34.56  ? 155 ALA A O   1 
ATOM   1050 C CB  . ALA A 1 155 ? -5.862  -16.711 15.625  1.00 32.99  ? 155 ALA A CB  1 
ATOM   1051 N N   . GLU A 1 156 ? -3.549  -18.786 14.703  1.00 27.26  ? 156 GLU A N   1 
ATOM   1052 C CA  . GLU A 1 156 ? -3.029  -20.029 14.112  1.00 27.08  ? 156 GLU A CA  1 
ATOM   1053 C C   . GLU A 1 156 ? -2.254  -20.844 15.157  1.00 28.48  ? 156 GLU A C   1 
ATOM   1054 O O   . GLU A 1 156 ? -2.355  -22.114 15.141  1.00 31.12  ? 156 GLU A O   1 
ATOM   1055 C CB  . GLU A 1 156 ? -2.131  -19.765 12.906  1.00 28.42  ? 156 GLU A CB  1 
ATOM   1056 C CG  . GLU A 1 156 ? -2.859  -19.264 11.681  1.00 28.70  ? 156 GLU A CG  1 
ATOM   1057 C CD  . GLU A 1 156 ? -3.766  -20.287 11.015  1.00 34.75  ? 156 GLU A CD  1 
ATOM   1058 O OE1 . GLU A 1 156 ? -4.865  -20.449 11.540  1.00 32.10  ? 156 GLU A OE1 1 
ATOM   1059 O OE2 . GLU A 1 156 ? -3.304  -20.991 10.070  1.00 29.52  ? 156 GLU A OE2 1 
ATOM   1060 N N   . ARG A 1 157 ? -1.446  -20.201 15.997  1.00 24.30  ? 157 ARG A N   1 
ATOM   1061 C CA  . ARG A 1 157 ? -0.711  -20.933 17.045  1.00 24.91  ? 157 ARG A CA  1 
ATOM   1062 C C   . ARG A 1 157 ? -1.708  -21.507 18.091  1.00 27.76  ? 157 ARG A C   1 
ATOM   1063 O O   . ARG A 1 157 ? -1.478  -22.623 18.568  1.00 30.90  ? 157 ARG A O   1 
ATOM   1064 C CB  . ARG A 1 157 ? 0.292   -20.009 17.704  1.00 25.41  ? 157 ARG A CB  1 
ATOM   1065 C CG  . ARG A 1 157 ? 1.404   -19.597 16.744  1.00 23.15  ? 157 ARG A CG  1 
ATOM   1066 C CD  . ARG A 1 157 ? 2.292   -18.535 17.316  1.00 23.39  ? 157 ARG A CD  1 
ATOM   1067 N NE  . ARG A 1 157 ? 3.386   -18.320 16.402  1.00 22.44  ? 157 ARG A NE  1 
ATOM   1068 C CZ  . ARG A 1 157 ? 4.443   -17.570 16.687  1.00 23.76  ? 157 ARG A CZ  1 
ATOM   1069 N NH1 . ARG A 1 157 ? 4.495   -16.922 17.841  1.00 24.66  ? 157 ARG A NH1 1 
ATOM   1070 N NH2 . ARG A 1 157 ? 5.427   -17.465 15.819  1.00 22.57  ? 157 ARG A NH2 1 
ATOM   1071 N N   . ASP A 1 158 ? -2.721  -20.761 18.470  1.00 32.19  ? 158 ASP A N   1 
ATOM   1072 C CA  . ASP A 1 158 ? -3.723  -21.212 19.481  1.00 37.09  ? 158 ASP A CA  1 
ATOM   1073 C C   . ASP A 1 158 ? -4.487  -22.431 18.937  1.00 43.86  ? 158 ASP A C   1 
ATOM   1074 O O   . ASP A 1 158 ? -4.747  -23.380 19.715  1.00 41.88  ? 158 ASP A O   1 
ATOM   1075 C CB  . ASP A 1 158 ? -4.677  -20.074 19.835  1.00 37.85  ? 158 ASP A CB  1 
ATOM   1076 C CG  . ASP A 1 158 ? -4.041  -18.962 20.652  1.00 45.97  ? 158 ASP A CG  1 
ATOM   1077 O OD1 . ASP A 1 158 ? -2.944  -19.200 21.221  1.00 48.92  ? 158 ASP A OD1 1 
ATOM   1078 O OD2 . ASP A 1 158 ? -4.647  -17.857 20.709  1.00 52.30  ? 158 ASP A OD2 1 
ATOM   1079 N N   . ARG A 1 159 ? -4.801  -22.429 17.644  1.00 36.64  ? 159 ARG A N   1 
ATOM   1080 C CA  . ARG A 1 159 ? -5.481  -23.549 16.937  1.00 38.96  ? 159 ARG A CA  1 
ATOM   1081 C C   . ARG A 1 159 ? -4.553  -24.759 16.790  1.00 37.87  ? 159 ARG A C   1 
ATOM   1082 O O   . ARG A 1 159 ? -5.046  -25.820 16.412  1.00 41.66  ? 159 ARG A O   1 
ATOM   1083 C CB  A ARG A 1 159 ? -6.056  -23.021 15.621  0.50 37.81  ? 159 ARG A CB  1 
ATOM   1084 C CB  B ARG A 1 159 ? -5.989  -23.053 15.572  0.50 42.76  ? 159 ARG A CB  1 
ATOM   1085 C CG  A ARG A 1 159 ? -7.119  -21.965 15.878  0.50 40.07  ? 159 ARG A CG  1 
ATOM   1086 C CG  B ARG A 1 159 ? -6.746  -24.080 14.738  0.50 52.25  ? 159 ARG A CG  1 
ATOM   1087 C CD  A ARG A 1 159 ? -7.952  -21.616 14.672  0.50 44.00  ? 159 ARG A CD  1 
ATOM   1088 C CD  B ARG A 1 159 ? -7.403  -23.492 13.493  0.50 52.66  ? 159 ARG A CD  1 
ATOM   1089 N NE  A ARG A 1 159 ? -7.227  -20.736 13.802  0.50 45.02  ? 159 ARG A NE  1 
ATOM   1090 N NE  B ARG A 1 159 ? -6.455  -23.037 12.480  0.50 50.81  ? 159 ARG A NE  1 
ATOM   1091 C CZ  A ARG A 1 159 ? -7.507  -19.452 13.614  0.50 43.78  ? 159 ARG A CZ  1 
ATOM   1092 C CZ  B ARG A 1 159 ? -6.014  -23.805 11.496  0.50 51.83  ? 159 ARG A CZ  1 
ATOM   1093 N NH1 A ARG A 1 159 ? -8.536  -18.881 14.213  0.50 40.97  ? 159 ARG A NH1 1 
ATOM   1094 N NH1 B ARG A 1 159 ? -6.415  -25.059 11.413  0.50 51.81  ? 159 ARG A NH1 1 
ATOM   1095 N NH2 A ARG A 1 159 ? -6.765  -18.756 12.782  0.50 32.26  ? 159 ARG A NH2 1 
ATOM   1096 N NH2 B ARG A 1 159 ? -5.149  -23.342 10.619  0.50 52.69  ? 159 ARG A NH2 1 
ATOM   1097 N N   . GLY A 1 160 ? -3.259  -24.638 17.073  1.00 35.10  ? 160 GLY A N   1 
ATOM   1098 C CA  . GLY A 1 160 ? -2.267  -25.697 16.862  1.00 33.23  ? 160 GLY A CA  1 
ATOM   1099 C C   . GLY A 1 160 ? -1.879  -25.836 15.393  1.00 34.22  ? 160 GLY A C   1 
ATOM   1100 O O   . GLY A 1 160 ? -1.215  -26.815 15.055  1.00 34.92  ? 160 GLY A O   1 
ATOM   1101 N N   . ALA A 1 161 ? -2.219  -24.873 14.530  1.00 30.46  ? 161 ALA A N   1 
ATOM   1102 C CA  . ALA A 1 161 ? -1.886  -24.906 13.090  1.00 29.73  ? 161 ALA A CA  1 
ATOM   1103 C C   . ALA A 1 161 ? -0.464  -24.374 12.842  1.00 31.57  ? 161 ALA A C   1 
ATOM   1104 O O   . ALA A 1 161 ? 0.237   -24.892 11.960  1.00 34.07  ? 161 ALA A O   1 
ATOM   1105 C CB  . ALA A 1 161 ? -2.937  -24.122 12.360  1.00 33.42  ? 161 ALA A CB  1 
ATOM   1106 N N   . ALA A 1 162 ? 0.056   -23.510 13.714  1.00 26.78  ? 162 ALA A N   1 
ATOM   1107 C CA  . ALA A 1 162 ? 1.407   -22.914 13.534  1.00 28.71  ? 162 ALA A CA  1 
ATOM   1108 C C   . ALA A 1 162 ? 2.215   -23.103 14.819  1.00 26.03  ? 162 ALA A C   1 
ATOM   1109 O O   . ALA A 1 162 ? 1.654   -23.032 15.915  1.00 27.66  ? 162 ALA A O   1 
ATOM   1110 C CB  . ALA A 1 162 ? 1.267   -21.457 13.196  1.00 25.52  ? 162 ALA A CB  1 
ATOM   1111 N N   . PRO A 1 163 ? 3.519   -23.370 14.711  1.00 27.09  ? 163 PRO A N   1 
ATOM   1112 C CA  . PRO A 1 163 ? 4.359   -23.594 15.880  1.00 27.56  ? 163 PRO A CA  1 
ATOM   1113 C C   . PRO A 1 163 ? 4.705   -22.292 16.600  1.00 29.90  ? 163 PRO A C   1 
ATOM   1114 O O   . PRO A 1 163 ? 4.754   -21.208 15.988  1.00 27.36  ? 163 PRO A O   1 
ATOM   1115 C CB  . PRO A 1 163 ? 5.598   -24.280 15.305  1.00 27.30  ? 163 PRO A CB  1 
ATOM   1116 C CG  . PRO A 1 163 ? 5.713   -23.672 13.900  1.00 29.23  ? 163 PRO A CG  1 
ATOM   1117 C CD  . PRO A 1 163 ? 4.275   -23.521 13.444  1.00 26.23  ? 163 PRO A CD  1 
ATOM   1118 N N   . ARG A 1 164 ? 4.972   -22.402 17.907  1.00 25.95  ? 164 ARG A N   1 
ATOM   1119 C CA  . ARG A 1 164 ? 5.347   -21.224 18.718  1.00 29.25  ? 164 ARG A CA  1 
ATOM   1120 C C   . ARG A 1 164 ? 6.842   -20.954 18.547  1.00 30.01  ? 164 ARG A C   1 
ATOM   1121 O O   . ARG A 1 164 ? 7.682   -21.449 19.353  1.00 27.78  ? 164 ARG A O   1 
ATOM   1122 C CB  . ARG A 1 164 ? 4.903   -21.422 20.179  1.00 29.75  ? 164 ARG A CB  1 
ATOM   1123 C CG  . ARG A 1 164 ? 3.392   -21.507 20.310  1.00 34.12  ? 164 ARG A CG  1 
ATOM   1124 C CD  . ARG A 1 164 ? 2.876   -21.589 21.745  1.00 37.00  ? 164 ARG A CD  1 
ATOM   1125 N NE  . ARG A 1 164 ? 1.423   -21.704 21.741  1.00 37.56  ? 164 ARG A NE  1 
ATOM   1126 C CZ  . ARG A 1 164 ? 0.578   -20.704 21.525  1.00 40.20  ? 164 ARG A CZ  1 
ATOM   1127 N NH1 . ARG A 1 164 ? 1.036   -19.475 21.318  1.00 43.27  ? 164 ARG A NH1 1 
ATOM   1128 N NH2 . ARG A 1 164 ? -0.734  -20.919 21.546  1.00 40.51  ? 164 ARG A NH2 1 
ATOM   1129 N N   . THR A 1 165 ? 7.204   -20.135 17.566  1.00 27.18  ? 165 THR A N   1 
ATOM   1130 C CA  . THR A 1 165 ? 8.598   -19.887 17.221  1.00 24.53  ? 165 THR A CA  1 
ATOM   1131 C C   . THR A 1 165 ? 8.932   -18.470 17.679  1.00 29.42  ? 165 THR A C   1 
ATOM   1132 O O   . THR A 1 165 ? 8.895   -18.179 18.878  1.00 28.88  ? 165 THR A O   1 
ATOM   1133 C CB  . THR A 1 165 ? 8.882   -20.216 15.739  1.00 24.43  ? 165 THR A CB  1 
ATOM   1134 O OG1 . THR A 1 165 ? 7.975   -19.416 14.970  1.00 21.68  ? 165 THR A OG1 1 
ATOM   1135 C CG2 . THR A 1 165 ? 8.680   -21.676 15.408  1.00 27.73  ? 165 THR A CG2 1 
ATOM   1136 N N   . LEU A 1 166 ? 9.171   -17.574 16.752  1.00 25.94  ? 166 LEU A N   1 
ATOM   1137 C CA  . LEU A 1 166 ? 9.409   -16.158 17.054  1.00 25.31  ? 166 LEU A CA  1 
ATOM   1138 C C   . LEU A 1 166 ? 8.181   -15.492 17.680  1.00 23.76  ? 166 LEU A C   1 
ATOM   1139 O O   . LEU A 1 166 ? 7.037   -15.830 17.390  1.00 26.40  ? 166 LEU A O   1 
ATOM   1140 C CB  . LEU A 1 166 ? 9.620   -15.409 15.745  1.00 25.15  ? 166 LEU A CB  1 
ATOM   1141 C CG  . LEU A 1 166 ? 10.885  -15.688 14.984  1.00 26.43  ? 166 LEU A CG  1 
ATOM   1142 C CD1 . LEU A 1 166 ? 10.885  -14.726 13.812  1.00 25.98  ? 166 LEU A CD1 1 
ATOM   1143 C CD2 . LEU A 1 166 ? 12.142  -15.532 15.840  1.00 27.41  ? 166 LEU A CD2 1 
ATOM   1144 N N   . PRO A 1 167 ? 8.393   -14.402 18.432  1.00 25.20  ? 167 PRO A N   1 
ATOM   1145 C CA  . PRO A 1 167 ? 7.323   -13.453 18.780  1.00 22.86  ? 167 PRO A CA  1 
ATOM   1146 C C   . PRO A 1 167 ? 6.533   -13.026 17.545  1.00 23.42  ? 167 PRO A C   1 
ATOM   1147 O O   . PRO A 1 167 ? 7.159   -12.503 16.579  1.00 21.46  ? 167 PRO A O   1 
ATOM   1148 C CB  . PRO A 1 167 ? 8.057   -12.262 19.385  1.00 23.00  ? 167 PRO A CB  1 
ATOM   1149 C CG  . PRO A 1 167 ? 9.314   -12.870 20.000  1.00 23.70  ? 167 PRO A CG  1 
ATOM   1150 C CD  . PRO A 1 167 ? 9.672   -14.011 19.056  1.00 24.53  ? 167 PRO A CD  1 
ATOM   1151 N N   . ALA A 1 168 ? 5.215   -13.197 17.622  1.00 20.45  ? 168 ALA A N   1 
ATOM   1152 C CA  . ALA A 1 168 ? 4.358   -13.058 16.430  1.00 23.19  ? 168 ALA A CA  1 
ATOM   1153 C C   . ALA A 1 168 ? 4.490   -11.618 15.909  1.00 22.21  ? 168 ALA A C   1 
ATOM   1154 O O   . ALA A 1 168 ? 4.449   -11.413 14.645  1.00 20.48  ? 168 ALA A O   1 
ATOM   1155 C CB  . ALA A 1 168 ? 2.937   -13.443 16.744  1.00 25.04  ? 168 ALA A CB  1 
ATOM   1156 N N   . HIS A 1 169 ? 4.594   -10.617 16.788  1.00 19.99  ? 169 HIS A N   1 
ATOM   1157 C CA  . HIS A 1 169 ? 4.582   -9.202  16.349  1.00 21.48  ? 169 HIS A CA  1 
ATOM   1158 C C   . HIS A 1 169 ? 5.882   -8.846  15.635  1.00 20.92  ? 169 HIS A C   1 
ATOM   1159 O O   . HIS A 1 169 ? 5.854   -8.159  14.629  1.00 18.79  ? 169 HIS A O   1 
ATOM   1160 C CB  . HIS A 1 169 ? 4.277   -8.241  17.501  1.00 22.18  ? 169 HIS A CB  1 
ATOM   1161 C CG  . HIS A 1 169 ? 3.916   -6.870  17.053  1.00 19.63  ? 169 HIS A CG  1 
ATOM   1162 N ND1 . HIS A 1 169 ? 4.854   -5.868  16.865  1.00 21.38  ? 169 HIS A ND1 1 
ATOM   1163 C CD2 . HIS A 1 169 ? 2.721   -6.364  16.703  1.00 20.51  ? 169 HIS A CD2 1 
ATOM   1164 C CE1 . HIS A 1 169 ? 4.225   -4.756  16.496  1.00 21.04  ? 169 HIS A CE1 1 
ATOM   1165 N NE2 . HIS A 1 169 ? 2.906   -5.051  16.366  1.00 20.69  ? 169 HIS A NE2 1 
ATOM   1166 N N   . GLU A 1 170 ? 6.989   -9.443  16.044  1.00 20.32  ? 170 GLU A N   1 
ATOM   1167 C CA  . GLU A 1 170 ? 8.294   -9.181  15.398  1.00 19.48  ? 170 GLU A CA  1 
ATOM   1168 C C   . GLU A 1 170 ? 8.314   -9.879  14.021  1.00 18.05  ? 170 GLU A C   1 
ATOM   1169 O O   . GLU A 1 170 ? 8.781   -9.279  13.052  1.00 16.87  ? 170 GLU A O   1 
ATOM   1170 C CB  . GLU A 1 170 ? 9.404   -9.699  16.307  1.00 21.53  ? 170 GLU A CB  1 
ATOM   1171 C CG  . GLU A 1 170 ? 9.505   -8.878  17.587  1.00 22.84  ? 170 GLU A CG  1 
ATOM   1172 C CD  . GLU A 1 170 ? 10.365  -9.438  18.706  1.00 29.39  ? 170 GLU A CD  1 
ATOM   1173 O OE1 . GLU A 1 170 ? 11.076  -10.436 18.455  1.00 26.58  ? 170 GLU A OE1 1 
ATOM   1174 O OE2 . GLU A 1 170 ? 10.264  -8.908  19.860  1.00 30.54  ? 170 GLU A OE2 1 
ATOM   1175 N N   . LEU A 1 171 ? 7.813   -11.111 13.957  1.00 18.16  ? 171 LEU A N   1 
ATOM   1176 C CA  . LEU A 1 171 ? 7.717   -11.860 12.671  1.00 17.16  ? 171 LEU A CA  1 
ATOM   1177 C C   . LEU A 1 171 ? 6.808   -11.065 11.727  1.00 17.72  ? 171 LEU A C   1 
ATOM   1178 O O   . LEU A 1 171 ? 7.214   -10.841 10.548  1.00 16.45  ? 171 LEU A O   1 
ATOM   1179 C CB  . LEU A 1 171 ? 7.152   -13.252 12.935  1.00 18.84  ? 171 LEU A CB  1 
ATOM   1180 C CG  . LEU A 1 171 ? 6.839   -14.134 11.732  1.00 19.49  ? 171 LEU A CG  1 
ATOM   1181 C CD1 . LEU A 1 171 ? 8.035   -14.236 10.796  1.00 19.65  ? 171 LEU A CD1 1 
ATOM   1182 C CD2 . LEU A 1 171 ? 6.411   -15.521 12.206  1.00 22.93  ? 171 LEU A CD2 1 
ATOM   1183 N N   . ALA A 1 172 ? 5.663   -10.619 12.216  1.00 16.82  ? 172 ALA A N   1 
ATOM   1184 C CA  . ALA A 1 172 ? 4.719   -9.824  11.382  1.00 18.04  ? 172 ALA A CA  1 
ATOM   1185 C C   . ALA A 1 172 ? 5.398   -8.559  10.867  1.00 18.06  ? 172 ALA A C   1 
ATOM   1186 O O   . ALA A 1 172 ? 5.157   -8.166  9.713   1.00 16.58  ? 172 ALA A O   1 
ATOM   1187 C CB  . ALA A 1 172 ? 3.470   -9.538  12.097  1.00 18.57  ? 172 ALA A CB  1 
ATOM   1188 N N   . THR A 1 173 ? 6.205   -7.903  11.697  1.00 16.19  ? 173 THR A N   1 
ATOM   1189 C CA  . THR A 1 173 ? 6.828   -6.658  11.289  1.00 18.22  ? 173 THR A CA  1 
ATOM   1190 C C   . THR A 1 173 ? 7.761   -6.963  10.101  1.00 17.11  ? 173 THR A C   1 
ATOM   1191 O O   . THR A 1 173 ? 7.721   -6.220  9.134   1.00 16.33  ? 173 THR A O   1 
ATOM   1192 C CB  . THR A 1 173 ? 7.549   -5.992  12.459  1.00 19.19  ? 173 THR A CB  1 
ATOM   1193 O OG1 . THR A 1 173 ? 6.615   -5.684  13.510  1.00 18.43  ? 173 THR A OG1 1 
ATOM   1194 C CG2 . THR A 1 173 ? 8.242   -4.721  12.045  1.00 18.81  ? 173 THR A CG2 1 
ATOM   1195 N N   . ALA A 1 174 ? 8.669   -7.928  10.231  1.00 16.84  ? 174 ALA A N   1 
ATOM   1196 C CA  . ALA A 1 174 ? 9.667   -8.185  9.174   1.00 17.82  ? 174 ALA A CA  1 
ATOM   1197 C C   . ALA A 1 174 ? 8.946   -8.603  7.889   1.00 15.16  ? 174 ALA A C   1 
ATOM   1198 O O   . ALA A 1 174 ? 9.381   -8.210  6.785   1.00 15.71  ? 174 ALA A O   1 
ATOM   1199 C CB  . ALA A 1 174 ? 10.635  -9.227  9.595   1.00 15.96  ? 174 ALA A CB  1 
ATOM   1200 N N   . LEU A 1 175 ? 7.905   -9.425  7.984   1.00 14.98  ? 175 LEU A N   1 
ATOM   1201 C CA  . LEU A 1 175 ? 7.223   -9.902  6.765   1.00 15.73  ? 175 LEU A CA  1 
ATOM   1202 C C   . LEU A 1 175 ? 6.494   -8.745  6.068   1.00 16.48  ? 175 LEU A C   1 
ATOM   1203 O O   . LEU A 1 175 ? 6.515   -8.701  4.821   1.00 15.33  ? 175 LEU A O   1 
ATOM   1204 C CB  . LEU A 1 175 ? 6.234   -11.014 7.127   1.00 16.11  ? 175 LEU A CB  1 
ATOM   1205 C CG  . LEU A 1 175 ? 6.858   -12.333 7.572   1.00 17.93  ? 175 LEU A CG  1 
ATOM   1206 C CD1 . LEU A 1 175 ? 5.711   -13.277 7.978   1.00 19.30  ? 175 LEU A CD1 1 
ATOM   1207 C CD2 . LEU A 1 175 ? 7.741   -12.941 6.507   1.00 17.91  ? 175 LEU A CD2 1 
ATOM   1208 N N   . ASN A 1 176 ? 5.883   -7.834  6.812   1.00 16.43  ? 176 ASN A N   1 
ATOM   1209 C CA  . ASN A 1 176 ? 5.210   -6.665  6.243   1.00 18.04  ? 176 ASN A CA  1 
ATOM   1210 C C   . ASN A 1 176 ? 6.255   -5.726  5.643   1.00 17.18  ? 176 ASN A C   1 
ATOM   1211 O O   . ASN A 1 176 ? 5.959   -5.151  4.588   1.00 16.98  ? 176 ASN A O   1 
ATOM   1212 C CB  . ASN A 1 176 ? 4.253   -5.992  7.240   1.00 19.18  ? 176 ASN A CB  1 
ATOM   1213 C CG  . ASN A 1 176 ? 2.935   -6.733  7.330   1.00 19.41  ? 176 ASN A CG  1 
ATOM   1214 O OD1 . ASN A 1 176 ? 2.123   -6.640  6.424   1.00 27.90  ? 176 ASN A OD1 1 
ATOM   1215 N ND2 . ASN A 1 176 ? 2.775   -7.675  8.234   1.00 18.56  ? 176 ASN A ND2 1 
ATOM   1216 N N   . LEU A 1 177 ? 7.396   -5.528  6.296   1.00 16.68  ? 177 LEU A N   1 
ATOM   1217 C CA  . LEU A 1 177 ? 8.449   -4.648  5.749   1.00 17.16  ? 177 LEU A CA  1 
ATOM   1218 C C   . LEU A 1 177 ? 9.025   -5.282  4.474   1.00 17.48  ? 177 LEU A C   1 
ATOM   1219 O O   . LEU A 1 177 ? 9.309   -4.547  3.506   1.00 17.95  ? 177 LEU A O   1 
ATOM   1220 C CB  . LEU A 1 177 ? 9.519   -4.366  6.801   1.00 17.02  ? 177 LEU A CB  1 
ATOM   1221 C CG  . LEU A 1 177 ? 9.100   -3.401  7.931   1.00 17.73  ? 177 LEU A CG  1 
ATOM   1222 C CD1 . LEU A 1 177 ? 10.221  -3.212  8.930   1.00 21.58  ? 177 LEU A CD1 1 
ATOM   1223 C CD2 . LEU A 1 177 ? 8.687   -2.068  7.394   1.00 21.68  ? 177 LEU A CD2 1 
ATOM   1224 N N   . MET A 1 178 ? 9.178   -6.604  4.471   1.00 17.55  ? 178 MET A N   1 
ATOM   1225 C CA  . MET A 1 178 ? 9.591   -7.296  3.250   1.00 15.49  ? 178 MET A CA  1 
ATOM   1226 C C   . MET A 1 178 ? 8.600   -6.933  2.140   1.00 17.72  ? 178 MET A C   1 
ATOM   1227 O O   . MET A 1 178 ? 9.042   -6.619  1.017   1.00 17.50  ? 178 MET A O   1 
ATOM   1228 C CB  . MET A 1 178 ? 9.686   -8.812  3.414   1.00 19.15  ? 178 MET A CB  1 
ATOM   1229 C CG  . MET A 1 178 ? 9.979   -9.546  2.079   1.00 17.91  ? 178 MET A CG  1 
ATOM   1230 S SD  . MET A 1 178 ? 10.028  -11.302 2.278   1.00 20.62  ? 178 MET A SD  1 
ATOM   1231 C CE  . MET A 1 178 ? 8.333   -11.669 2.780   1.00 17.94  ? 178 MET A CE  1 
ATOM   1232 N N   . ASN A 1 179 ? 7.311   -7.115  2.387   1.00 17.47  ? 179 ASN A N   1 
ATOM   1233 C CA  . ASN A 1 179 ? 6.301   -6.857  1.343   1.00 19.48  ? 179 ASN A CA  1 
ATOM   1234 C C   . ASN A 1 179 ? 6.355   -5.406  0.885   1.00 18.78  ? 179 ASN A C   1 
ATOM   1235 O O   . ASN A 1 179 ? 6.318   -5.176  -0.371  1.00 18.75  ? 179 ASN A O   1 
ATOM   1236 C CB  . ASN A 1 179 ? 4.905   -7.127  1.852   1.00 17.92  ? 179 ASN A CB  1 
ATOM   1237 C CG  . ASN A 1 179 ? 4.568   -8.574  1.916   1.00 20.11  ? 179 ASN A CG  1 
ATOM   1238 O OD1 . ASN A 1 179 ? 5.439   -9.451  1.886   1.00 20.30  ? 179 ASN A OD1 1 
ATOM   1239 N ND2 . ASN A 1 179 ? 3.271   -8.792  2.143   1.00 22.74  ? 179 ASN A ND2 1 
ATOM   1240 N N   . GLU A 1 180 ? 6.513   -4.448  1.797   1.00 20.46  ? 180 GLU A N   1 
ATOM   1241 C CA  . GLU A 1 180 ? 6.609   -3.016  1.426   1.00 19.52  ? 180 GLU A CA  1 
ATOM   1242 C C   . GLU A 1 180 ? 7.762   -2.802  0.417   1.00 20.46  ? 180 GLU A C   1 
ATOM   1243 O O   . GLU A 1 180 ? 7.529   -2.334  -0.765  1.00 21.42  ? 180 GLU A O   1 
ATOM   1244 C CB  . GLU A 1 180 ? 6.790   -2.138  2.659   1.00 21.98  ? 180 GLU A CB  1 
ATOM   1245 C CG  . GLU A 1 180 ? 7.016   -0.668  2.335   1.00 24.29  ? 180 GLU A CG  1 
ATOM   1246 C CD  . GLU A 1 180 ? 7.516   0.100   3.545   1.00 30.71  ? 180 GLU A CD  1 
ATOM   1247 O OE1 . GLU A 1 180 ? 6.825   0.101   4.573   1.00 28.20  ? 180 GLU A OE1 1 
ATOM   1248 O OE2 . GLU A 1 180 ? 8.594   0.724   3.452   1.00 33.72  ? 180 GLU A OE2 1 
ATOM   1249 N N   . ARG A 1 181 ? 8.947   -3.250  0.787   1.00 18.42  ? 181 ARG A N   1 
ATOM   1250 C CA  . ARG A 1 181 ? 10.151  -3.035  -0.010  1.00 18.78  ? 181 ARG A CA  1 
ATOM   1251 C C   . ARG A 1 181 ? 10.072  -3.813  -1.325  1.00 18.98  ? 181 ARG A C   1 
ATOM   1252 O O   . ARG A 1 181 ? 10.480  -3.249  -2.423  1.00 19.24  ? 181 ARG A O   1 
ATOM   1253 C CB  . ARG A 1 181 ? 11.396  -3.424  0.770   1.00 18.45  ? 181 ARG A CB  1 
ATOM   1254 C CG  . ARG A 1 181 ? 12.666  -3.052  0.036   1.00 20.73  ? 181 ARG A CG  1 
ATOM   1255 C CD  . ARG A 1 181 ? 12.816  -1.548  -0.042  1.00 25.70  ? 181 ARG A CD  1 
ATOM   1256 N NE  . ARG A 1 181 ? 14.039  -1.375  -0.767  1.00 31.30  ? 181 ARG A NE  1 
ATOM   1257 C CZ  . ARG A 1 181 ? 14.091  -1.090  -2.064  1.00 38.50  ? 181 ARG A CZ  1 
ATOM   1258 N NH1 . ARG A 1 181 ? 12.975  -0.923  -2.756  1.00 40.10  ? 181 ARG A NH1 1 
ATOM   1259 N NH2 . ARG A 1 181 ? 15.273  -1.007  -2.649  1.00 42.72  ? 181 ARG A NH2 1 
ATOM   1260 N N   . THR A 1 182 ? 9.639   -5.083  -1.270  1.00 17.47  ? 182 THR A N   1 
ATOM   1261 C CA  . THR A 1 182 ? 9.690   -5.971  -2.427  1.00 19.09  ? 182 THR A CA  1 
ATOM   1262 C C   . THR A 1 182 ? 8.620   -5.540  -3.431  1.00 20.64  ? 182 THR A C   1 
ATOM   1263 O O   . THR A 1 182 ? 8.928   -5.476  -4.636  1.00 20.12  ? 182 THR A O   1 
ATOM   1264 C CB  . THR A 1 182 ? 9.596   -7.424  -1.966  1.00 21.11  ? 182 THR A CB  1 
ATOM   1265 O OG1 . THR A 1 182 ? 10.640  -7.715  -1.025  1.00 20.60  ? 182 THR A OG1 1 
ATOM   1266 C CG2 . THR A 1 182 ? 9.759   -8.384  -3.107  1.00 23.16  ? 182 THR A CG2 1 
ATOM   1267 N N   . LEU A 1 183 ? 7.382   -5.274  -2.979  1.00 19.10  ? 183 LEU A N   1 
ATOM   1268 C CA  . LEU A 1 183 ? 6.321   -4.817  -3.921  1.00 23.62  ? 183 LEU A CA  1 
ATOM   1269 C C   . LEU A 1 183 ? 6.736   -3.513  -4.577  1.00 23.61  ? 183 LEU A C   1 
ATOM   1270 O O   . LEU A 1 183 ? 6.651   -3.412  -5.825  1.00 23.91  ? 183 LEU A O   1 
ATOM   1271 C CB  . LEU A 1 183 ? 4.975   -4.677  -3.224  1.00 24.07  ? 183 LEU A CB  1 
ATOM   1272 C CG  . LEU A 1 183 ? 4.336   -5.973  -2.749  1.00 24.77  ? 183 LEU A CG  1 
ATOM   1273 C CD1 . LEU A 1 183 ? 3.114   -5.687  -1.901  1.00 28.02  ? 183 LEU A CD1 1 
ATOM   1274 C CD2 . LEU A 1 183 ? 3.952   -6.889  -3.902  1.00 26.29  ? 183 LEU A CD2 1 
ATOM   1275 N N   A PHE A 1 184 ? 7.200   -2.541  -3.782  0.50 22.51  ? 184 PHE A N   1 
ATOM   1276 N N   B PHE A 1 184 ? 7.238   -2.552  -3.818  0.50 23.53  ? 184 PHE A N   1 
ATOM   1277 C CA  A PHE A 1 184 ? 7.660   -1.218  -4.277  0.50 23.10  ? 184 PHE A CA  1 
ATOM   1278 C CA  B PHE A 1 184 ? 7.535   -1.214  -4.374  0.50 24.85  ? 184 PHE A CA  1 
ATOM   1279 C C   A PHE A 1 184 ? 8.711   -1.429  -5.370  0.50 21.58  ? 184 PHE A C   1 
ATOM   1280 C C   B PHE A 1 184 ? 8.769   -1.321  -5.307  0.50 22.59  ? 184 PHE A C   1 
ATOM   1281 O O   A PHE A 1 184 ? 8.594   -0.855  -6.480  0.50 22.26  ? 184 PHE A O   1 
ATOM   1282 O O   B PHE A 1 184 ? 8.781   -0.584  -6.323  0.50 22.96  ? 184 PHE A O   1 
ATOM   1283 C CB  A PHE A 1 184 ? 8.258   -0.332  -3.179  0.50 23.57  ? 184 PHE A CB  1 
ATOM   1284 C CB  B PHE A 1 184 ? 7.495   -0.201  -3.222  0.50 26.10  ? 184 PHE A CB  1 
ATOM   1285 C CG  A PHE A 1 184 ? 8.710   0.995   -3.723  0.50 23.89  ? 184 PHE A CG  1 
ATOM   1286 C CG  B PHE A 1 184 ? 6.159   -0.128  -2.506  0.50 29.59  ? 184 PHE A CG  1 
ATOM   1287 C CD1 A PHE A 1 184 ? 7.785   2.018   -3.898  0.50 27.52  ? 184 PHE A CD1 1 
ATOM   1288 C CD1 B PHE A 1 184 ? 5.022   -0.743  -3.018  0.50 32.86  ? 184 PHE A CD1 1 
ATOM   1289 C CD2 A PHE A 1 184 ? 10.027  1.241   -4.073  0.50 26.60  ? 184 PHE A CD2 1 
ATOM   1290 C CD2 B PHE A 1 184 ? 6.029   0.538   -1.298  0.50 32.36  ? 184 PHE A CD2 1 
ATOM   1291 C CE1 A PHE A 1 184 ? 8.157   3.238   -4.433  0.50 24.56  ? 184 PHE A CE1 1 
ATOM   1292 C CE1 B PHE A 1 184 ? 3.801   -0.699  -2.352  0.50 31.97  ? 184 PHE A CE1 1 
ATOM   1293 C CE2 A PHE A 1 184 ? 10.393  2.465   -4.612  0.50 28.70  ? 184 PHE A CE2 1 
ATOM   1294 C CE2 B PHE A 1 184 ? 4.805   0.607   -0.649  0.50 30.86  ? 184 PHE A CE2 1 
ATOM   1295 C CZ  A PHE A 1 184 ? 9.445   3.449   -4.820  0.50 25.45  ? 184 PHE A CZ  1 
ATOM   1296 C CZ  B PHE A 1 184 ? 3.698   -0.008  -1.175  0.50 31.66  ? 184 PHE A CZ  1 
ATOM   1297 N N   . ALA A 1 185 ? 9.726   -2.238  -5.082  1.00 20.87  ? 185 ALA A N   1 
ATOM   1298 C CA  . ALA A 1 185 ? 10.838  -2.453  -6.031  1.00 21.59  ? 185 ALA A CA  1 
ATOM   1299 C C   . ALA A 1 185 ? 10.289  -3.057  -7.328  1.00 20.11  ? 185 ALA A C   1 
ATOM   1300 O O   . ALA A 1 185 ? 10.757  -2.687  -8.408  1.00 22.85  ? 185 ALA A O   1 
ATOM   1301 C CB  . ALA A 1 185 ? 11.903  -3.335  -5.444  1.00 22.11  ? 185 ALA A CB  1 
ATOM   1302 N N   . SER A 1 186 ? 9.335   -3.964  -7.212  1.00 20.96  ? 186 SER A N   1 
ATOM   1303 C CA  A SER A 1 186 ? 8.777   -4.684  -8.380  0.50 21.55  ? 186 SER A CA  1 
ATOM   1304 C CA  B SER A 1 186 ? 8.764   -4.689  -8.372  0.50 22.92  ? 186 SER A CA  1 
ATOM   1305 C C   . SER A 1 186 ? 8.010   -3.665  -9.219  1.00 23.03  ? 186 SER A C   1 
ATOM   1306 O O   . SER A 1 186 ? 8.199   -3.688  -10.446 1.00 25.07  ? 186 SER A O   1 
ATOM   1307 C CB  A SER A 1 186 ? 7.928   -5.830  -7.975  0.50 21.33  ? 186 SER A CB  1 
ATOM   1308 C CB  B SER A 1 186 ? 7.879   -5.810  -7.965  0.50 24.53  ? 186 SER A CB  1 
ATOM   1309 O OG  A SER A 1 186 ? 8.740   -6.871  -7.446  0.50 20.97  ? 186 SER A OG  1 
ATOM   1310 O OG  B SER A 1 186 ? 7.534   -6.586  -9.098  0.50 32.35  ? 186 SER A OG  1 
ATOM   1311 N N   . PHE A 1 187 ? 7.207   -2.856  -8.569  1.00 21.69  ? 187 PHE A N   1 
ATOM   1312 C CA  . PHE A 1 187 ? 6.300   -1.914  -9.273  1.00 24.99  ? 187 PHE A CA  1 
ATOM   1313 C C   . PHE A 1 187 ? 7.145   -0.874  -9.991  1.00 31.92  ? 187 PHE A C   1 
ATOM   1314 O O   . PHE A 1 187 ? 6.721   -0.423  -11.063 1.00 33.54  ? 187 PHE A O   1 
ATOM   1315 C CB  . PHE A 1 187 ? 5.361   -1.221  -8.313  1.00 23.78  ? 187 PHE A CB  1 
ATOM   1316 C CG  . PHE A 1 187 ? 4.309   -2.104  -7.733  1.00 24.63  ? 187 PHE A CG  1 
ATOM   1317 C CD1 . PHE A 1 187 ? 3.915   -3.264  -8.363  1.00 27.31  ? 187 PHE A CD1 1 
ATOM   1318 C CD2 . PHE A 1 187 ? 3.770   -1.789  -6.503  1.00 28.28  ? 187 PHE A CD2 1 
ATOM   1319 C CE1 . PHE A 1 187 ? 2.953   -4.068  -7.789  1.00 28.66  ? 187 PHE A CE1 1 
ATOM   1320 C CE2 . PHE A 1 187 ? 2.782   -2.579  -5.963  1.00 28.50  ? 187 PHE A CE2 1 
ATOM   1321 C CZ  . PHE A 1 187 ? 2.422   -3.742  -6.579  1.00 27.52  ? 187 PHE A CZ  1 
ATOM   1322 N N   . ALA A 1 188 ? 8.251   -0.473  -9.384  1.00 32.72  ? 188 ALA A N   1 
ATOM   1323 C CA  . ALA A 1 188 ? 9.142   0.583   -9.920  1.00 34.68  ? 188 ALA A CA  1 
ATOM   1324 C C   . ALA A 1 188 ? 10.120  -0.015  -10.913 1.00 35.92  ? 188 ALA A C   1 
ATOM   1325 O O   . ALA A 1 188 ? 10.855  0.773   -11.504 1.00 47.49  ? 188 ALA A O   1 
ATOM   1326 C CB  . ALA A 1 188 ? 9.838   1.300   -8.799  1.00 37.95  ? 188 ALA A CB  1 
ATOM   1327 N N   . GLY A 1 189 ? 10.109  -1.331  -11.120 1.00 34.03  ? 189 GLY A N   1 
ATOM   1328 C CA  . GLY A 1 189 ? 11.126  -2.058  -11.901 1.00 36.87  ? 189 GLY A CA  1 
ATOM   1329 C C   . GLY A 1 189 ? 12.540  -1.682  -11.472 1.00 39.43  ? 189 GLY A C   1 
ATOM   1330 O O   . GLY A 1 189 ? 13.406  -1.557  -12.342 1.00 39.14  ? 189 GLY A O   1 
ATOM   1331 N N   . GLU A 1 190 ? 12.800  -1.562  -10.171 1.00 32.29  ? 190 GLU A N   1 
ATOM   1332 C CA  . GLU A 1 190 ? 14.165  -1.291  -9.654  1.00 30.41  ? 190 GLU A CA  1 
ATOM   1333 C C   . GLU A 1 190 ? 15.103  -2.443  -9.977  1.00 27.85  ? 190 GLU A C   1 
ATOM   1334 O O   . GLU A 1 190 ? 14.702  -3.601  -10.257 1.00 29.38  ? 190 GLU A O   1 
ATOM   1335 C CB  . GLU A 1 190 ? 14.188  -1.102  -8.136  1.00 31.63  ? 190 GLU A CB  1 
ATOM   1336 C CG  . GLU A 1 190 ? 13.501  0.145   -7.643  1.00 38.66  ? 190 GLU A CG  1 
ATOM   1337 C CD  . GLU A 1 190 ? 13.558  0.277   -6.121  1.00 41.88  ? 190 GLU A CD  1 
ATOM   1338 O OE1 . GLU A 1 190 ? 14.228  -0.561  -5.487  1.00 43.33  ? 190 GLU A OE1 1 
ATOM   1339 O OE2 . GLU A 1 190 ? 12.980  1.246   -5.590  1.00 48.59  ? 190 GLU A OE2 1 
ATOM   1340 N N   . GLN A 1 191 ? 16.391  -2.149  -9.986  1.00 31.58  ? 191 GLN A N   1 
ATOM   1341 C CA  . GLN A 1 191 ? 17.417  -3.214  -10.035 1.00 31.82  ? 191 GLN A CA  1 
ATOM   1342 C C   . GLN A 1 191 ? 18.149  -3.118  -8.716  1.00 33.13  ? 191 GLN A C   1 
ATOM   1343 O O   . GLN A 1 191 ? 18.748  -2.070  -8.406  1.00 34.61  ? 191 GLN A O   1 
ATOM   1344 C CB  . GLN A 1 191 ? 18.292  -3.046  -11.271 1.00 45.67  ? 191 GLN A CB  1 
ATOM   1345 C CG  . GLN A 1 191 ? 18.800  -4.377  -11.805 1.00 59.35  ? 191 GLN A CG  1 
ATOM   1346 C CD  . GLN A 1 191 ? 19.360  -4.239  -13.203 1.00 68.73  ? 191 GLN A CD  1 
ATOM   1347 O OE1 . GLN A 1 191 ? 18.671  -4.521  -14.180 1.00 77.11  ? 191 GLN A OE1 1 
ATOM   1348 N NE2 . GLN A 1 191 ? 20.607  -3.795  -13.311 1.00 60.86  ? 191 GLN A NE2 1 
ATOM   1349 N N   . PRO A 1 192 ? 18.067  -4.117  -7.815  1.00 26.55  ? 192 PRO A N   1 
ATOM   1350 C CA  . PRO A 1 192 ? 17.374  -5.392  -8.007  1.00 25.99  ? 192 PRO A CA  1 
ATOM   1351 C C   . PRO A 1 192 ? 15.870  -5.377  -7.718  1.00 22.59  ? 192 PRO A C   1 
ATOM   1352 O O   . PRO A 1 192 ? 15.420  -4.606  -6.872  1.00 22.78  ? 192 PRO A O   1 
ATOM   1353 C CB  . PRO A 1 192 ? 17.991  -6.241  -6.873  1.00 26.39  ? 192 PRO A CB  1 
ATOM   1354 C CG  . PRO A 1 192 ? 18.227  -5.280  -5.765  1.00 28.28  ? 192 PRO A CG  1 
ATOM   1355 C CD  . PRO A 1 192 ? 18.643  -3.998  -6.455  1.00 28.33  ? 192 PRO A CD  1 
ATOM   1356 N N   . SER A 1 193 ? 15.122  -6.304  -8.330  1.00 21.19  ? 193 SER A N   1 
ATOM   1357 C CA  . SER A 1 193 ? 13.698  -6.483  -7.986  1.00 19.28  ? 193 SER A CA  1 
ATOM   1358 C C   . SER A 1 193 ? 13.261  -7.881  -8.398  1.00 21.78  ? 193 SER A C   1 
ATOM   1359 O O   . SER A 1 193 ? 13.891  -8.500  -9.283  1.00 22.23  ? 193 SER A O   1 
ATOM   1360 C CB  . SER A 1 193 ? 12.821  -5.393  -8.542  1.00 23.59  ? 193 SER A CB  1 
ATOM   1361 O OG  . SER A 1 193 ? 12.825  -5.422  -9.951  1.00 26.42  ? 193 SER A OG  1 
ATOM   1362 N N   . VAL A 1 194 ? 12.239  -8.387  -7.759  1.00 20.39  ? 194 VAL A N   1 
ATOM   1363 C CA  . VAL A 1 194 ? 11.553  -9.606  -8.248  1.00 19.92  ? 194 VAL A CA  1 
ATOM   1364 C C   . VAL A 1 194 ? 10.661  -9.148  -9.402  1.00 21.21  ? 194 VAL A C   1 
ATOM   1365 O O   . VAL A 1 194 ? 9.957   -8.148  -9.301  1.00 20.79  ? 194 VAL A O   1 
ATOM   1366 C CB  . VAL A 1 194 ? 10.743  -10.268 -7.128  1.00 21.08  ? 194 VAL A CB  1 
ATOM   1367 C CG1 . VAL A 1 194 ? 9.991   -11.465 -7.628  1.00 20.92  ? 194 VAL A CG1 1 
ATOM   1368 C CG2 . VAL A 1 194 ? 11.629  -10.667 -5.940  1.00 23.16  ? 194 VAL A CG2 1 
ATOM   1369 N N   . PRO A 1 195 ? 10.605  -9.859  -10.537 1.00 20.80  ? 195 PRO A N   1 
ATOM   1370 C CA  . PRO A 1 195 ? 9.669   -9.473  -11.606 1.00 22.98  ? 195 PRO A CA  1 
ATOM   1371 C C   . PRO A 1 195 ? 8.222   -9.446  -11.063 1.00 22.15  ? 195 PRO A C   1 
ATOM   1372 O O   . PRO A 1 195 ? 7.840   -10.247 -10.257 1.00 20.87  ? 195 PRO A O   1 
ATOM   1373 C CB  . PRO A 1 195 ? 9.828   -10.571 -12.677 1.00 24.50  ? 195 PRO A CB  1 
ATOM   1374 C CG  . PRO A 1 195 ? 11.137  -11.284 -12.326 1.00 28.35  ? 195 PRO A CG  1 
ATOM   1375 C CD  . PRO A 1 195 ? 11.418  -11.038 -10.866 1.00 24.54  ? 195 PRO A CD  1 
ATOM   1376 N N   . GLU A 1 196 ? 7.409   -8.509  -11.519 1.00 19.85  ? 196 GLU A N   1 
ATOM   1377 C CA  . GLU A 1 196 ? 6.058   -8.315  -11.003 1.00 22.55  ? 196 GLU A CA  1 
ATOM   1378 C C   . GLU A 1 196 ? 5.243   -9.587  -11.147 1.00 21.33  ? 196 GLU A C   1 
ATOM   1379 O O   . GLU A 1 196 ? 4.469   -9.901  -10.243 1.00 21.36  ? 196 GLU A O   1 
ATOM   1380 C CB  . GLU A 1 196 ? 5.451   -7.105  -11.736 1.00 28.76  ? 196 GLU A CB  1 
ATOM   1381 C CG  . GLU A 1 196 ? 4.176   -6.666  -11.140 1.00 33.53  ? 196 GLU A CG  1 
ATOM   1382 C CD  . GLU A 1 196 ? 3.653   -5.361  -11.733 1.00 42.44  ? 196 GLU A CD  1 
ATOM   1383 O OE1 . GLU A 1 196 ? 4.440   -4.634  -12.378 1.00 49.43  ? 196 GLU A OE1 1 
ATOM   1384 O OE2 . GLU A 1 196 ? 2.470   -5.099  -11.526 1.00 43.85  ? 196 GLU A OE2 1 
ATOM   1385 N N   . ALA A 1 197 ? 5.452   -10.378 -12.220 1.00 19.40  ? 197 ALA A N   1 
ATOM   1386 C CA  . ALA A 1 197 ? 4.687   -11.618 -12.418 1.00 20.20  ? 197 ALA A CA  1 
ATOM   1387 C C   . ALA A 1 197 ? 5.119   -12.730 -11.444 1.00 21.35  ? 197 ALA A C   1 
ATOM   1388 O O   . ALA A 1 197 ? 4.404   -13.726 -11.380 1.00 23.86  ? 197 ALA A O   1 
ATOM   1389 C CB  . ALA A 1 197 ? 4.901   -12.083 -13.855 1.00 22.74  ? 197 ALA A CB  1 
ATOM   1390 N N   . ARG A 1 198 ? 6.177   -12.539 -10.670 1.00 18.18  ? 198 ARG A N   1 
ATOM   1391 C CA  . ARG A 1 198 ? 6.700   -13.564 -9.719  1.00 18.54  ? 198 ARG A CA  1 
ATOM   1392 C C   . ARG A 1 198 ? 6.601   -13.095 -8.261  1.00 17.36  ? 198 ARG A C   1 
ATOM   1393 O O   . ARG A 1 198 ? 6.833   -13.905 -7.345  1.00 18.34  ? 198 ARG A O   1 
ATOM   1394 C CB  . ARG A 1 198 ? 8.146   -13.877 -10.044 1.00 20.31  ? 198 ARG A CB  1 
ATOM   1395 C CG  . ARG A 1 198 ? 8.323   -14.609 -11.373 1.00 23.73  ? 198 ARG A CG  1 
ATOM   1396 C CD  . ARG A 1 198 ? 7.650   -15.983 -11.445 1.00 23.99  ? 198 ARG A CD  1 
ATOM   1397 N NE  . ARG A 1 198 ? 8.104   -16.766 -10.290 1.00 25.81  ? 198 ARG A NE  1 
ATOM   1398 C CZ  . ARG A 1 198 ? 7.330   -17.601 -9.612  1.00 28.50  ? 198 ARG A CZ  1 
ATOM   1399 N NH1 . ARG A 1 198 ? 6.140   -17.903 -10.090 1.00 33.17  ? 198 ARG A NH1 1 
ATOM   1400 N NH2 . ARG A 1 198 ? 7.756   -18.208 -8.506  1.00 27.94  ? 198 ARG A NH2 1 
ATOM   1401 N N   . VAL A 1 199 ? 6.285   -11.843 -8.052  1.00 16.56  ? 199 VAL A N   1 
ATOM   1402 C CA  . VAL A 1 199 ? 6.415   -11.300 -6.677  1.00 18.53  ? 199 VAL A CA  1 
ATOM   1403 C C   . VAL A 1 199 ? 5.363   -11.894 -5.735  1.00 17.79  ? 199 VAL A C   1 
ATOM   1404 O O   . VAL A 1 199 ? 5.699   -12.169 -4.603  1.00 18.81  ? 199 VAL A O   1 
ATOM   1405 C CB  . VAL A 1 199 ? 6.497   -9.773  -6.726  1.00 21.48  ? 199 VAL A CB  1 
ATOM   1406 C CG1 . VAL A 1 199 ? 5.199   -9.128  -7.089  1.00 24.20  ? 199 VAL A CG1 1 
ATOM   1407 C CG2 . VAL A 1 199 ? 7.063   -9.267  -5.394  1.00 26.74  ? 199 VAL A CG2 1 
ATOM   1408 N N   . LEU A 1 200 ? 4.117   -12.087 -6.136  1.00 19.22  ? 200 LEU A N   1 
ATOM   1409 C CA  . LEU A 1 200 ? 3.146   -12.671 -5.203  1.00 20.34  ? 200 LEU A CA  1 
ATOM   1410 C C   . LEU A 1 200 ? 3.581   -14.044 -4.750  1.00 20.65  ? 200 LEU A C   1 
ATOM   1411 O O   . LEU A 1 200 ? 3.550   -14.315 -3.529  1.00 20.17  ? 200 LEU A O   1 
ATOM   1412 C CB  . LEU A 1 200 ? 1.780   -12.692 -5.880  1.00 22.92  ? 200 LEU A CB  1 
ATOM   1413 C CG  . LEU A 1 200 ? 0.627   -13.061 -4.986  1.00 25.88  ? 200 LEU A CG  1 
ATOM   1414 C CD1 . LEU A 1 200 ? 0.543   -12.184 -3.732  1.00 26.29  ? 200 LEU A CD1 1 
ATOM   1415 C CD2 . LEU A 1 200 ? -0.636  -12.959 -5.868  1.00 27.32  ? 200 LEU A CD2 1 
ATOM   1416 N N   . ASP A 1 201 ? 3.911   -14.958 -5.668  1.00 19.19  ? 201 ASP A N   1 
ATOM   1417 C CA  . ASP A 1 201 ? 4.321   -16.318 -5.296  1.00 21.90  ? 201 ASP A CA  1 
ATOM   1418 C C   . ASP A 1 201 ? 5.564   -16.253 -4.369  1.00 19.40  ? 201 ASP A C   1 
ATOM   1419 O O   . ASP A 1 201 ? 5.690   -17.075 -3.452  1.00 18.75  ? 201 ASP A O   1 
ATOM   1420 C CB  . ASP A 1 201 ? 4.694   -17.118 -6.533  1.00 25.71  ? 201 ASP A CB  1 
ATOM   1421 C CG  . ASP A 1 201 ? 3.522   -17.753 -7.270  1.00 37.59  ? 201 ASP A CG  1 
ATOM   1422 O OD1 . ASP A 1 201 ? 2.387   -17.669 -6.769  1.00 30.69  ? 201 ASP A OD1 1 
ATOM   1423 O OD2 . ASP A 1 201 ? 3.787   -18.334 -8.372  1.00 38.61  ? 201 ASP A OD2 1 
ATOM   1424 N N   . THR A 1 202 ? 6.474   -15.339 -4.648  1.00 17.78  ? 202 THR A N   1 
ATOM   1425 C CA  . THR A 1 202 ? 7.713   -15.235 -3.854  1.00 15.71  ? 202 THR A CA  1 
ATOM   1426 C C   . THR A 1 202 ? 7.380   -14.841 -2.411  1.00 16.44  ? 202 THR A C   1 
ATOM   1427 O O   . THR A 1 202 ? 7.848   -15.502 -1.476  1.00 16.83  ? 202 THR A O   1 
ATOM   1428 C CB  . THR A 1 202 ? 8.672   -14.235 -4.471  1.00 18.26  ? 202 THR A CB  1 
ATOM   1429 O OG1 . THR A 1 202 ? 8.943   -14.653 -5.827  1.00 18.34  ? 202 THR A OG1 1 
ATOM   1430 C CG2 . THR A 1 202 ? 9.948   -14.188 -3.662  1.00 18.53  ? 202 THR A CG2 1 
ATOM   1431 N N   . LEU A 1 203 ? 6.562   -13.809 -2.238  1.00 16.25  ? 203 LEU A N   1 
ATOM   1432 C CA  . LEU A 1 203 ? 6.162   -13.343 -0.883  1.00 16.39  ? 203 LEU A CA  1 
ATOM   1433 C C   . LEU A 1 203 ? 5.331   -14.394 -0.178  1.00 17.39  ? 203 LEU A C   1 
ATOM   1434 O O   . LEU A 1 203 ? 5.612   -14.655 0.998   1.00 17.11  ? 203 LEU A O   1 
ATOM   1435 C CB  . LEU A 1 203 ? 5.439   -11.997 -0.997  1.00 15.71  ? 203 LEU A CB  1 
ATOM   1436 C CG  . LEU A 1 203 ? 6.270   -10.867 -1.598  1.00 17.41  ? 203 LEU A CG  1 
ATOM   1437 C CD1 . LEU A 1 203 ? 5.401   -9.639  -1.821  1.00 19.03  ? 203 LEU A CD1 1 
ATOM   1438 C CD2 . LEU A 1 203 ? 7.446   -10.544 -0.729  1.00 18.32  ? 203 LEU A CD2 1 
ATOM   1439 N N   . VAL A 1 204 ? 4.418   -15.067 -0.864  1.00 17.65  ? 204 VAL A N   1 
ATOM   1440 C CA  . VAL A 1 204 ? 3.555   -16.053 -0.182  1.00 18.20  ? 204 VAL A CA  1 
ATOM   1441 C C   . VAL A 1 204 ? 4.411   -17.214 0.332   1.00 17.50  ? 204 VAL A C   1 
ATOM   1442 O O   . VAL A 1 204 ? 4.254   -17.660 1.469   1.00 17.43  ? 204 VAL A O   1 
ATOM   1443 C CB  . VAL A 1 204 ? 2.467   -16.561 -1.122  1.00 19.18  ? 204 VAL A CB  1 
ATOM   1444 C CG1 . VAL A 1 204 ? 1.812   -17.740 -0.486  1.00 21.53  ? 204 VAL A CG1 1 
ATOM   1445 C CG2 . VAL A 1 204 ? 1.504   -15.436 -1.464  1.00 19.93  ? 204 VAL A CG2 1 
ATOM   1446 N N   . HIS A 1 205 ? 5.397   -17.655 -0.428  1.00 16.93  ? 205 HIS A N   1 
ATOM   1447 C CA  . HIS A 1 205 ? 6.295   -18.730 -0.008  1.00 17.37  ? 205 HIS A CA  1 
ATOM   1448 C C   . HIS A 1 205 ? 6.989   -18.360 1.303   1.00 16.20  ? 205 HIS A C   1 
ATOM   1449 O O   . HIS A 1 205 ? 7.036   -19.194 2.215   1.00 17.61  ? 205 HIS A O   1 
ATOM   1450 C CB  . HIS A 1 205 ? 7.316   -19.041 -1.081  1.00 17.98  ? 205 HIS A CB  1 
ATOM   1451 C CG  . HIS A 1 205 ? 8.399   -19.949 -0.596  1.00 18.56  ? 205 HIS A CG  1 
ATOM   1452 N ND1 . HIS A 1 205 ? 8.254   -21.323 -0.626  1.00 20.88  ? 205 HIS A ND1 1 
ATOM   1453 C CD2 . HIS A 1 205 ? 9.605   -19.702 -0.035  1.00 18.18  ? 205 HIS A CD2 1 
ATOM   1454 C CE1 . HIS A 1 205 ? 9.342   -21.891 -0.133  1.00 22.51  ? 205 HIS A CE1 1 
ATOM   1455 N NE2 . HIS A 1 205 ? 10.188  -20.922 0.262   1.00 18.95  ? 205 HIS A NE2 1 
ATOM   1456 N N   . ILE A 1 206 ? 7.542   -17.160 1.338   1.00 16.57  ? 206 ILE A N   1 
ATOM   1457 C CA  . ILE A 1 206 ? 8.303   -16.708 2.508   1.00 16.39  ? 206 ILE A CA  1 
ATOM   1458 C C   . ILE A 1 206 ? 7.357   -16.571 3.708   1.00 17.03  ? 206 ILE A C   1 
ATOM   1459 O O   . ILE A 1 206 ? 7.761   -16.946 4.818   1.00 16.58  ? 206 ILE A O   1 
ATOM   1460 C CB  . ILE A 1 206 ? 9.117   -15.450 2.175   1.00 16.87  ? 206 ILE A CB  1 
ATOM   1461 C CG1 . ILE A 1 206 ? 10.146  -15.747 1.078   1.00 17.52  ? 206 ILE A CG1 1 
ATOM   1462 C CG2 . ILE A 1 206 ? 9.798   -14.892 3.401   1.00 18.96  ? 206 ILE A CG2 1 
ATOM   1463 C CD1 . ILE A 1 206 ? 10.722  -14.468 0.515   1.00 18.38  ? 206 ILE A CD1 1 
ATOM   1464 N N   . TRP A 1 207 ? 6.190   -15.978 3.541   1.00 17.22  ? 207 TRP A N   1 
ATOM   1465 C CA  . TRP A 1 207 ? 5.198   -15.868 4.649   1.00 18.48  ? 207 TRP A CA  1 
ATOM   1466 C C   . TRP A 1 207 ? 4.826   -17.262 5.158   1.00 19.03  ? 207 TRP A C   1 
ATOM   1467 O O   . TRP A 1 207 ? 4.946   -17.513 6.386   1.00 17.96  ? 207 TRP A O   1 
ATOM   1468 C CB  . TRP A 1 207 ? 3.946   -15.130 4.217   1.00 16.63  ? 207 TRP A CB  1 
ATOM   1469 C CG  . TRP A 1 207 ? 4.083   -13.648 4.207   1.00 17.36  ? 207 TRP A CG  1 
ATOM   1470 C CD1 . TRP A 1 207 ? 5.008   -12.898 3.522   1.00 17.69  ? 207 TRP A CD1 1 
ATOM   1471 C CD2 . TRP A 1 207 ? 3.231   -12.716 4.872   1.00 19.01  ? 207 TRP A CD2 1 
ATOM   1472 N NE1 . TRP A 1 207 ? 4.796   -11.564 3.724   1.00 18.64  ? 207 TRP A NE1 1 
ATOM   1473 C CE2 . TRP A 1 207 ? 3.715   -11.423 4.578   1.00 18.19  ? 207 TRP A CE2 1 
ATOM   1474 C CE3 . TRP A 1 207 ? 2.150   -12.850 5.755   1.00 19.40  ? 207 TRP A CE3 1 
ATOM   1475 C CZ2 . TRP A 1 207 ? 3.136   -10.251 5.104   1.00 19.58  ? 207 TRP A CZ2 1 
ATOM   1476 C CZ3 . TRP A 1 207 ? 1.561   -11.704 6.222   1.00 20.27  ? 207 TRP A CZ3 1 
ATOM   1477 C CH2 . TRP A 1 207 ? 2.068   -10.432 5.958   1.00 19.16  ? 207 TRP A CH2 1 
ATOM   1478 N N   . VAL A 1 208 ? 4.425   -18.169 4.275   1.00 18.90  ? 208 VAL A N   1 
ATOM   1479 C CA  . VAL A 1 208 ? 3.922   -19.499 4.707   1.00 20.46  ? 208 VAL A CA  1 
ATOM   1480 C C   . VAL A 1 208 ? 5.047   -20.322 5.352   1.00 19.47  ? 208 VAL A C   1 
ATOM   1481 O O   . VAL A 1 208 ? 4.818   -20.934 6.421   1.00 19.40  ? 208 VAL A O   1 
ATOM   1482 C CB  . VAL A 1 208 ? 3.245   -20.267 3.550   1.00 23.19  ? 208 VAL A CB  1 
ATOM   1483 C CG1 . VAL A 1 208 ? 2.981   -21.709 3.913   1.00 32.15  ? 208 VAL A CG1 1 
ATOM   1484 C CG2 . VAL A 1 208 ? 1.987   -19.548 3.168   1.00 25.30  ? 208 VAL A CG2 1 
ATOM   1485 N N   . THR A 1 209 ? 6.242   -20.346 4.789   1.00 18.80  ? 209 THR A N   1 
ATOM   1486 C CA  . THR A 1 209 ? 7.325   -21.152 5.404   1.00 18.49  ? 209 THR A CA  1 
ATOM   1487 C C   . THR A 1 209 ? 7.696   -20.546 6.764   1.00 19.95  ? 209 THR A C   1 
ATOM   1488 O O   . THR A 1 209 ? 7.971   -21.325 7.710   1.00 21.32  ? 209 THR A O   1 
ATOM   1489 C CB  . THR A 1 209 ? 8.521   -21.301 4.482   1.00 22.04  ? 209 THR A CB  1 
ATOM   1490 O OG1 . THR A 1 209 ? 8.974   -19.993 4.110   1.00 19.71  ? 209 THR A OG1 1 
ATOM   1491 C CG2 . THR A 1 209 ? 8.220   -22.177 3.287   1.00 22.14  ? 209 THR A CG2 1 
ATOM   1492 N N   . SER A 1 210 ? 7.713   -19.211 6.902   1.00 16.75  ? 210 SER A N   1 
ATOM   1493 C CA  . SER A 1 210 ? 8.205   -18.582 8.136   1.00 18.71  ? 210 SER A CA  1 
ATOM   1494 C C   . SER A 1 210 ? 7.136   -18.667 9.214   1.00 18.16  ? 210 SER A C   1 
ATOM   1495 O O   . SER A 1 210 ? 7.496   -18.764 10.404  1.00 19.64  ? 210 SER A O   1 
ATOM   1496 C CB  . SER A 1 210 ? 8.731   -17.205 7.905   1.00 19.60  ? 210 SER A CB  1 
ATOM   1497 O OG  . SER A 1 210 ? 7.685   -16.335 7.683   1.00 20.62  ? 210 SER A OG  1 
ATOM   1498 N N   . ILE A 1 211 ? 5.869   -18.709 8.852   1.00 17.83  ? 211 ILE A N   1 
ATOM   1499 C CA  . ILE A 1 211 ? 4.795   -18.762 9.877   1.00 18.77  ? 211 ILE A CA  1 
ATOM   1500 C C   . ILE A 1 211 ? 4.618   -20.232 10.329  1.00 21.86  ? 211 ILE A C   1 
ATOM   1501 O O   . ILE A 1 211 ? 4.333   -20.449 11.522  1.00 21.03  ? 211 ILE A O   1 
ATOM   1502 C CB  . ILE A 1 211 ? 3.524   -18.114 9.315   1.00 20.32  ? 211 ILE A CB  1 
ATOM   1503 C CG1 . ILE A 1 211 ? 3.728   -16.608 9.177   1.00 17.86  ? 211 ILE A CG1 1 
ATOM   1504 C CG2 . ILE A 1 211 ? 2.324   -18.485 10.164  1.00 20.31  ? 211 ILE A CG2 1 
ATOM   1505 C CD1 . ILE A 1 211 ? 2.651   -15.935 8.351   1.00 20.41  ? 211 ILE A CD1 1 
ATOM   1506 N N   . TYR A 1 212 ? 4.712   -21.199 9.419   1.00 19.06  ? 212 TYR A N   1 
ATOM   1507 C CA  . TYR A 1 212 ? 4.310   -22.607 9.712   1.00 21.48  ? 212 TYR A CA  1 
ATOM   1508 C C   . TYR A 1 212 ? 5.527   -23.475 9.974   1.00 23.70  ? 212 TYR A C   1 
ATOM   1509 O O   . TYR A 1 212 ? 5.332   -24.604 10.469  1.00 25.85  ? 212 TYR A O   1 
ATOM   1510 C CB  . TYR A 1 212 ? 3.379   -23.135 8.611   1.00 21.34  ? 212 TYR A CB  1 
ATOM   1511 C CG  . TYR A 1 212 ? 2.067   -22.421 8.600   1.00 22.44  ? 212 TYR A CG  1 
ATOM   1512 C CD1 . TYR A 1 212 ? 1.070   -22.652 9.526   1.00 23.18  ? 212 TYR A CD1 1 
ATOM   1513 C CD2 . TYR A 1 212 ? 1.823   -21.432 7.658   1.00 23.01  ? 212 TYR A CD2 1 
ATOM   1514 C CE1 . TYR A 1 212 ? -0.089  -21.899 9.556   1.00 21.66  ? 212 TYR A CE1 1 
ATOM   1515 C CE2 . TYR A 1 212 ? 0.654   -20.714 7.640   1.00 23.69  ? 212 TYR A CE2 1 
ATOM   1516 C CZ  . TYR A 1 212 ? -0.327  -20.953 8.576   1.00 25.06  ? 212 TYR A CZ  1 
ATOM   1517 O OH  . TYR A 1 212 ? -1.429  -20.164 8.543   1.00 24.47  ? 212 TYR A OH  1 
ATOM   1518 N N   . GLY A 1 213 ? 6.719   -22.977 9.648   1.00 23.49  ? 213 GLY A N   1 
ATOM   1519 C CA  . GLY A 1 213 ? 8.001   -23.698 9.674   1.00 26.65  ? 213 GLY A CA  1 
ATOM   1520 C C   . GLY A 1 213 ? 8.491   -23.856 11.100  1.00 30.46  ? 213 GLY A C   1 
ATOM   1521 O O   . GLY A 1 213 ? 8.484   -22.880 11.856  1.00 29.11  ? 213 GLY A O   1 
ATOM   1522 N N   . GLU A 1 214 ? 8.888   -25.075 11.468  1.00 37.17  ? 214 GLU A N   1 
ATOM   1523 C CA  . GLU A 1 214 ? 9.317   -25.401 12.861  1.00 44.14  ? 214 GLU A CA  1 
ATOM   1524 C C   . GLU A 1 214 ? 10.771  -24.987 13.031  1.00 50.35  ? 214 GLU A C   1 
ATOM   1525 O O   . GLU A 1 214 ? 11.483  -24.930 11.986  1.00 44.66  ? 214 GLU A O   1 
ATOM   1526 C CB  . GLU A 1 214 ? 9.028   -26.869 13.140  1.00 46.69  ? 214 GLU A CB  1 
ATOM   1527 C CG  . GLU A 1 214 ? 7.615   -27.199 12.722  1.00 54.52  ? 214 GLU A CG  1 
ATOM   1528 C CD  . GLU A 1 214 ? 6.877   -28.196 13.575  1.00 65.81  ? 214 GLU A CD  1 
ATOM   1529 O OE1 . GLU A 1 214 ? 7.503   -29.206 13.962  1.00 82.82  ? 214 GLU A OE1 1 
ATOM   1530 O OE2 . GLU A 1 214 ? 5.670   -27.964 13.819  1.00 73.56  ? 214 GLU A OE2 1 
ATOM   1531 N N   . ASN A 1 215 ? 11.128  -24.664 14.291  1.00 57.55  ? 215 ASN A N   1 
ATOM   1532 C CA  . ASN A 1 215 ? 12.473  -24.244 14.789  1.00 71.34  ? 215 ASN A CA  1 
ATOM   1533 C C   . ASN A 1 215 ? 12.541  -22.717 14.827  1.00 62.58  ? 215 ASN A C   1 
ATOM   1534 O O   . ASN A 1 215 ? 13.135  -22.212 15.768  1.00 66.05  ? 215 ASN A O   1 
ATOM   1535 C CB  . ASN A 1 215 ? 13.651  -24.794 13.971  1.00 75.67  ? 215 ASN A CB  1 
ATOM   1536 C CG  . ASN A 1 215 ? 13.772  -26.302 14.041  1.00 79.10  ? 215 ASN A CG  1 
ATOM   1537 O OD1 . ASN A 1 215 ? 13.108  -26.953 14.845  1.00 85.03  ? 215 ASN A OD1 1 
ATOM   1538 N ND2 . ASN A 1 215 ? 14.617  -26.865 13.195  1.00 76.72  ? 215 ASN A ND2 1 
HETATM 1539 N N1  A JPH B 2 .   ? -8.719  -15.670 9.514   0.50 39.19  ? 301 JPH A N1  1 
HETATM 1540 N N1  B JPH B 2 .   ? -9.049  -13.574 12.335  0.50 66.91  ? 301 JPH A N1  1 
HETATM 1541 N N3  A JPH B 2 .   ? -9.749  -13.608 10.283  0.50 34.86  ? 301 JPH A N3  1 
HETATM 1542 N N3  B JPH B 2 .   ? -9.028  -15.592 11.072  0.50 70.34  ? 301 JPH A N3  1 
HETATM 1543 C C4  A JPH B 2 .   ? -9.315  -13.861 11.537  0.50 38.36  ? 301 JPH A C4  1 
HETATM 1544 C C4  B JPH B 2 .   ? -9.006  -16.318 12.198  0.50 65.71  ? 301 JPH A C4  1 
HETATM 1545 C C5  A JPH B 2 .   ? -8.558  -15.015 11.848  0.50 38.06  ? 301 JPH A C5  1 
HETATM 1546 C C5  B JPH B 2 .   ? -8.996  -15.700 13.436  0.50 61.65  ? 301 JPH A C5  1 
HETATM 1547 C C6  A JPH B 2 .   ? -8.276  -15.923 10.827  0.50 36.92  ? 301 JPH A C6  1 
HETATM 1548 C C6  B JPH B 2 .   ? -9.014  -14.326 13.515  0.50 58.31  ? 301 JPH A C6  1 
HETATM 1549 C CAU A JPH B 2 .   ? -4.961  -10.327 6.016   0.50 64.78  ? 301 JPH A CAU 1 
HETATM 1550 C CAU B JPH B 2 .   ? -5.631  -10.814 6.202   0.50 116.00 ? 301 JPH A CAU 1 
HETATM 1551 C CAT A JPH B 2 .   ? -3.638  -9.908  5.755   0.50 65.24  ? 301 JPH A CAT 1 
HETATM 1552 C CAT B JPH B 2 .   ? -4.411  -10.173 5.924   0.50 127.42 ? 301 JPH A CAT 1 
HETATM 1553 O OAV A JPH B 2 .   ? -3.216  -8.611  5.957   0.50 69.91  ? 301 JPH A OAV 1 
HETATM 1554 O OAV B JPH B 2 .   ? -4.268  -8.815  6.042   0.50 141.65 ? 301 JPH A OAV 1 
HETATM 1555 C CAW A JPH B 2 .   ? -1.790  -8.331  5.864   0.50 63.95  ? 301 JPH A CAW 1 
HETATM 1556 C CAW B JPH B 2 .   ? -2.902  -8.410  6.304   0.50 139.83 ? 301 JPH A CAW 1 
HETATM 1557 C CAX A JPH B 2 .   ? -1.247  -9.052  4.681   0.50 58.94  ? 301 JPH A CAX 1 
HETATM 1558 C CAX B JPH B 2 .   ? -2.040  -8.925  5.186   0.50 133.21 ? 301 JPH A CAX 1 
HETATM 1559 O OAY A JPH B 2 .   ? -1.434  -10.430 4.978   0.50 64.47  ? 301 JPH A OAY 1 
HETATM 1560 O OAY B JPH B 2 .   ? -2.094  -10.341 5.211   0.50 128.74 ? 301 JPH A OAY 1 
HETATM 1561 C CAS A JPH B 2 .   ? -2.716  -10.819 5.256   0.50 60.67  ? 301 JPH A CAS 1 
HETATM 1562 C CAS B JPH B 2 .   ? -3.308  -10.925 5.504   0.50 124.84 ? 301 JPH A CAS 1 
HETATM 1563 C CAR A JPH B 2 .   ? -3.122  -12.125 5.039   0.50 65.14  ? 301 JPH A CAR 1 
HETATM 1564 C CAR B JPH B 2 .   ? -3.451  -12.296 5.384   0.50 121.42 ? 301 JPH A CAR 1 
HETATM 1565 C CAQ A JPH B 2 .   ? -4.418  -12.548 5.310   0.50 60.33  ? 301 JPH A CAQ 1 
HETATM 1566 C CAQ B JPH B 2 .   ? -4.652  -12.930 5.668   0.50 113.33 ? 301 JPH A CAQ 1 
HETATM 1567 C CAP A JPH B 2 .   ? -5.344  -11.654 5.788   0.50 59.40  ? 301 JPH A CAP 1 
HETATM 1568 C CAP B JPH B 2 .   ? -5.757  -12.202 6.070   0.50 107.43 ? 301 JPH A CAP 1 
HETATM 1569 C CAM A JPH B 2 .   ? -6.562  -12.116 6.026   0.50 62.54  ? 301 JPH A CAM 1 
HETATM 1570 C CAM B JPH B 2 .   ? -6.856  -12.917 6.349   0.50 99.90  ? 301 JPH A CAM 1 
HETATM 1571 C CAL A JPH B 2 .   ? -6.828  -13.373 6.386   0.50 59.94  ? 301 JPH A CAL 1 
HETATM 1572 C CAL B JPH B 2 .   ? -7.237  -13.208 7.596   0.50 90.76  ? 301 JPH A CAL 1 
HETATM 1573 N NAN A JPH B 2 .   ? -7.681  -11.408 5.957   0.50 67.88  ? 301 JPH A NAN 1 
HETATM 1574 N NAN B JPH B 2 .   ? -7.672  -13.512 5.482   0.50 92.93  ? 301 JPH A NAN 1 
HETATM 1575 N NAO A JPH B 2 .   ? -8.666  -12.270 6.283   0.50 62.52  ? 301 JPH A NAO 1 
HETATM 1576 N NAO B JPH B 2 .   ? -8.604  -14.158 6.222   0.50 88.94  ? 301 JPH A NAO 1 
HETATM 1577 N NAK A JPH B 2 .   ? -8.142  -13.470 6.562   0.50 54.59  ? 301 JPH A NAK 1 
HETATM 1578 N NAK B JPH B 2 .   ? -8.336  -13.962 7.539   0.50 90.23  ? 301 JPH A NAK 1 
HETATM 1579 C CAJ A JPH B 2 .   ? -8.876  -14.647 6.944   0.50 47.18  ? 301 JPH A CAJ 1 
HETATM 1580 C CAJ B JPH B 2 .   ? -9.098  -14.525 8.699   0.50 87.99  ? 301 JPH A CAJ 1 
HETATM 1581 C CAI A JPH B 2 .   ? -9.953  -14.248 7.942   0.50 44.54  ? 301 JPH A CAI 1 
HETATM 1582 C CAI B JPH B 2 .   ? -9.054  -13.539 9.862   0.50 78.22  ? 301 JPH A CAI 1 
HETATM 1583 C C2  A JPH B 2 .   ? -9.477  -14.480 9.265   0.50 43.44  ? 301 JPH A C2  1 
HETATM 1584 C C2  B JPH B 2 .   ? -9.064  -14.249 11.085  0.50 72.65  ? 301 JPH A C2  1 
HETATM 1585 C CAA A JPH B 2 .   ? -9.586  -12.950 12.549  0.50 36.58  ? 301 JPH A CAA 1 
HETATM 1586 C CAA B JPH B 2 .   ? -8.995  -17.707 12.114  0.50 67.26  ? 301 JPH A CAA 1 
HETATM 1587 O O6  A JPH B 2 .   ? -7.643  -16.946 11.069  0.50 36.75  ? 301 JPH A O6  1 
HETATM 1588 O O6  B JPH B 2 .   ? -9.010  -13.795 14.619  0.50 53.26  ? 301 JPH A O6  1 
HETATM 1589 O O   . HOH C 3 .   ? -6.592  9.761   -13.151 1.00 53.18  ? 401 HOH A O   1 
HETATM 1590 O O   . HOH C 3 .   ? -1.304  -25.707 9.325   1.00 42.66  ? 402 HOH A O   1 
HETATM 1591 O O   . HOH C 3 .   ? 11.683  -12.135 16.736  1.00 29.38  ? 403 HOH A O   1 
HETATM 1592 O O   . HOH C 3 .   ? 0.787   -24.028 18.057  1.00 40.63  ? 404 HOH A O   1 
HETATM 1593 O O   . HOH C 3 .   ? -2.032  -7.977  17.027  1.00 29.50  ? 405 HOH A O   1 
HETATM 1594 O O   . HOH C 3 .   ? 0.926   -10.739 18.925  1.00 38.58  ? 406 HOH A O   1 
HETATM 1595 O O   . HOH C 3 .   ? 8.801   -6.840  20.170  0.50 24.61  ? 407 HOH A O   1 
HETATM 1596 O O   . HOH C 3 .   ? 15.930  -2.449  -5.182  1.00 28.99  ? 408 HOH A O   1 
HETATM 1597 O O   . HOH C 3 .   ? -3.019  -23.110 -1.800  1.00 42.96  ? 409 HOH A O   1 
HETATM 1598 O O   . HOH C 3 .   ? -6.736  8.045   6.688   1.00 41.91  ? 410 HOH A O   1 
HETATM 1599 O O   . HOH C 3 .   ? 7.007   16.962  0.538   1.00 43.98  ? 411 HOH A O   1 
HETATM 1600 O O   . HOH C 3 .   ? 7.541   -20.514 12.622  1.00 24.50  ? 412 HOH A O   1 
HETATM 1601 O O   . HOH C 3 .   ? 11.445  -25.090 9.362   1.00 57.92  ? 413 HOH A O   1 
HETATM 1602 O O   . HOH C 3 .   ? 7.140   1.192   6.946   1.00 35.12  ? 414 HOH A O   1 
HETATM 1603 O O   . HOH C 3 .   ? 6.233   6.207   7.254   1.00 36.92  ? 415 HOH A O   1 
HETATM 1604 O O   . HOH C 3 .   ? -2.329  2.176   13.423  1.00 30.84  ? 416 HOH A O   1 
HETATM 1605 O O   . HOH C 3 .   ? -3.512  -10.859 -8.632  1.00 27.14  ? 417 HOH A O   1 
HETATM 1606 O O   . HOH C 3 .   ? -11.492 -1.217  -1.126  1.00 36.53  ? 418 HOH A O   1 
HETATM 1607 O O   . HOH C 3 .   ? -0.941  11.896  8.133   1.00 43.20  ? 419 HOH A O   1 
HETATM 1608 O O   . HOH C 3 .   ? -1.720  -24.535 2.317   1.00 44.34  ? 420 HOH A O   1 
HETATM 1609 O O   . HOH C 3 .   ? -10.390 5.112   -0.650  1.00 40.96  ? 421 HOH A O   1 
HETATM 1610 O O   . HOH C 3 .   ? 2.565   15.078  0.002   1.00 39.06  ? 422 HOH A O   1 
HETATM 1611 O O   . HOH C 3 .   ? -1.412  5.838   -9.464  1.00 32.14  ? 423 HOH A O   1 
HETATM 1612 O O   . HOH C 3 .   ? 4.420   -19.387 13.989  1.00 22.71  ? 424 HOH A O   1 
HETATM 1613 O O   . HOH C 3 .   ? 3.419   -26.341 11.245  1.00 46.44  ? 425 HOH A O   1 
HETATM 1614 O O   . HOH C 3 .   ? 4.956   -24.746 19.253  1.00 38.49  ? 426 HOH A O   1 
HETATM 1615 O O   . HOH C 3 .   ? -5.120  -13.689 17.952  1.00 40.66  ? 427 HOH A O   1 
HETATM 1616 O O   . HOH C 3 .   ? 6.565   12.531  -4.403  1.00 38.02  ? 428 HOH A O   1 
HETATM 1617 O O   . HOH C 3 .   ? 1.765   -14.019 -11.970 1.00 38.80  ? 429 HOH A O   1 
HETATM 1618 O O   . HOH C 3 .   ? -4.966  -3.999  13.323  1.00 35.59  ? 430 HOH A O   1 
HETATM 1619 O O   . HOH C 3 .   ? 8.230   -21.848 22.015  1.00 48.04  ? 431 HOH A O   1 
HETATM 1620 O O   . HOH C 3 .   ? 2.998   -11.801 -8.895  1.00 19.62  ? 432 HOH A O   1 
HETATM 1621 O O   . HOH C 3 .   ? 11.045  -6.750  -5.869  1.00 26.69  ? 433 HOH A O   1 
HETATM 1622 O O   . HOH C 3 .   ? -8.811  -16.910 0.694   1.00 41.70  ? 434 HOH A O   1 
HETATM 1623 O O   . HOH C 3 .   ? 5.744   -22.521 -0.672  1.00 52.48  ? 435 HOH A O   1 
HETATM 1624 O O   . HOH C 3 .   ? 7.042   1.571   -6.629  1.00 39.79  ? 436 HOH A O   1 
HETATM 1625 O O   . HOH C 3 .   ? 4.171   -19.413 -3.545  1.00 23.62  ? 437 HOH A O   1 
HETATM 1626 O O   . HOH C 3 .   ? 12.991  -19.442 15.400  1.00 39.29  ? 438 HOH A O   1 
HETATM 1627 O O   . HOH C 3 .   ? 6.323   -3.078  14.513  1.00 27.79  ? 439 HOH A O   1 
HETATM 1628 O O   . HOH C 3 .   ? -1.131  -16.481 -7.288  1.00 39.68  ? 440 HOH A O   1 
HETATM 1629 O O   . HOH C 3 .   ? 1.570   -2.874  15.173  1.00 22.32  ? 441 HOH A O   1 
HETATM 1630 O O   . HOH C 3 .   ? 9.139   -25.299 16.186  1.00 44.48  ? 442 HOH A O   1 
HETATM 1631 O O   . HOH C 3 .   ? 9.220   15.109  -7.061  1.00 51.52  ? 443 HOH A O   1 
HETATM 1632 O O   . HOH C 3 .   ? -0.878  -17.323 20.253  1.00 49.24  ? 444 HOH A O   1 
HETATM 1633 O O   . HOH C 3 .   ? 2.303   23.548  -4.865  1.00 55.20  ? 445 HOH A O   1 
HETATM 1634 O O   . HOH C 3 .   ? -0.371  4.623   -12.006 1.00 40.32  ? 446 HOH A O   1 
HETATM 1635 O O   . HOH C 3 .   ? 3.640   -14.540 -8.501  1.00 22.84  ? 447 HOH A O   1 
HETATM 1636 O O   . HOH C 3 .   ? 7.580   -5.828  17.785  1.00 35.62  ? 448 HOH A O   1 
HETATM 1637 O O   . HOH C 3 .   ? 4.240   -14.192 20.142  1.00 29.79  ? 449 HOH A O   1 
HETATM 1638 O O   . HOH C 3 .   ? -11.850 28.577  -11.787 1.00 34.20  ? 450 HOH A O   1 
HETATM 1639 O O   . HOH C 3 .   ? 1.094   -24.471 3.365   1.00 53.00  ? 451 HOH A O   1 
HETATM 1640 O O   . HOH C 3 .   ? -0.720  1.662   -11.945 1.00 34.05  ? 452 HOH A O   1 
HETATM 1641 O O   . HOH C 3 .   ? 1.755   26.551  -2.279  1.00 52.87  ? 453 HOH A O   1 
HETATM 1642 O O   . HOH C 3 .   ? 3.380   -17.824 20.697  1.00 45.74  ? 454 HOH A O   1 
HETATM 1643 O O   . HOH C 3 .   ? 3.731   -20.820 -1.337  1.00 36.22  ? 455 HOH A O   1 
HETATM 1644 O O   . HOH C 3 .   ? 5.122   -10.428 19.684  1.00 33.06  ? 456 HOH A O   1 
HETATM 1645 O O   . HOH C 3 .   ? 2.864   -3.814  -14.736 1.00 52.70  ? 457 HOH A O   1 
HETATM 1646 O O   . HOH C 3 .   ? -5.053  30.688  -13.585 1.00 44.14  ? 458 HOH A O   1 
HETATM 1647 O O   . HOH C 3 .   ? -7.305  -10.908 -3.156  1.00 28.94  ? 459 HOH A O   1 
HETATM 1648 O O   . HOH C 3 .   ? -2.767  -20.470 -2.862  1.00 50.39  ? 460 HOH A O   1 
HETATM 1649 O O   . HOH C 3 .   ? 8.457   -27.401 9.643   1.00 42.99  ? 461 HOH A O   1 
HETATM 1650 O O   . HOH C 3 .   ? 7.165   12.439  -7.070  1.00 45.81  ? 462 HOH A O   1 
HETATM 1651 O O   . HOH C 3 .   ? -16.699 21.482  -5.584  1.00 59.20  ? 463 HOH A O   1 
HETATM 1652 O O   . HOH C 3 .   ? 8.109   -7.126  -14.091 1.00 49.22  ? 464 HOH A O   1 
HETATM 1653 O O   . HOH C 3 .   ? 16.717  -7.311  -10.668 1.00 46.97  ? 465 HOH A O   1 
HETATM 1654 O O   . HOH C 3 .   ? 17.156  0.739   -9.626  1.00 48.15  ? 466 HOH A O   1 
HETATM 1655 O O   . HOH C 3 .   ? 6.661   -9.243  -14.750 1.00 26.89  ? 467 HOH A O   1 
HETATM 1656 O O   . HOH C 3 .   ? 7.168   17.655  6.610   1.00 50.35  ? 468 HOH A O   1 
HETATM 1657 O O   . HOH C 3 .   ? 6.308   -18.014 20.554  1.00 37.92  ? 469 HOH A O   1 
HETATM 1658 O O   . HOH C 3 .   ? -12.217 -22.070 2.214   1.00 48.34  ? 470 HOH A O   1 
HETATM 1659 O O   . HOH C 3 .   ? -5.251  -18.293 -5.744  1.00 45.98  ? 471 HOH A O   1 
HETATM 1660 O O   . HOH C 3 .   ? -2.459  -0.536  14.832  1.00 41.89  ? 472 HOH A O   1 
HETATM 1661 O O   . HOH C 3 .   ? -9.080  33.413  -13.056 1.00 33.52  ? 473 HOH A O   1 
HETATM 1662 O O   . HOH C 3 .   ? 7.349   10.209  -8.300  1.00 41.62  ? 474 HOH A O   1 
HETATM 1663 O O   . HOH C 3 .   ? -3.958  -6.461  17.584  1.00 39.80  ? 475 HOH A O   1 
HETATM 1664 O O   . HOH C 3 .   ? 4.014   -1.713  14.622  1.00 32.04  ? 476 HOH A O   1 
HETATM 1665 O O   . HOH C 3 .   ? 6.125   -15.650 21.428  1.00 39.34  ? 477 HOH A O   1 
HETATM 1666 O O   . HOH C 3 .   ? -2.564  -18.522 -7.434  1.00 37.64  ? 478 HOH A O   1 
HETATM 1667 O O   . HOH C 3 .   ? 5.287   15.692  -1.050  1.00 45.76  ? 479 HOH A O   1 
HETATM 1668 O O   . HOH C 3 .   ? 0.723   -12.116 -10.116 1.00 39.24  ? 480 HOH A O   1 
# 
